data_4R04
#
_entry.id   4R04
#
_cell.length_a   303.490
_cell.length_b   124.540
_cell.length_c   75.950
_cell.angle_alpha   90.00
_cell.angle_beta   97.50
_cell.angle_gamma   90.00
#
_symmetry.space_group_name_H-M   'C 1 2 1'
#
loop_
_entity.id
_entity.type
_entity.pdbx_description
1 polymer 'Toxin A'
2 non-polymer 'ZINC ION'
#
_entity_poly.entity_id   1
_entity_poly.type   'polypeptide(L)'
_entity_poly.pdbx_seq_one_letter_code
;MSLISKEELIKLAYSIRPRENEYKTILTNLDEYNKLTTNNNENKYLQLKKLNESIDVFMNKYKTSSRNRALSNLKKDILK
EVILIKNSNTSPVEKNLHFVWIGGEVSDIALEYIKQWADINAEYNIKLWYDSEAFLVNTLKKAIVESSTTEALQLLEEEI
QNPQFDNMKFYKKRMEFIYDRQKRFINYYKSQINKPTVPTIDDIIKSHLVSEYNRDETVLESYRTNSLRKINSNHGIDIR
ANSLFTEQELLNIYSQELLNRGNLAAASDIVRLLALKNFGGVYLDVDMLPGIHSDLFKTISRPSSIGLDRWEMIKLEAIM
KYKKYINNYTSENFDKLDQQLKDNFKLIIESKSEKSEIFSKLENLNVSDLEIKIAFALGSVINQALISKQGSYLTNLVIE
QVKNRYQFLNQHLNPAIESDNNFTDTTKIFHDSLFNSATAENSMFLTKIAPYLQVGFMPEARSTISLSGPGAYASAYYDF
INLQENTIEKTLKASDLIEFKFPENNLSQLTEQEINSLWSFDQASAKYQFEKYVRDYTGGSLSEDNGVDFNKNTALDKNY
LLNNKIPSNNVEEAGSKNYVHYIIQLQGDDISYEATCNLFSKNPKNSIIIQRNMNESAKSYFLSDDGESILELNKYRIPE
RLKNKEKVKVTFIGHGKDEFNTSEFARLSVDSLSNEISSFLDTIKLDISPKNVEVNLLGCNMFSYDFNVEETYPGKLLLS
IMDKITSTLPDVNKNSITIGANQYEVRINSEGRKELLAHSGKWINKEEAIMSDLSSKEYIFFDSIDNKLKAKSKNIPGLA
SISEDIKTLLLDASVSPDTKFILNNLKLNIESSIGDYIYYEKLEPVKNIIHNSIDDLIDEFNLLENVSDELYELKKLNNL
DEKYLISFEDISKNNSTYSVRFINKSNGESVYVETEKEIFSKYSEHITKEISTIKNSIITDVNGNLLDNIQLDHTSQVNT
LNAAFFIQSLIDYSSNKDVLNDLSTSVKVQLYAQLFSTGLNTIYDSIQLVNLISNAVNDTINVLPTITEGIPIVSTILDG
INLGAAIKELLDEHDPLLKKELEAKVGVLAINMSLSIAATVASIVGIGAEVTIFLLPIAGISAGIPSLVNNELILHDKAT
SVVNYFNHLSESKKYGPLKTEDDKILVPIDDLVISEIDFNNNSIKLGTCNILAMEGGSGHTVTGNIDHFFSSPSISSHIP
SLSIYSAIGIETENLDFSKKIMMLPNAPSRVFWWETGAVPGLRSLENDGTRLLDSIRDLYPGKFYWRFYAFFDYAITTLK
PVYEDTNIKIKLDKDTRNFIMPTITTNEIRNKLSYSFDGAGGTYSLLLSSYPISTNINLSKDDLWIFNIDNEVREISIEN
GTIKKGKLIKDVLSKIDINKNKLIIGNQTIDFSGDIDNKDRYIFLTCELDDKISLIIEINLVAKSYSLLLSGDKNYLISN
LSNTIEKINTLGLDSKNIAYNYTDESNNKYFGAISKTSQKSIIHYKKDSKNILEFYNDSTLEFNSKDFIAEDINVFMKDD
INTITGKYYVDNNTDKSIDFSISLVSKNQVKVNGLYLNESVYSSYLDFVKNSDGHHNTSNFMNLFLDNISFWKLFGFENI
NFVIDKYFTLVGKTNLGYVEFICDNNKNIDIYFGEWKTSSSKSTIFSGNGRNVVVEPIYNPDTGEDISTSLDFSYEPLYG
IDRYINKVLIAPDLYTSLININTNYYSNEYYPEIIVLNPNTFHKKVNINLDSSSFEYKWSTEGSDFILVRYLEESNKKIL
QKIRIKGILSNTQSFNKMSIDFKDIKKLSLGYIMSNFKSFNSENELDRDHLGFKIIDNKTYYYDEDSKLVKGHHHHHH
;
_entity_poly.pdbx_strand_id   A
#
# COMPACT_ATOMS: atom_id res chain seq x y z
N ILE A 4 16.36 -22.29 -15.16
CA ILE A 4 16.40 -23.71 -15.49
C ILE A 4 14.98 -24.20 -15.82
N SER A 5 14.03 -23.26 -15.85
CA SER A 5 12.66 -23.57 -16.23
C SER A 5 12.59 -24.12 -17.64
N LYS A 6 12.10 -25.35 -17.77
CA LYS A 6 12.04 -26.01 -19.08
C LYS A 6 10.67 -25.85 -19.72
N GLU A 7 9.79 -26.80 -19.43
CA GLU A 7 8.42 -26.75 -19.94
C GLU A 7 7.55 -25.85 -19.08
N GLU A 8 8.12 -25.35 -17.99
CA GLU A 8 7.36 -24.57 -17.02
C GLU A 8 7.03 -23.17 -17.55
N LEU A 9 8.01 -22.50 -18.14
CA LEU A 9 7.85 -21.12 -18.60
C LEU A 9 6.65 -20.94 -19.51
N ILE A 10 6.52 -21.80 -20.51
CA ILE A 10 5.34 -21.78 -21.36
C ILE A 10 4.17 -22.22 -20.48
N LYS A 11 3.01 -21.59 -20.70
CA LYS A 11 1.81 -21.74 -19.86
C LYS A 11 1.95 -20.99 -18.53
N LEU A 12 3.18 -20.57 -18.19
CA LEU A 12 3.42 -19.75 -17.01
C LEU A 12 3.40 -18.28 -17.40
N ALA A 13 3.51 -18.04 -18.71
CA ALA A 13 3.51 -16.69 -19.26
C ALA A 13 2.58 -16.62 -20.45
N TYR A 14 1.28 -16.58 -20.19
CA TYR A 14 0.29 -16.58 -21.27
C TYR A 14 -0.24 -15.18 -21.61
N SER A 15 -0.56 -14.99 -22.89
CA SER A 15 -1.25 -13.80 -23.36
C SER A 15 -2.36 -14.23 -24.31
N ILE A 16 -3.46 -13.48 -24.31
CA ILE A 16 -4.61 -13.82 -25.14
C ILE A 16 -4.23 -13.85 -26.63
N ARG A 17 -3.31 -12.97 -27.02
CA ARG A 17 -2.76 -12.98 -28.38
C ARG A 17 -2.16 -14.34 -28.72
N PRO A 18 -2.17 -14.71 -30.01
CA PRO A 18 -1.50 -15.95 -30.42
C PRO A 18 0.01 -15.86 -30.13
N ARG A 19 0.67 -17.00 -30.02
CA ARG A 19 2.08 -17.04 -29.65
C ARG A 19 2.93 -16.19 -30.57
N GLU A 20 3.64 -15.22 -30.00
CA GLU A 20 4.44 -14.27 -30.76
C GLU A 20 5.57 -14.96 -31.53
N ASN A 21 6.19 -14.22 -32.43
CA ASN A 21 7.30 -14.75 -33.21
C ASN A 21 8.60 -14.74 -32.43
N GLU A 22 8.88 -13.61 -31.78
CA GLU A 22 10.09 -13.45 -30.98
C GLU A 22 10.02 -14.28 -29.70
N TYR A 23 8.80 -14.55 -29.23
CA TYR A 23 8.61 -15.38 -28.06
C TYR A 23 8.89 -16.83 -28.39
N LYS A 24 8.66 -17.21 -29.63
CA LYS A 24 9.01 -18.54 -30.11
C LYS A 24 10.52 -18.72 -30.04
N THR A 25 11.24 -17.64 -30.36
CA THR A 25 12.70 -17.63 -30.32
C THR A 25 13.18 -17.86 -28.90
N ILE A 26 12.55 -17.18 -27.95
CA ILE A 26 12.88 -17.34 -26.54
C ILE A 26 12.72 -18.80 -26.11
N LEU A 27 11.57 -19.38 -26.45
CA LEU A 27 11.29 -20.77 -26.12
C LEU A 27 12.33 -21.71 -26.70
N THR A 28 12.73 -21.47 -27.95
CA THR A 28 13.76 -22.27 -28.60
C THR A 28 15.10 -22.14 -27.88
N ASN A 29 15.48 -20.91 -27.57
CA ASN A 29 16.72 -20.65 -26.85
C ASN A 29 16.68 -21.17 -25.42
N LEU A 30 15.52 -21.04 -24.78
CA LEU A 30 15.34 -21.53 -23.41
C LEU A 30 15.49 -23.05 -23.38
N ASP A 31 15.02 -23.71 -24.44
CA ASP A 31 15.10 -25.16 -24.53
C ASP A 31 16.54 -25.61 -24.80
N GLU A 32 17.20 -24.96 -25.76
CA GLU A 32 18.55 -25.34 -26.16
C GLU A 32 19.57 -25.19 -25.04
N TYR A 33 19.25 -24.37 -24.05
CA TYR A 33 20.12 -24.22 -22.88
C TYR A 33 19.91 -25.37 -21.92
N ASN A 34 18.72 -25.96 -21.96
CA ASN A 34 18.40 -27.08 -21.09
C ASN A 34 18.56 -28.43 -21.77
N LYS A 35 18.40 -28.44 -23.10
CA LYS A 35 18.49 -29.66 -23.88
C LYS A 35 19.88 -30.29 -23.81
N LEU A 36 20.90 -29.45 -23.81
CA LEU A 36 22.28 -29.94 -23.75
C LEU A 36 23.12 -29.04 -22.84
N THR A 37 23.47 -29.56 -21.67
CA THR A 37 24.23 -28.78 -20.69
C THR A 37 25.62 -29.39 -20.45
N THR A 38 26.24 -29.89 -21.51
CA THR A 38 27.55 -30.53 -21.37
C THR A 38 28.64 -29.53 -20.99
N ASN A 39 29.45 -29.92 -19.99
CA ASN A 39 30.56 -29.10 -19.51
C ASN A 39 31.58 -28.86 -20.62
N ASN A 40 32.37 -27.79 -20.54
CA ASN A 40 32.43 -26.90 -19.38
C ASN A 40 31.68 -25.58 -19.51
N ASN A 41 32.12 -24.60 -18.73
CA ASN A 41 31.31 -23.43 -18.38
C ASN A 41 31.16 -22.33 -19.43
N GLU A 42 32.20 -22.05 -20.19
CA GLU A 42 32.20 -20.91 -21.10
C GLU A 42 31.07 -21.00 -22.13
N ASN A 43 30.80 -22.21 -22.61
CA ASN A 43 29.69 -22.42 -23.52
C ASN A 43 28.35 -22.20 -22.84
N LYS A 44 28.25 -22.64 -21.58
CA LYS A 44 27.01 -22.50 -20.81
C LYS A 44 26.69 -21.03 -20.55
N TYR A 45 27.74 -20.23 -20.37
CA TYR A 45 27.56 -18.80 -20.14
C TYR A 45 27.00 -18.11 -21.38
N LEU A 46 27.62 -18.36 -22.53
CA LEU A 46 27.24 -17.70 -23.77
C LEU A 46 25.82 -18.04 -24.21
N GLN A 47 25.32 -19.21 -23.80
CA GLN A 47 24.00 -19.66 -24.24
C GLN A 47 22.88 -18.93 -23.53
N LEU A 48 22.96 -18.81 -22.21
CA LEU A 48 21.94 -18.07 -21.46
C LEU A 48 22.09 -16.58 -21.76
N LYS A 49 23.25 -16.21 -22.27
CA LYS A 49 23.46 -14.84 -22.76
C LYS A 49 22.63 -14.62 -24.01
N LYS A 50 22.51 -15.65 -24.84
CA LYS A 50 21.64 -15.61 -26.01
C LYS A 50 20.18 -15.51 -25.57
N LEU A 51 19.83 -16.31 -24.58
CA LEU A 51 18.47 -16.34 -24.05
C LEU A 51 18.09 -15.00 -23.42
N ASN A 52 19.00 -14.45 -22.62
CA ASN A 52 18.75 -13.18 -21.94
C ASN A 52 18.57 -12.05 -22.95
N GLU A 53 19.41 -12.05 -23.97
CA GLU A 53 19.28 -11.09 -25.06
C GLU A 53 17.96 -11.31 -25.80
N SER A 54 17.60 -12.59 -25.97
CA SER A 54 16.37 -12.94 -26.67
C SER A 54 15.13 -12.38 -25.96
N ILE A 55 15.16 -12.42 -24.63
CA ILE A 55 14.06 -11.90 -23.83
C ILE A 55 13.92 -10.40 -24.02
N ASP A 56 15.06 -9.70 -23.98
CA ASP A 56 15.08 -8.25 -24.13
C ASP A 56 14.52 -7.84 -25.50
N VAL A 57 14.82 -8.62 -26.53
CA VAL A 57 14.32 -8.33 -27.87
C VAL A 57 12.79 -8.37 -27.87
N PHE A 58 12.24 -9.33 -27.14
CA PHE A 58 10.79 -9.44 -27.01
C PHE A 58 10.23 -8.35 -26.12
N MET A 59 10.77 -8.25 -24.91
CA MET A 59 10.25 -7.32 -23.90
C MET A 59 10.26 -5.88 -24.36
N ASN A 60 11.12 -5.57 -25.33
CA ASN A 60 11.20 -4.22 -25.87
C ASN A 60 10.30 -4.02 -27.08
N LYS A 61 10.03 -5.10 -27.80
CA LYS A 61 9.18 -5.04 -28.98
C LYS A 61 7.71 -5.01 -28.58
N TYR A 62 7.33 -5.91 -27.68
CA TYR A 62 5.98 -5.96 -27.16
C TYR A 62 5.96 -5.51 -25.70
N LYS A 63 6.08 -4.20 -25.49
CA LYS A 63 6.16 -3.63 -24.15
C LYS A 63 4.93 -3.92 -23.30
N THR A 64 3.77 -4.05 -23.96
CA THR A 64 2.51 -4.20 -23.25
C THR A 64 2.05 -5.65 -23.15
N SER A 65 2.87 -6.59 -23.59
CA SER A 65 2.52 -8.01 -23.55
C SER A 65 2.49 -8.54 -22.13
N SER A 66 1.61 -9.49 -21.86
CA SER A 66 1.41 -10.03 -20.52
C SER A 66 2.49 -11.04 -20.14
N ARG A 67 3.36 -11.36 -21.10
CA ARG A 67 4.43 -12.32 -20.86
C ARG A 67 5.62 -11.68 -20.15
N ASN A 68 5.65 -10.35 -20.13
CA ASN A 68 6.81 -9.62 -19.62
C ASN A 68 7.08 -9.83 -18.13
N ARG A 69 6.04 -10.03 -17.35
CA ARG A 69 6.21 -10.23 -15.91
C ARG A 69 6.95 -11.52 -15.61
N ALA A 70 6.61 -12.57 -16.34
CA ALA A 70 7.22 -13.88 -16.13
C ALA A 70 8.59 -13.96 -16.82
N LEU A 71 8.76 -13.21 -17.90
CA LEU A 71 10.03 -13.16 -18.59
C LEU A 71 11.04 -12.37 -17.78
N SER A 72 10.55 -11.34 -17.08
CA SER A 72 11.40 -10.58 -16.17
C SER A 72 11.77 -11.43 -14.97
N ASN A 73 10.88 -12.38 -14.63
CA ASN A 73 11.19 -13.36 -13.61
C ASN A 73 12.29 -14.32 -14.07
N LEU A 74 12.24 -14.70 -15.34
CA LEU A 74 13.27 -15.58 -15.90
C LEU A 74 14.63 -14.91 -15.85
N LYS A 75 14.65 -13.62 -16.22
CA LYS A 75 15.88 -12.84 -16.18
C LYS A 75 16.45 -12.80 -14.77
N LYS A 76 15.57 -12.76 -13.78
CA LYS A 76 15.99 -12.85 -12.39
C LYS A 76 16.64 -14.21 -12.14
N ASP A 77 16.07 -15.24 -12.76
CA ASP A 77 16.59 -16.60 -12.61
C ASP A 77 17.85 -16.81 -13.44
N ILE A 78 17.92 -16.14 -14.58
CA ILE A 78 19.10 -16.22 -15.44
C ILE A 78 20.30 -15.58 -14.75
N LEU A 79 20.06 -14.49 -14.02
CA LEU A 79 21.10 -13.84 -13.25
C LEU A 79 21.63 -14.77 -12.16
N LYS A 80 20.74 -15.60 -11.61
CA LYS A 80 21.13 -16.63 -10.67
C LYS A 80 21.96 -17.71 -11.34
N GLU A 81 21.63 -17.98 -12.60
CA GLU A 81 22.32 -19.03 -13.37
C GLU A 81 23.80 -18.70 -13.57
N VAL A 82 24.09 -17.46 -13.90
CA VAL A 82 25.45 -17.00 -14.14
C VAL A 82 26.32 -17.23 -12.92
N ILE A 83 25.71 -17.09 -11.74
CA ILE A 83 26.40 -17.31 -10.47
C ILE A 83 26.69 -18.79 -10.26
N LEU A 84 25.70 -19.64 -10.57
CA LEU A 84 25.86 -21.08 -10.43
C LEU A 84 26.99 -21.61 -11.32
N ILE A 85 26.98 -21.20 -12.58
CA ILE A 85 28.00 -21.59 -13.54
C ILE A 85 29.40 -21.21 -13.07
N LYS A 86 29.51 -20.01 -12.51
CA LYS A 86 30.78 -19.51 -12.01
C LYS A 86 31.31 -20.38 -10.87
N ASN A 87 30.57 -20.42 -9.76
CA ASN A 87 30.99 -21.19 -8.60
C ASN A 87 30.79 -22.70 -8.76
N SER A 88 30.83 -23.17 -10.00
CA SER A 88 30.71 -24.60 -10.28
C SER A 88 32.08 -25.26 -10.36
N ASN A 89 32.79 -24.98 -11.45
CA ASN A 89 34.13 -25.53 -11.66
C ASN A 89 35.11 -24.96 -10.64
N THR A 90 35.24 -25.63 -9.51
CA THR A 90 36.16 -25.18 -8.47
C THR A 90 37.49 -25.93 -8.53
N SER A 91 38.42 -25.40 -9.32
CA SER A 91 39.74 -26.02 -9.47
C SER A 91 40.86 -25.02 -9.15
N PRO A 92 41.93 -25.50 -8.50
CA PRO A 92 43.04 -24.65 -8.07
C PRO A 92 43.68 -23.86 -9.22
N VAL A 93 43.92 -22.58 -8.98
CA VAL A 93 44.56 -21.72 -9.97
C VAL A 93 46.03 -22.10 -10.12
N GLU A 94 46.67 -21.61 -11.19
CA GLU A 94 48.05 -21.95 -11.47
C GLU A 94 49.00 -21.36 -10.43
N LYS A 95 50.23 -21.87 -10.39
CA LYS A 95 51.20 -21.49 -9.36
C LYS A 95 52.17 -20.39 -9.80
N ASN A 96 51.67 -19.17 -9.93
CA ASN A 96 52.50 -18.06 -10.34
C ASN A 96 52.18 -16.75 -9.60
N LEU A 97 53.22 -16.03 -9.23
CA LEU A 97 53.08 -14.69 -8.67
C LEU A 97 53.59 -13.65 -9.66
N HIS A 98 52.76 -12.65 -9.95
CA HIS A 98 53.10 -11.65 -10.94
C HIS A 98 53.35 -10.28 -10.31
N PHE A 99 54.50 -9.70 -10.62
CA PHE A 99 54.83 -8.36 -10.18
C PHE A 99 55.35 -7.55 -11.36
N VAL A 100 55.24 -6.23 -11.29
CA VAL A 100 55.65 -5.37 -12.39
C VAL A 100 56.49 -4.18 -11.94
N TRP A 101 57.69 -4.05 -12.50
CA TRP A 101 58.51 -2.87 -12.30
C TRP A 101 59.14 -2.46 -13.63
N ILE A 102 58.62 -1.37 -14.21
CA ILE A 102 59.06 -0.93 -15.53
C ILE A 102 59.46 0.55 -15.50
N GLY A 103 60.60 0.86 -16.11
CA GLY A 103 61.00 2.25 -16.27
C GLY A 103 62.41 2.56 -15.82
N GLY A 104 62.89 1.78 -14.85
CA GLY A 104 64.22 2.01 -14.32
C GLY A 104 64.70 0.90 -13.39
N GLU A 105 65.33 1.31 -12.30
CA GLU A 105 65.90 0.36 -11.36
C GLU A 105 64.92 0.00 -10.24
N VAL A 106 64.81 -1.28 -9.94
CA VAL A 106 63.95 -1.73 -8.86
C VAL A 106 64.53 -1.30 -7.51
N SER A 107 63.73 -0.58 -6.74
CA SER A 107 64.15 -0.14 -5.42
C SER A 107 64.39 -1.34 -4.50
N ASP A 108 65.30 -1.17 -3.54
CA ASP A 108 65.61 -2.22 -2.59
C ASP A 108 64.43 -2.51 -1.67
N ILE A 109 63.57 -1.51 -1.51
CA ILE A 109 62.38 -1.65 -0.68
C ILE A 109 61.42 -2.67 -1.26
N ALA A 110 61.19 -2.59 -2.56
CA ALA A 110 60.27 -3.48 -3.25
C ALA A 110 60.75 -4.93 -3.18
N LEU A 111 62.04 -5.14 -3.43
CA LEU A 111 62.62 -6.47 -3.46
C LEU A 111 62.47 -7.21 -2.12
N GLU A 112 62.47 -6.46 -1.03
CA GLU A 112 62.30 -7.05 0.30
C GLU A 112 60.86 -7.47 0.51
N TYR A 113 59.93 -6.74 -0.09
CA TYR A 113 58.52 -7.08 -0.01
C TYR A 113 58.21 -8.35 -0.78
N ILE A 114 58.81 -8.48 -1.96
CA ILE A 114 58.58 -9.64 -2.81
C ILE A 114 59.24 -10.88 -2.22
N LYS A 115 60.33 -10.66 -1.50
CA LYS A 115 61.09 -11.75 -0.89
C LYS A 115 60.28 -12.48 0.18
N GLN A 116 59.31 -11.78 0.76
CA GLN A 116 58.45 -12.36 1.80
C GLN A 116 57.54 -13.43 1.22
N TRP A 117 57.05 -13.19 0.01
CA TRP A 117 56.16 -14.12 -0.67
C TRP A 117 56.88 -15.38 -1.11
N ALA A 118 58.09 -15.20 -1.64
CA ALA A 118 58.87 -16.31 -2.18
C ALA A 118 59.31 -17.30 -1.09
N ASP A 119 59.50 -16.79 0.12
CA ASP A 119 59.94 -17.62 1.23
C ASP A 119 58.79 -18.43 1.81
N ILE A 120 57.64 -17.79 1.99
CA ILE A 120 56.47 -18.45 2.55
C ILE A 120 55.78 -19.32 1.51
N ASN A 121 55.68 -18.81 0.28
CA ASN A 121 55.10 -19.57 -0.81
C ASN A 121 56.18 -20.14 -1.74
N ALA A 122 56.88 -21.15 -1.26
CA ALA A 122 57.93 -21.80 -2.05
C ALA A 122 57.32 -22.64 -3.16
N GLU A 123 56.05 -23.00 -3.00
CA GLU A 123 55.31 -23.72 -4.02
C GLU A 123 55.28 -22.90 -5.30
N TYR A 124 54.90 -21.64 -5.14
CA TYR A 124 54.81 -20.70 -6.25
C TYR A 124 56.20 -20.17 -6.60
N ASN A 125 56.37 -19.70 -7.84
CA ASN A 125 57.60 -19.05 -8.25
C ASN A 125 57.32 -17.69 -8.87
N ILE A 126 57.81 -16.64 -8.22
CA ILE A 126 57.59 -15.29 -8.69
C ILE A 126 58.28 -15.04 -10.03
N LYS A 127 57.51 -14.50 -10.98
CA LYS A 127 58.07 -14.13 -12.28
C LYS A 127 57.88 -12.63 -12.52
N LEU A 128 58.75 -11.85 -11.89
CA LEU A 128 58.70 -10.39 -11.95
C LEU A 128 58.97 -9.87 -13.36
N TRP A 129 58.03 -9.08 -13.88
CA TRP A 129 58.11 -8.57 -15.24
C TRP A 129 58.87 -7.25 -15.33
N TYR A 130 59.42 -6.97 -16.50
CA TYR A 130 60.15 -5.73 -16.75
C TYR A 130 60.38 -5.53 -18.24
N ASP A 131 60.46 -4.28 -18.67
CA ASP A 131 60.75 -3.96 -20.06
C ASP A 131 62.24 -3.68 -20.22
N SER A 132 62.98 -4.67 -20.69
CA SER A 132 64.43 -4.56 -20.83
C SER A 132 64.85 -3.52 -21.87
N GLU A 133 63.94 -3.17 -22.76
CA GLU A 133 64.22 -2.16 -23.79
C GLU A 133 63.98 -0.75 -23.28
N ALA A 134 63.53 -0.63 -22.04
CA ALA A 134 63.15 0.67 -21.49
C ALA A 134 63.51 0.81 -20.01
N PHE A 135 64.77 1.10 -19.73
CA PHE A 135 65.23 1.29 -18.36
C PHE A 135 65.48 2.75 -18.04
N LEU A 136 65.28 3.60 -19.05
CA LEU A 136 65.57 5.02 -18.91
C LEU A 136 64.33 5.89 -19.09
N VAL A 137 63.16 5.25 -19.15
CA VAL A 137 61.90 5.98 -19.30
C VAL A 137 61.64 6.81 -18.06
N ASN A 138 61.80 6.18 -16.89
CA ASN A 138 61.67 6.89 -15.63
C ASN A 138 62.76 7.94 -15.49
N THR A 139 63.94 7.60 -15.99
CA THR A 139 65.07 8.52 -15.99
C THR A 139 64.78 9.68 -16.94
N LEU A 140 64.04 9.40 -18.00
CA LEU A 140 63.66 10.42 -18.98
C LEU A 140 62.60 11.37 -18.44
N LYS A 141 61.59 10.81 -17.76
CA LYS A 141 60.49 11.60 -17.24
C LYS A 141 61.00 12.65 -16.26
N LYS A 142 61.93 12.27 -15.40
CA LYS A 142 62.55 13.20 -14.46
C LYS A 142 63.28 14.30 -15.23
N ALA A 143 63.99 13.91 -16.28
CA ALA A 143 64.76 14.86 -17.08
C ALA A 143 63.88 15.92 -17.70
N ILE A 144 62.73 15.51 -18.22
CA ILE A 144 61.78 16.44 -18.81
C ILE A 144 61.12 17.30 -17.74
N VAL A 145 60.65 16.67 -16.68
CA VAL A 145 59.96 17.37 -15.59
C VAL A 145 60.86 18.41 -14.94
N GLU A 146 62.07 18.00 -14.55
CA GLU A 146 63.02 18.91 -13.91
C GLU A 146 63.35 20.11 -14.80
N SER A 147 63.61 19.83 -16.08
CA SER A 147 63.97 20.88 -17.01
C SER A 147 62.81 21.82 -17.26
N SER A 148 61.60 21.26 -17.29
CA SER A 148 60.39 22.05 -17.52
C SER A 148 59.97 22.82 -16.28
N THR A 149 60.20 22.22 -15.12
CA THR A 149 59.91 22.88 -13.85
C THR A 149 60.75 24.14 -13.73
N THR A 150 62.03 24.02 -14.05
CA THR A 150 62.95 25.16 -14.01
C THR A 150 62.56 26.23 -15.03
N GLU A 151 62.09 25.80 -16.20
CA GLU A 151 61.67 26.73 -17.24
C GLU A 151 60.48 27.58 -16.81
N ALA A 152 59.49 26.94 -16.20
CA ALA A 152 58.29 27.64 -15.74
C ALA A 152 58.62 28.62 -14.62
N LEU A 153 59.51 28.22 -13.73
CA LEU A 153 59.92 29.07 -12.60
C LEU A 153 60.59 30.34 -13.10
N GLN A 154 61.49 30.20 -14.07
CA GLN A 154 62.20 31.34 -14.62
C GLN A 154 61.27 32.21 -15.45
N LEU A 155 60.26 31.57 -16.05
CA LEU A 155 59.26 32.28 -16.85
C LEU A 155 58.38 33.17 -15.99
N LEU A 156 58.18 32.76 -14.75
CA LEU A 156 57.29 33.48 -13.83
C LEU A 156 58.02 33.90 -12.56
N GLU A 157 59.34 34.01 -12.64
CA GLU A 157 60.19 34.33 -11.49
C GLU A 157 59.71 35.56 -10.71
N GLU A 158 59.26 36.57 -11.45
CA GLU A 158 58.74 37.77 -10.83
C GLU A 158 57.42 37.49 -10.13
N GLU A 159 56.55 36.75 -10.80
CA GLU A 159 55.18 36.50 -10.31
C GLU A 159 55.15 35.64 -9.05
N ILE A 160 56.08 34.69 -8.97
CA ILE A 160 56.08 33.71 -7.88
C ILE A 160 56.26 34.35 -6.51
N GLN A 161 57.04 35.43 -6.45
CA GLN A 161 57.31 36.10 -5.17
C GLN A 161 56.05 36.67 -4.52
N ASN A 162 54.98 36.82 -5.28
CA ASN A 162 53.70 37.25 -4.75
C ASN A 162 53.02 36.11 -3.99
N PRO A 163 52.64 36.36 -2.73
CA PRO A 163 51.96 35.35 -1.90
C PRO A 163 50.62 34.89 -2.49
N GLN A 164 49.90 35.78 -3.17
CA GLN A 164 48.60 35.43 -3.72
C GLN A 164 48.73 34.77 -5.09
N PHE A 165 49.91 34.26 -5.39
CA PHE A 165 50.15 33.53 -6.63
C PHE A 165 49.61 32.12 -6.53
N ASP A 166 48.63 31.80 -7.37
CA ASP A 166 48.07 30.44 -7.39
C ASP A 166 49.07 29.48 -8.02
N ASN A 167 49.34 28.37 -7.33
CA ASN A 167 50.33 27.40 -7.78
C ASN A 167 49.91 26.66 -9.04
N MET A 168 48.68 26.89 -9.48
CA MET A 168 48.17 26.23 -10.68
C MET A 168 48.66 26.91 -11.96
N LYS A 169 48.91 28.21 -11.90
CA LYS A 169 49.46 28.92 -13.05
C LYS A 169 50.86 28.37 -13.32
N PHE A 170 51.53 27.93 -12.26
CA PHE A 170 52.82 27.27 -12.39
C PHE A 170 52.67 25.92 -13.08
N TYR A 171 51.84 25.07 -12.52
CA TYR A 171 51.64 23.71 -13.04
C TYR A 171 51.09 23.73 -14.47
N LYS A 172 50.31 24.74 -14.80
CA LYS A 172 49.79 24.89 -16.16
C LYS A 172 50.89 25.32 -17.12
N LYS A 173 51.60 26.38 -16.78
CA LYS A 173 52.70 26.87 -17.59
C LYS A 173 53.80 25.82 -17.73
N ARG A 174 53.99 25.02 -16.67
CA ARG A 174 54.99 23.96 -16.70
C ARG A 174 54.55 22.87 -17.66
N MET A 175 53.29 22.49 -17.57
CA MET A 175 52.73 21.45 -18.43
C MET A 175 52.83 21.82 -19.91
N GLU A 176 52.76 23.12 -20.18
CA GLU A 176 52.97 23.62 -21.54
C GLU A 176 54.38 23.27 -22.02
N PHE A 177 55.34 23.41 -21.11
CA PHE A 177 56.73 23.10 -21.42
C PHE A 177 56.98 21.59 -21.42
N ILE A 178 56.33 20.88 -20.51
CA ILE A 178 56.44 19.43 -20.46
C ILE A 178 55.97 18.81 -21.77
N TYR A 179 54.87 19.33 -22.29
CA TYR A 179 54.29 18.81 -23.53
C TYR A 179 55.20 19.05 -24.73
N ASP A 180 55.67 20.28 -24.88
CA ASP A 180 56.54 20.63 -26.00
C ASP A 180 57.86 19.84 -25.95
N ARG A 181 58.32 19.56 -24.73
CA ARG A 181 59.54 18.77 -24.57
C ARG A 181 59.26 17.29 -24.83
N GLN A 182 58.01 16.88 -24.62
CA GLN A 182 57.62 15.50 -24.87
C GLN A 182 57.56 15.22 -26.37
N LYS A 183 56.99 16.16 -27.13
CA LYS A 183 56.89 16.01 -28.58
C LYS A 183 58.26 15.88 -29.22
N ARG A 184 59.23 16.62 -28.69
CA ARG A 184 60.60 16.56 -29.20
C ARG A 184 61.18 15.16 -29.07
N PHE A 185 60.79 14.45 -28.02
CA PHE A 185 61.23 13.08 -27.82
C PHE A 185 60.48 12.12 -28.75
N ILE A 186 59.17 12.33 -28.86
CA ILE A 186 58.33 11.47 -29.69
C ILE A 186 58.72 11.60 -31.17
N ASN A 187 59.14 12.80 -31.57
CA ASN A 187 59.58 13.03 -32.94
C ASN A 187 60.98 12.47 -33.18
N TYR A 188 61.86 12.62 -32.20
CA TYR A 188 63.20 12.06 -32.26
C TYR A 188 63.12 10.54 -32.29
N TYR A 189 62.06 10.01 -31.69
CA TYR A 189 61.80 8.57 -31.69
C TYR A 189 61.27 8.12 -33.06
N LYS A 190 60.35 8.89 -33.61
CA LYS A 190 59.76 8.57 -34.91
C LYS A 190 60.76 8.62 -36.05
N SER A 191 61.86 9.33 -35.83
CA SER A 191 62.87 9.51 -36.87
C SER A 191 63.94 8.43 -36.84
N GLN A 192 63.84 7.53 -35.86
CA GLN A 192 64.85 6.48 -35.72
C GLN A 192 64.22 5.09 -35.53
N ILE A 193 62.98 4.93 -36.01
CA ILE A 193 62.32 3.64 -35.96
C ILE A 193 62.06 3.12 -37.38
N ASN A 194 61.78 4.04 -38.30
CA ASN A 194 61.53 3.68 -39.70
C ASN A 194 62.75 3.06 -40.38
N LYS A 195 63.93 3.38 -39.88
CA LYS A 195 65.17 2.82 -40.40
C LYS A 195 65.19 1.30 -40.22
N PRO A 196 65.65 0.58 -41.25
CA PRO A 196 65.68 -0.88 -41.27
C PRO A 196 66.49 -1.49 -40.12
N THR A 197 67.44 -0.73 -39.57
CA THR A 197 68.14 -1.14 -38.37
C THR A 197 67.33 -0.70 -37.15
N VAL A 198 67.02 -1.65 -36.27
CA VAL A 198 66.12 -1.37 -35.15
C VAL A 198 66.88 -1.13 -33.85
N PRO A 199 66.78 0.09 -33.32
CA PRO A 199 67.36 0.44 -32.01
C PRO A 199 66.34 0.26 -30.90
N THR A 200 66.77 -0.30 -29.76
CA THR A 200 65.87 -0.47 -28.63
C THR A 200 65.45 0.89 -28.09
N ILE A 201 64.41 0.89 -27.27
CA ILE A 201 63.80 2.13 -26.80
C ILE A 201 64.76 2.99 -25.96
N ASP A 202 65.33 2.40 -24.90
CA ASP A 202 66.20 3.17 -24.02
C ASP A 202 67.56 3.44 -24.68
N ASP A 203 67.77 2.87 -25.85
CA ASP A 203 68.95 3.16 -26.65
C ASP A 203 68.75 4.50 -27.37
N ILE A 204 67.51 4.74 -27.80
CA ILE A 204 67.15 6.01 -28.41
C ILE A 204 67.07 7.10 -27.34
N ILE A 205 66.57 6.71 -26.17
CA ILE A 205 66.49 7.60 -25.02
C ILE A 205 67.89 8.06 -24.61
N LYS A 206 68.83 7.13 -24.63
CA LYS A 206 70.21 7.42 -24.27
C LYS A 206 70.81 8.48 -25.20
N SER A 207 70.42 8.44 -26.47
CA SER A 207 70.93 9.40 -27.45
C SER A 207 70.27 10.77 -27.29
N HIS A 208 68.98 10.77 -26.95
CA HIS A 208 68.24 12.02 -26.80
C HIS A 208 68.63 12.75 -25.52
N LEU A 209 68.94 11.98 -24.48
CA LEU A 209 69.33 12.55 -23.20
C LEU A 209 70.67 13.28 -23.28
N VAL A 210 71.63 12.65 -23.96
CA VAL A 210 72.98 13.22 -24.03
C VAL A 210 73.07 14.37 -25.04
N SER A 211 72.11 14.44 -25.95
CA SER A 211 72.13 15.46 -27.00
C SER A 211 71.52 16.78 -26.54
N GLU A 212 70.20 16.79 -26.34
CA GLU A 212 69.49 18.02 -26.00
C GLU A 212 69.56 18.35 -24.52
N TYR A 213 69.90 17.36 -23.69
CA TYR A 213 70.06 17.58 -22.26
C TYR A 213 71.51 17.35 -21.82
N ASN A 214 71.80 17.70 -20.57
CA ASN A 214 73.15 17.53 -20.04
C ASN A 214 73.37 16.14 -19.45
N ARG A 215 73.50 15.15 -20.33
CA ARG A 215 73.70 13.76 -19.90
C ARG A 215 74.93 13.14 -20.55
N ASP A 216 75.36 11.99 -20.02
CA ASP A 216 76.49 11.25 -20.56
C ASP A 216 76.11 9.79 -20.77
N GLU A 217 76.40 9.26 -21.97
CA GLU A 217 75.96 7.93 -22.34
C GLU A 217 76.60 6.84 -21.47
N THR A 218 77.82 7.07 -21.01
CA THR A 218 78.52 6.10 -20.18
C THR A 218 77.82 5.92 -18.84
N VAL A 219 77.31 7.02 -18.29
CA VAL A 219 76.58 6.98 -17.02
C VAL A 219 75.22 6.31 -17.19
N LEU A 220 74.50 6.71 -18.23
CA LEU A 220 73.17 6.18 -18.50
C LEU A 220 73.22 4.69 -18.84
N GLU A 221 74.20 4.30 -19.64
CA GLU A 221 74.35 2.91 -20.05
C GLU A 221 74.73 2.05 -18.85
N SER A 222 75.37 2.68 -17.86
CA SER A 222 75.69 2.01 -16.60
C SER A 222 74.43 1.78 -15.77
N TYR A 223 73.51 2.74 -15.85
CA TYR A 223 72.24 2.64 -15.12
C TYR A 223 71.37 1.54 -15.73
N ARG A 224 71.60 1.26 -17.00
CA ARG A 224 70.85 0.22 -17.69
C ARG A 224 71.40 -1.16 -17.39
N THR A 225 72.72 -1.24 -17.24
CA THR A 225 73.39 -2.51 -16.96
C THR A 225 73.03 -3.06 -15.59
N ASN A 226 73.22 -2.24 -14.55
CA ASN A 226 72.96 -2.68 -13.19
C ASN A 226 71.48 -2.74 -12.85
N SER A 227 70.64 -2.31 -13.80
CA SER A 227 69.19 -2.44 -13.66
C SER A 227 68.68 -3.56 -14.54
N LEU A 228 69.59 -4.22 -15.26
CA LEU A 228 69.24 -5.37 -16.08
C LEU A 228 69.67 -6.66 -15.39
N ARG A 229 70.78 -6.59 -14.67
CA ARG A 229 71.27 -7.74 -13.93
C ARG A 229 70.56 -7.86 -12.58
N LYS A 230 70.21 -6.73 -12.00
CA LYS A 230 69.53 -6.70 -10.71
C LYS A 230 68.12 -7.24 -10.83
N ILE A 231 67.44 -6.88 -11.92
CA ILE A 231 66.09 -7.35 -12.16
C ILE A 231 66.10 -8.83 -12.53
N ASN A 232 67.13 -9.24 -13.29
CA ASN A 232 67.22 -10.61 -13.76
C ASN A 232 67.58 -11.59 -12.64
N SER A 233 68.48 -11.16 -11.76
CA SER A 233 68.89 -11.98 -10.63
C SER A 233 67.73 -12.21 -9.67
N ASN A 234 66.85 -11.21 -9.57
CA ASN A 234 65.69 -11.30 -8.69
C ASN A 234 64.42 -11.71 -9.44
N HIS A 235 64.42 -12.92 -9.97
CA HIS A 235 63.25 -13.52 -10.61
C HIS A 235 62.71 -12.68 -11.74
N GLY A 236 63.60 -12.19 -12.60
CA GLY A 236 63.20 -11.32 -13.69
C GLY A 236 62.84 -12.06 -14.96
N ILE A 237 61.76 -11.60 -15.59
CA ILE A 237 61.35 -12.15 -16.88
C ILE A 237 60.95 -11.00 -17.80
N ASP A 238 61.49 -11.03 -19.03
CA ASP A 238 61.31 -9.92 -19.95
C ASP A 238 59.94 -9.96 -20.62
N ILE A 239 59.43 -8.77 -20.93
CA ILE A 239 58.13 -8.63 -21.56
C ILE A 239 58.27 -8.74 -23.07
N ARG A 240 59.41 -8.28 -23.59
CA ARG A 240 59.68 -8.33 -25.02
C ARG A 240 60.18 -9.70 -25.45
N ALA A 241 60.68 -10.48 -24.50
CA ALA A 241 61.20 -11.82 -24.80
C ALA A 241 60.08 -12.87 -24.82
N ASN A 242 58.98 -12.56 -24.15
CA ASN A 242 57.82 -13.45 -24.15
C ASN A 242 56.65 -12.85 -24.93
N SER A 243 55.92 -13.70 -25.63
CA SER A 243 54.83 -13.24 -26.48
C SER A 243 53.61 -12.76 -25.67
N LEU A 244 53.82 -11.71 -24.87
CA LEU A 244 52.72 -11.10 -24.13
C LEU A 244 51.87 -10.25 -25.07
N PHE A 245 52.53 -9.35 -25.80
CA PHE A 245 51.85 -8.49 -26.75
C PHE A 245 51.73 -9.14 -28.11
N THR A 246 51.01 -10.26 -28.16
CA THR A 246 50.77 -10.95 -29.43
C THR A 246 49.79 -10.17 -30.28
N GLU A 247 48.99 -9.32 -29.64
CA GLU A 247 48.03 -8.47 -30.32
C GLU A 247 48.58 -7.05 -30.43
N GLN A 248 48.57 -6.50 -31.64
CA GLN A 248 49.21 -5.22 -31.91
C GLN A 248 48.48 -4.05 -31.25
N GLU A 249 47.15 -4.16 -31.16
CA GLU A 249 46.34 -3.09 -30.56
C GLU A 249 46.75 -2.83 -29.11
N LEU A 250 47.23 -3.86 -28.44
CA LEU A 250 47.64 -3.74 -27.04
C LEU A 250 49.05 -3.18 -26.91
N LEU A 251 49.93 -3.56 -27.85
CA LEU A 251 51.29 -3.04 -27.86
C LEU A 251 51.27 -1.54 -28.09
N ASN A 252 50.33 -1.08 -28.90
CA ASN A 252 50.17 0.33 -29.19
C ASN A 252 49.74 1.11 -27.95
N ILE A 253 48.81 0.52 -27.18
CA ILE A 253 48.35 1.12 -25.94
C ILE A 253 49.49 1.20 -24.92
N TYR A 254 50.21 0.10 -24.77
CA TYR A 254 51.33 0.02 -23.84
C TYR A 254 52.43 1.01 -24.22
N SER A 255 52.79 1.05 -25.49
CA SER A 255 53.82 1.97 -25.98
C SER A 255 53.36 3.41 -25.85
N GLN A 256 52.05 3.62 -25.98
CA GLN A 256 51.47 4.94 -25.83
C GLN A 256 51.66 5.45 -24.39
N GLU A 257 51.59 4.54 -23.44
CA GLU A 257 51.74 4.89 -22.02
C GLU A 257 53.17 4.75 -21.54
N LEU A 258 54.01 4.09 -22.32
CA LEU A 258 55.41 3.92 -21.95
C LEU A 258 56.28 5.01 -22.56
N LEU A 259 55.98 5.35 -23.81
CA LEU A 259 56.81 6.29 -24.57
C LEU A 259 56.28 7.72 -24.53
N ASN A 260 55.11 7.93 -25.12
CA ASN A 260 54.52 9.26 -25.24
C ASN A 260 54.35 9.96 -23.90
N ARG A 261 53.44 9.45 -23.08
CA ARG A 261 53.24 9.98 -21.74
C ARG A 261 54.04 9.17 -20.73
N GLY A 262 54.70 9.85 -19.80
CA GLY A 262 55.51 9.19 -18.80
C GLY A 262 54.68 8.46 -17.76
N ASN A 263 53.83 7.55 -18.20
CA ASN A 263 52.94 6.83 -17.31
C ASN A 263 53.32 5.36 -17.18
N LEU A 264 54.36 5.10 -16.39
CA LEU A 264 54.79 3.74 -16.10
C LEU A 264 53.72 3.00 -15.31
N ALA A 265 52.97 3.75 -14.51
CA ALA A 265 51.87 3.19 -13.73
C ALA A 265 50.75 2.71 -14.65
N ALA A 266 50.37 3.56 -15.60
CA ALA A 266 49.35 3.20 -16.57
C ALA A 266 49.85 2.12 -17.51
N ALA A 267 51.16 2.10 -17.74
CA ALA A 267 51.79 1.09 -18.57
C ALA A 267 51.78 -0.26 -17.86
N SER A 268 51.97 -0.21 -16.54
CA SER A 268 51.97 -1.42 -15.71
C SER A 268 50.63 -2.14 -15.77
N ASP A 269 49.56 -1.36 -15.76
CA ASP A 269 48.20 -1.89 -15.83
C ASP A 269 47.97 -2.78 -17.04
N ILE A 270 48.63 -2.45 -18.14
CA ILE A 270 48.51 -3.23 -19.38
C ILE A 270 49.26 -4.55 -19.25
N VAL A 271 50.40 -4.51 -18.59
CA VAL A 271 51.21 -5.70 -18.37
C VAL A 271 50.50 -6.66 -17.40
N ARG A 272 49.75 -6.09 -16.46
CA ARG A 272 49.00 -6.87 -15.48
C ARG A 272 48.02 -7.84 -16.14
N LEU A 273 47.16 -7.31 -17.00
CA LEU A 273 46.12 -8.10 -17.65
C LEU A 273 46.68 -9.20 -18.55
N LEU A 274 47.66 -8.84 -19.36
CA LEU A 274 48.25 -9.76 -20.32
C LEU A 274 49.00 -10.91 -19.65
N ALA A 275 49.61 -10.62 -18.51
CA ALA A 275 50.35 -11.63 -17.76
C ALA A 275 49.40 -12.71 -17.26
N LEU A 276 48.17 -12.32 -16.98
CA LEU A 276 47.16 -13.25 -16.49
C LEU A 276 46.37 -13.88 -17.64
N LYS A 277 46.40 -13.23 -18.80
CA LYS A 277 45.75 -13.78 -19.99
C LYS A 277 46.56 -14.95 -20.53
N ASN A 278 47.88 -14.85 -20.42
CA ASN A 278 48.77 -15.89 -20.93
C ASN A 278 49.13 -16.93 -19.88
N PHE A 279 49.32 -16.49 -18.64
CA PHE A 279 49.74 -17.38 -17.56
C PHE A 279 48.70 -17.48 -16.44
N GLY A 280 49.08 -18.16 -15.37
CA GLY A 280 48.24 -18.26 -14.19
C GLY A 280 48.10 -16.91 -13.52
N GLY A 281 47.10 -16.78 -12.66
CA GLY A 281 46.77 -15.49 -12.10
C GLY A 281 46.86 -15.33 -10.59
N VAL A 282 47.98 -14.79 -10.15
CA VAL A 282 48.09 -14.17 -8.84
C VAL A 282 48.98 -12.95 -9.05
N TYR A 283 48.36 -11.78 -9.20
CA TYR A 283 49.10 -10.52 -9.37
C TYR A 283 49.07 -9.72 -8.08
N LEU A 284 50.19 -9.06 -7.78
CA LEU A 284 50.29 -8.20 -6.61
C LEU A 284 51.16 -6.99 -6.92
N ASP A 285 51.10 -5.98 -6.06
CA ASP A 285 51.96 -4.82 -6.20
C ASP A 285 53.18 -4.96 -5.28
N VAL A 286 54.10 -4.02 -5.38
CA VAL A 286 55.34 -4.06 -4.60
C VAL A 286 55.11 -3.54 -3.18
N ASP A 287 53.88 -3.11 -2.90
CA ASP A 287 53.53 -2.60 -1.58
C ASP A 287 52.61 -3.55 -0.84
N MET A 288 52.51 -4.79 -1.32
CA MET A 288 51.63 -5.77 -0.70
C MET A 288 52.41 -6.73 0.21
N LEU A 289 51.69 -7.43 1.07
CA LEU A 289 52.28 -8.40 2.01
C LEU A 289 51.37 -9.61 2.17
N PRO A 290 51.96 -10.76 2.53
CA PRO A 290 51.16 -11.97 2.79
C PRO A 290 50.19 -11.78 3.95
N GLY A 291 49.07 -12.50 3.93
CA GLY A 291 48.07 -12.39 4.98
C GLY A 291 48.53 -13.01 6.30
N ILE A 292 48.17 -12.37 7.40
CA ILE A 292 48.50 -12.88 8.72
C ILE A 292 47.46 -13.89 9.20
N HIS A 293 47.91 -14.94 9.88
CA HIS A 293 47.02 -15.92 10.48
C HIS A 293 46.00 -15.24 11.40
N SER A 294 44.76 -15.69 11.32
CA SER A 294 43.69 -15.09 12.11
C SER A 294 43.74 -15.49 13.58
N ASP A 295 44.65 -16.41 13.90
CA ASP A 295 44.78 -16.90 15.26
C ASP A 295 45.92 -16.24 16.02
N LEU A 296 46.77 -15.50 15.30
CA LEU A 296 47.94 -14.87 15.89
C LEU A 296 47.55 -13.80 16.90
N PHE A 297 46.61 -12.93 16.53
CA PHE A 297 46.12 -11.91 17.45
C PHE A 297 44.65 -12.12 17.78
N LYS A 298 44.27 -13.39 17.94
CA LYS A 298 42.90 -13.76 18.21
C LYS A 298 42.46 -13.40 19.63
N THR A 299 43.37 -13.57 20.58
CA THR A 299 43.06 -13.34 21.99
C THR A 299 43.03 -11.86 22.36
N ILE A 300 43.66 -11.03 21.53
CA ILE A 300 43.78 -9.61 21.82
C ILE A 300 42.54 -8.82 21.40
N SER A 301 42.00 -8.03 22.33
CA SER A 301 40.85 -7.18 22.05
C SER A 301 41.30 -5.85 21.44
N ARG A 302 40.40 -5.18 20.74
CA ARG A 302 40.72 -3.93 20.07
C ARG A 302 40.17 -2.72 20.81
N PRO A 303 41.07 -1.87 21.35
CA PRO A 303 40.73 -0.61 22.00
C PRO A 303 39.77 0.24 21.18
N SER A 304 38.92 1.01 21.85
CA SER A 304 37.99 1.91 21.16
C SER A 304 38.63 3.26 20.89
N SER A 305 39.96 3.29 20.94
CA SER A 305 40.71 4.54 20.73
C SER A 305 41.24 4.61 19.30
N ILE A 306 41.51 3.46 18.71
CA ILE A 306 42.08 3.41 17.36
C ILE A 306 41.07 2.86 16.35
N GLY A 307 41.31 3.13 15.08
CA GLY A 307 40.41 2.71 14.02
C GLY A 307 40.66 1.28 13.56
N LEU A 308 39.70 0.74 12.81
CA LEU A 308 39.81 -0.62 12.29
C LEU A 308 41.01 -0.78 11.36
N ASP A 309 41.20 0.20 10.48
CA ASP A 309 42.29 0.13 9.51
C ASP A 309 43.64 0.22 10.20
N ARG A 310 43.76 1.10 11.18
CA ARG A 310 45.01 1.27 11.92
C ARG A 310 45.33 0.02 12.75
N TRP A 311 44.28 -0.67 13.19
CA TRP A 311 44.45 -1.90 13.96
C TRP A 311 45.14 -2.98 13.13
N GLU A 312 44.94 -2.95 11.82
CA GLU A 312 45.58 -3.89 10.92
C GLU A 312 47.02 -3.47 10.66
N MET A 313 47.26 -2.17 10.72
CA MET A 313 48.61 -1.63 10.49
C MET A 313 49.55 -2.03 11.60
N ILE A 314 49.14 -1.78 12.84
CA ILE A 314 49.99 -2.01 14.01
C ILE A 314 50.33 -3.49 14.21
N LYS A 315 49.53 -4.38 13.64
CA LYS A 315 49.81 -5.81 13.73
C LYS A 315 51.02 -6.17 12.87
N LEU A 316 51.10 -5.56 11.69
CA LEU A 316 52.27 -5.71 10.83
C LEU A 316 53.48 -5.00 11.43
N GLU A 317 53.22 -3.83 12.02
CA GLU A 317 54.28 -3.02 12.61
C GLU A 317 54.90 -3.71 13.82
N ALA A 318 54.08 -4.43 14.58
CA ALA A 318 54.52 -5.13 15.78
C ALA A 318 55.53 -6.21 15.43
N ILE A 319 55.34 -6.84 14.27
CA ILE A 319 56.25 -7.89 13.83
C ILE A 319 57.62 -7.32 13.48
N MET A 320 57.65 -6.34 12.58
CA MET A 320 58.90 -5.86 11.98
C MET A 320 59.83 -5.13 12.95
N LYS A 321 59.33 -4.78 14.13
CA LYS A 321 60.12 -4.01 15.09
C LYS A 321 61.25 -4.85 15.68
N TYR A 322 61.04 -6.16 15.75
CA TYR A 322 62.07 -7.09 16.24
C TYR A 322 62.39 -8.13 15.17
N LYS A 323 61.35 -8.71 14.57
CA LYS A 323 61.50 -9.73 13.55
C LYS A 323 62.14 -9.18 12.27
N LYS A 324 62.14 -7.85 12.17
CA LYS A 324 62.74 -7.14 11.04
C LYS A 324 62.06 -7.46 9.70
N TYR A 325 62.75 -8.21 8.85
CA TYR A 325 62.35 -8.49 7.47
C TYR A 325 62.32 -7.23 6.61
N ILE A 326 62.48 -6.07 7.23
CA ILE A 326 62.56 -4.79 6.55
C ILE A 326 63.69 -3.99 7.17
N ASN A 327 64.43 -3.24 6.34
CA ASN A 327 65.54 -2.43 6.83
C ASN A 327 65.10 -1.43 7.90
N ASN A 328 64.19 -0.54 7.53
CA ASN A 328 63.69 0.48 8.45
C ASN A 328 62.17 0.56 8.45
N TYR A 329 61.51 -0.53 8.80
CA TYR A 329 60.05 -0.55 8.83
C TYR A 329 59.55 0.37 9.95
N THR A 330 58.60 1.23 9.61
CA THR A 330 58.10 2.24 10.52
C THR A 330 56.96 1.73 11.39
N SER A 331 57.24 1.54 12.67
CA SER A 331 56.21 1.16 13.64
C SER A 331 55.88 2.38 14.51
N GLU A 332 55.77 3.53 13.88
CA GLU A 332 55.56 4.79 14.58
C GLU A 332 54.24 4.82 15.33
N ASN A 333 53.16 4.45 14.64
CA ASN A 333 51.82 4.50 15.20
C ASN A 333 51.62 3.51 16.35
N PHE A 334 52.53 2.54 16.46
CA PHE A 334 52.40 1.46 17.42
C PHE A 334 53.11 1.74 18.74
N ASP A 335 54.14 2.59 18.68
CA ASP A 335 55.03 2.81 19.81
C ASP A 335 54.40 3.39 21.07
N LYS A 336 53.34 4.18 20.91
CA LYS A 336 52.93 5.10 21.98
C LYS A 336 51.85 4.59 22.95
N LEU A 337 52.24 4.54 24.23
CA LEU A 337 51.31 4.55 25.37
C LEU A 337 50.38 3.33 25.49
N ASP A 338 50.96 2.14 25.58
CA ASP A 338 50.21 0.92 25.91
C ASP A 338 51.15 -0.26 26.11
N GLN A 339 51.99 -0.17 27.15
CA GLN A 339 53.04 -1.15 27.39
C GLN A 339 52.52 -2.56 27.65
N GLN A 340 51.32 -2.66 28.21
CA GLN A 340 50.72 -3.96 28.53
C GLN A 340 50.42 -4.78 27.28
N LEU A 341 49.97 -4.10 26.22
CA LEU A 341 49.66 -4.77 24.96
C LEU A 341 50.90 -4.84 24.06
N LYS A 342 51.84 -3.92 24.26
CA LYS A 342 53.09 -3.92 23.52
C LYS A 342 53.93 -5.13 23.89
N ASP A 343 53.87 -5.54 25.16
CA ASP A 343 54.58 -6.71 25.62
C ASP A 343 53.86 -7.99 25.21
N ASN A 344 52.55 -7.89 25.05
CA ASN A 344 51.73 -9.05 24.70
C ASN A 344 51.96 -9.50 23.26
N PHE A 345 52.21 -8.54 22.37
CA PHE A 345 52.45 -8.84 20.96
C PHE A 345 53.80 -9.52 20.76
N LYS A 346 54.76 -9.18 21.61
CA LYS A 346 56.11 -9.73 21.52
C LYS A 346 56.10 -11.24 21.74
N LEU A 347 55.46 -11.68 22.81
CA LEU A 347 55.47 -13.08 23.19
C LEU A 347 54.72 -13.98 22.20
N ILE A 348 53.60 -13.51 21.69
CA ILE A 348 52.78 -14.32 20.78
C ILE A 348 53.47 -14.53 19.43
N ILE A 349 54.42 -13.66 19.11
CA ILE A 349 55.19 -13.79 17.87
C ILE A 349 56.47 -14.57 18.12
N GLU A 350 57.05 -14.40 19.32
CA GLU A 350 58.27 -15.12 19.70
C GLU A 350 57.98 -16.58 20.04
N SER A 351 56.72 -16.91 20.28
CA SER A 351 56.33 -18.26 20.61
C SER A 351 55.94 -19.06 19.38
N LYS A 352 56.35 -18.60 18.20
CA LYS A 352 56.06 -19.28 16.95
C LYS A 352 57.33 -19.66 16.22
N SER A 353 57.21 -20.57 15.26
CA SER A 353 58.33 -20.92 14.39
C SER A 353 58.71 -19.71 13.56
N GLU A 354 59.98 -19.63 13.18
CA GLU A 354 60.50 -18.44 12.50
C GLU A 354 60.00 -18.33 11.07
N LYS A 355 59.18 -17.31 10.82
CA LYS A 355 58.74 -16.89 9.49
C LYS A 355 57.76 -17.85 8.79
N SER A 356 57.74 -19.11 9.20
CA SER A 356 56.92 -20.11 8.53
C SER A 356 55.43 -19.96 8.83
N GLU A 357 55.11 -19.71 10.10
CA GLU A 357 53.71 -19.64 10.52
C GLU A 357 53.28 -18.22 10.85
N ILE A 358 54.18 -17.26 10.66
CA ILE A 358 53.88 -15.86 10.95
C ILE A 358 52.77 -15.34 10.04
N PHE A 359 52.82 -15.71 8.77
CA PHE A 359 51.80 -15.32 7.81
C PHE A 359 51.02 -16.53 7.31
N SER A 360 50.00 -16.28 6.49
CA SER A 360 49.19 -17.35 5.91
C SER A 360 49.77 -17.85 4.60
N LYS A 361 49.22 -18.95 4.09
CA LYS A 361 49.64 -19.49 2.82
C LYS A 361 48.46 -19.60 1.85
N LEU A 362 48.68 -19.23 0.60
CA LEU A 362 47.63 -19.25 -0.40
C LEU A 362 47.23 -20.67 -0.76
N GLU A 363 48.20 -21.58 -0.70
CA GLU A 363 48.00 -22.99 -1.04
C GLU A 363 47.47 -23.16 -2.45
N ASN A 364 46.24 -23.67 -2.56
CA ASN A 364 45.59 -23.86 -3.85
C ASN A 364 44.26 -23.12 -3.91
N LEU A 365 44.24 -22.01 -4.66
CA LEU A 365 43.04 -21.19 -4.76
C LEU A 365 42.15 -21.63 -5.91
N ASN A 366 40.95 -22.09 -5.58
CA ASN A 366 40.02 -22.62 -6.57
C ASN A 366 39.16 -21.52 -7.20
N VAL A 367 39.43 -21.24 -8.48
CA VAL A 367 38.65 -20.25 -9.21
C VAL A 367 38.04 -20.87 -10.48
N SER A 368 37.07 -20.17 -11.05
CA SER A 368 36.38 -20.67 -12.23
C SER A 368 37.14 -20.35 -13.50
N ASP A 369 36.75 -21.01 -14.60
CA ASP A 369 37.33 -20.74 -15.91
C ASP A 369 36.89 -19.37 -16.41
N LEU A 370 35.84 -18.83 -15.80
CA LEU A 370 35.30 -17.54 -16.21
C LEU A 370 35.83 -16.39 -15.36
N GLU A 371 35.67 -16.52 -14.05
CA GLU A 371 35.84 -15.39 -13.12
C GLU A 371 37.27 -14.86 -12.96
N ILE A 372 37.35 -13.62 -12.47
CA ILE A 372 38.61 -13.04 -12.00
C ILE A 372 38.33 -12.33 -10.68
N LYS A 373 39.10 -12.65 -9.65
CA LYS A 373 38.90 -12.06 -8.33
C LYS A 373 39.86 -10.90 -8.07
N ILE A 374 39.31 -9.76 -7.67
CA ILE A 374 40.10 -8.56 -7.44
C ILE A 374 40.00 -8.13 -5.97
N ALA A 375 41.06 -7.54 -5.46
CA ALA A 375 41.07 -7.02 -4.10
C ALA A 375 40.14 -5.82 -3.99
N PHE A 376 39.66 -5.56 -2.77
CA PHE A 376 38.73 -4.46 -2.54
C PHE A 376 39.33 -3.33 -1.70
N ALA A 377 38.69 -2.17 -1.77
CA ALA A 377 39.09 -1.03 -0.97
C ALA A 377 37.89 -0.11 -0.74
N LEU A 378 37.49 0.01 0.53
CA LEU A 378 36.34 0.82 0.95
C LEU A 378 35.10 0.74 0.05
N GLY A 379 34.74 -0.48 -0.34
CA GLY A 379 33.49 -0.72 -1.07
C GLY A 379 33.64 -0.73 -2.58
N SER A 380 34.78 -0.25 -3.07
CA SER A 380 35.04 -0.22 -4.51
C SER A 380 36.26 -1.07 -4.85
N VAL A 381 36.36 -1.46 -6.12
CA VAL A 381 37.44 -2.33 -6.56
C VAL A 381 38.74 -1.57 -6.78
N ILE A 382 39.86 -2.23 -6.52
CA ILE A 382 41.18 -1.67 -6.79
C ILE A 382 42.12 -2.80 -7.23
N ASN A 383 42.94 -2.54 -8.24
CA ASN A 383 43.81 -3.56 -8.81
C ASN A 383 45.20 -3.56 -8.20
N GLN A 384 45.26 -3.85 -6.91
CA GLN A 384 46.54 -4.07 -6.22
C GLN A 384 46.79 -5.57 -6.09
N ALA A 385 45.74 -6.35 -6.29
CA ALA A 385 45.82 -7.81 -6.23
C ALA A 385 44.82 -8.44 -7.19
N LEU A 386 45.27 -9.43 -7.96
CA LEU A 386 44.43 -10.09 -8.96
C LEU A 386 44.59 -11.61 -8.95
N ILE A 387 43.52 -12.31 -9.31
CA ILE A 387 43.54 -13.77 -9.45
C ILE A 387 42.74 -14.22 -10.67
N SER A 388 43.35 -15.01 -11.55
CA SER A 388 42.70 -15.38 -12.81
C SER A 388 43.27 -16.63 -13.50
N LYS A 389 42.38 -17.53 -13.89
CA LYS A 389 42.73 -18.65 -14.77
C LYS A 389 43.26 -18.10 -16.08
N GLN A 390 44.15 -18.83 -16.75
CA GLN A 390 44.69 -18.36 -18.03
C GLN A 390 43.57 -18.17 -19.05
N GLY A 391 43.56 -17.03 -19.72
CA GLY A 391 42.53 -16.71 -20.68
C GLY A 391 41.14 -16.72 -20.09
N SER A 392 41.04 -16.35 -18.81
CA SER A 392 39.75 -16.30 -18.12
C SER A 392 38.82 -15.35 -18.83
N TYR A 393 37.54 -15.70 -18.86
CA TYR A 393 36.55 -14.95 -19.62
C TYR A 393 36.45 -13.49 -19.18
N LEU A 394 36.38 -13.27 -17.86
CA LEU A 394 36.32 -11.91 -17.34
C LEU A 394 37.63 -11.16 -17.53
N THR A 395 38.75 -11.88 -17.49
CA THR A 395 40.06 -11.27 -17.71
C THR A 395 40.13 -10.71 -19.12
N ASN A 396 39.46 -11.38 -20.06
CA ASN A 396 39.34 -10.89 -21.42
C ASN A 396 38.42 -9.67 -21.49
N LEU A 397 37.39 -9.66 -20.66
CA LEU A 397 36.44 -8.55 -20.63
C LEU A 397 37.11 -7.26 -20.18
N VAL A 398 38.00 -7.37 -19.20
CA VAL A 398 38.75 -6.21 -18.74
C VAL A 398 39.66 -5.68 -19.84
N ILE A 399 40.32 -6.61 -20.54
CA ILE A 399 41.17 -6.25 -21.67
C ILE A 399 40.32 -5.63 -22.77
N GLU A 400 39.18 -6.24 -23.05
CA GLU A 400 38.22 -5.70 -24.01
C GLU A 400 37.78 -4.30 -23.60
N GLN A 401 37.60 -4.10 -22.30
CA GLN A 401 37.25 -2.79 -21.77
C GLN A 401 38.36 -1.78 -22.08
N VAL A 402 39.58 -2.10 -21.64
CA VAL A 402 40.73 -1.22 -21.81
C VAL A 402 40.93 -0.79 -23.27
N LYS A 403 40.81 -1.74 -24.19
CA LYS A 403 40.96 -1.44 -25.61
C LYS A 403 39.90 -0.47 -26.09
N ASN A 404 38.65 -0.71 -25.68
CA ASN A 404 37.54 0.16 -26.05
C ASN A 404 37.66 1.55 -25.41
N ARG A 405 38.29 1.60 -24.24
CA ARG A 405 38.53 2.88 -23.59
C ARG A 405 39.50 3.71 -24.42
N TYR A 406 40.61 3.10 -24.80
CA TYR A 406 41.64 3.78 -25.59
C TYR A 406 41.20 3.96 -27.04
N GLN A 407 40.34 3.06 -27.52
CA GLN A 407 39.79 3.19 -28.86
C GLN A 407 38.98 4.48 -28.97
N PHE A 408 38.28 4.82 -27.89
CA PHE A 408 37.52 6.06 -27.83
C PHE A 408 38.46 7.23 -27.59
N LEU A 409 39.39 7.06 -26.65
CA LEU A 409 40.35 8.11 -26.31
C LEU A 409 41.16 8.55 -27.52
N ASN A 410 41.85 7.60 -28.14
CA ASN A 410 42.72 7.91 -29.28
C ASN A 410 41.95 8.37 -30.52
N GLN A 411 40.69 7.97 -30.61
CA GLN A 411 39.85 8.39 -31.74
C GLN A 411 39.69 9.90 -31.77
N HIS A 412 39.72 10.50 -30.59
CA HIS A 412 39.58 11.95 -30.46
C HIS A 412 40.92 12.62 -30.19
N LEU A 413 41.80 11.93 -29.48
CA LEU A 413 43.08 12.51 -29.09
C LEU A 413 44.08 12.60 -30.26
N ASN A 414 44.17 11.53 -31.05
CA ASN A 414 45.12 11.50 -32.16
C ASN A 414 44.92 12.64 -33.17
N PRO A 415 43.68 12.90 -33.63
CA PRO A 415 43.59 14.01 -34.58
C PRO A 415 43.95 15.36 -33.95
N ALA A 416 43.76 15.49 -32.64
CA ALA A 416 44.14 16.69 -31.92
C ALA A 416 45.65 16.80 -31.80
N ILE A 417 46.28 15.70 -31.39
CA ILE A 417 47.73 15.66 -31.23
C ILE A 417 48.46 15.78 -32.57
N GLU A 418 47.91 15.13 -33.59
CA GLU A 418 48.52 15.06 -34.91
C GLU A 418 48.94 16.43 -35.44
N SER A 419 47.98 17.35 -35.54
CA SER A 419 48.29 18.72 -35.92
C SER A 419 49.17 19.36 -34.86
N ASP A 420 50.41 19.64 -35.22
CA ASP A 420 51.42 20.11 -34.26
C ASP A 420 51.06 21.46 -33.64
N ASN A 421 50.23 21.41 -32.61
CA ASN A 421 49.89 22.61 -31.85
C ASN A 421 50.47 22.52 -30.44
N ASN A 422 50.58 23.66 -29.77
CA ASN A 422 51.06 23.69 -28.39
C ASN A 422 50.05 23.05 -27.45
N PHE A 423 50.45 22.84 -26.20
CA PHE A 423 49.59 22.16 -25.23
C PHE A 423 48.24 22.85 -25.04
N THR A 424 48.27 24.18 -25.03
CA THR A 424 47.07 24.97 -24.80
C THR A 424 46.00 24.72 -25.86
N ASP A 425 46.42 24.68 -27.12
CA ASP A 425 45.48 24.55 -28.23
C ASP A 425 45.25 23.10 -28.61
N THR A 426 46.19 22.21 -28.25
CA THR A 426 46.01 20.80 -28.48
C THR A 426 44.88 20.27 -27.61
N THR A 427 44.86 20.72 -26.36
CA THR A 427 43.82 20.31 -25.42
C THR A 427 42.45 20.88 -25.78
N LYS A 428 42.45 22.10 -26.33
CA LYS A 428 41.19 22.74 -26.72
C LYS A 428 40.55 22.00 -27.89
N ILE A 429 41.37 21.46 -28.77
CA ILE A 429 40.87 20.64 -29.87
C ILE A 429 40.30 19.32 -29.34
N PHE A 430 41.05 18.70 -28.43
CA PHE A 430 40.67 17.42 -27.85
C PHE A 430 39.36 17.51 -27.08
N HIS A 431 39.23 18.54 -26.25
CA HIS A 431 38.01 18.72 -25.47
C HIS A 431 36.80 18.98 -26.36
N ASP A 432 36.98 19.85 -27.35
CA ASP A 432 35.94 20.14 -28.31
C ASP A 432 35.58 18.90 -29.12
N SER A 433 36.58 18.06 -29.38
CA SER A 433 36.34 16.82 -30.11
C SER A 433 35.54 15.83 -29.27
N LEU A 434 35.81 15.83 -27.96
CA LEU A 434 35.16 14.90 -27.05
C LEU A 434 33.67 15.19 -26.89
N PHE A 435 33.34 16.41 -26.50
CA PHE A 435 31.98 16.76 -26.14
C PHE A 435 31.11 17.11 -27.34
N ASN A 436 31.59 16.77 -28.53
CA ASN A 436 30.75 16.82 -29.73
C ASN A 436 30.17 15.44 -30.00
N SER A 437 30.89 14.41 -29.57
CA SER A 437 30.43 13.04 -29.67
C SER A 437 29.81 12.60 -28.34
N ALA A 438 29.61 13.58 -27.46
CA ALA A 438 29.07 13.31 -26.13
C ALA A 438 27.66 12.74 -26.17
N THR A 439 27.41 11.72 -25.36
CA THR A 439 26.09 11.14 -25.20
C THR A 439 25.65 11.20 -23.74
N ALA A 440 24.57 10.48 -23.42
CA ALA A 440 24.07 10.45 -22.06
C ALA A 440 24.74 9.34 -21.25
N GLU A 441 25.40 8.42 -21.96
CA GLU A 441 25.97 7.24 -21.34
C GLU A 441 27.48 7.37 -21.11
N ASN A 442 28.12 8.29 -21.84
CA ASN A 442 29.56 8.46 -21.72
C ASN A 442 29.97 9.84 -21.22
N SER A 443 28.98 10.62 -20.77
CA SER A 443 29.22 11.99 -20.32
C SER A 443 30.25 12.06 -19.20
N MET A 444 30.09 11.21 -18.19
CA MET A 444 31.00 11.18 -17.05
C MET A 444 32.36 10.62 -17.45
N PHE A 445 32.36 9.71 -18.42
CA PHE A 445 33.60 9.13 -18.93
C PHE A 445 34.42 10.18 -19.65
N LEU A 446 33.75 11.09 -20.35
CA LEU A 446 34.42 12.13 -21.10
C LEU A 446 35.16 13.12 -20.21
N THR A 447 34.48 13.59 -19.18
CA THR A 447 35.06 14.55 -18.25
C THR A 447 36.19 13.90 -17.46
N LYS A 448 36.16 12.58 -17.37
CA LYS A 448 37.18 11.84 -16.63
C LYS A 448 38.43 11.62 -17.46
N ILE A 449 38.30 11.67 -18.78
CA ILE A 449 39.45 11.47 -19.65
C ILE A 449 39.90 12.77 -20.30
N ALA A 450 39.22 13.86 -19.98
CA ALA A 450 39.58 15.16 -20.53
C ALA A 450 40.96 15.62 -20.09
N PRO A 451 41.31 15.43 -18.80
CA PRO A 451 42.68 15.86 -18.49
C PRO A 451 43.72 14.77 -18.71
N TYR A 452 43.56 13.99 -19.78
CA TYR A 452 44.41 12.82 -20.02
C TYR A 452 45.89 13.16 -20.17
N LEU A 453 46.18 14.19 -20.97
CA LEU A 453 47.55 14.60 -21.18
C LEU A 453 48.19 15.08 -19.88
N GLN A 454 47.38 15.74 -19.05
CA GLN A 454 47.85 16.37 -17.83
C GLN A 454 48.12 15.38 -16.70
N VAL A 455 47.68 14.13 -16.89
CA VAL A 455 47.81 13.11 -15.85
C VAL A 455 49.26 12.84 -15.48
N GLY A 456 49.58 13.06 -14.20
CA GLY A 456 50.91 12.81 -13.70
C GLY A 456 51.80 14.03 -13.66
N PHE A 457 51.30 15.14 -14.22
CA PHE A 457 52.08 16.37 -14.28
C PHE A 457 51.28 17.53 -13.69
N MET A 458 49.96 17.36 -13.64
CA MET A 458 49.10 18.36 -13.01
C MET A 458 48.17 17.70 -12.02
N PRO A 459 47.97 18.33 -10.85
CA PRO A 459 47.15 17.76 -9.79
C PRO A 459 45.65 17.75 -10.12
N GLU A 460 44.90 16.90 -9.41
CA GLU A 460 43.47 16.72 -9.63
C GLU A 460 43.16 16.25 -11.06
N ALA A 461 44.06 15.46 -11.62
CA ALA A 461 43.87 14.91 -12.96
C ALA A 461 44.17 13.42 -12.98
N ARG A 462 43.12 12.61 -12.91
CA ARG A 462 43.26 11.16 -12.83
C ARG A 462 42.40 10.44 -13.85
N SER A 463 42.91 10.29 -15.07
CA SER A 463 42.19 9.61 -16.14
C SER A 463 42.58 8.14 -16.23
N THR A 464 43.68 7.78 -15.58
CA THR A 464 44.19 6.41 -15.61
C THR A 464 43.15 5.42 -15.07
N ILE A 465 42.40 5.87 -14.06
CA ILE A 465 41.37 5.04 -13.43
C ILE A 465 40.29 4.61 -14.43
N SER A 466 39.88 5.54 -15.28
CA SER A 466 38.78 5.29 -16.20
C SER A 466 39.24 4.62 -17.48
N LEU A 467 40.55 4.44 -17.63
CA LEU A 467 41.11 3.81 -18.83
C LEU A 467 41.70 2.45 -18.54
N SER A 468 42.81 2.43 -17.80
CA SER A 468 43.47 1.18 -17.46
C SER A 468 43.40 0.91 -15.96
N GLY A 469 42.47 1.58 -15.28
CA GLY A 469 42.32 1.44 -13.84
C GLY A 469 41.11 0.65 -13.42
N PRO A 470 40.70 0.80 -12.15
CA PRO A 470 39.57 0.09 -11.53
C PRO A 470 38.26 0.24 -12.30
N GLY A 471 38.08 1.38 -12.96
CA GLY A 471 36.88 1.64 -13.73
C GLY A 471 36.64 0.61 -14.82
N ALA A 472 37.72 0.20 -15.47
CA ALA A 472 37.65 -0.80 -16.53
C ALA A 472 37.29 -2.16 -15.95
N TYR A 473 37.84 -2.45 -14.77
CA TYR A 473 37.54 -3.70 -14.07
C TYR A 473 36.06 -3.75 -13.67
N ALA A 474 35.61 -2.72 -12.97
CA ALA A 474 34.23 -2.65 -12.47
C ALA A 474 33.22 -2.75 -13.59
N SER A 475 33.52 -2.13 -14.72
CA SER A 475 32.66 -2.19 -15.90
C SER A 475 32.63 -3.60 -16.46
N ALA A 476 33.79 -4.25 -16.50
CA ALA A 476 33.89 -5.61 -17.01
C ALA A 476 33.15 -6.59 -16.09
N TYR A 477 33.08 -6.26 -14.81
CA TYR A 477 32.32 -7.06 -13.86
C TYR A 477 30.83 -6.97 -14.16
N TYR A 478 30.34 -5.75 -14.35
CA TYR A 478 28.94 -5.51 -14.68
C TYR A 478 28.58 -6.21 -15.99
N ASP A 479 29.55 -6.29 -16.90
CA ASP A 479 29.37 -6.96 -18.17
C ASP A 479 29.05 -8.44 -17.98
N PHE A 480 29.81 -9.10 -17.11
CA PHE A 480 29.65 -10.52 -16.88
C PHE A 480 28.39 -10.82 -16.07
N ILE A 481 28.12 -9.99 -15.06
CA ILE A 481 26.99 -10.21 -14.17
C ILE A 481 25.65 -10.13 -14.92
N ASN A 482 25.45 -9.05 -15.67
CA ASN A 482 24.19 -8.80 -16.34
C ASN A 482 24.17 -9.23 -17.81
N LEU A 483 25.14 -10.04 -18.20
CA LEU A 483 25.17 -10.65 -19.53
C LEU A 483 25.19 -9.66 -20.67
N GLN A 484 25.99 -8.61 -20.55
CA GLN A 484 26.06 -7.60 -21.59
C GLN A 484 27.51 -7.27 -21.91
N GLU A 485 27.70 -6.55 -23.01
CA GLU A 485 29.04 -6.18 -23.44
C GLU A 485 29.20 -4.66 -23.48
N ASN A 486 30.42 -4.21 -23.19
CA ASN A 486 30.78 -2.80 -23.29
C ASN A 486 29.89 -1.87 -22.47
N THR A 487 30.04 -1.91 -21.16
CA THR A 487 29.35 -0.97 -20.28
C THR A 487 30.34 0.12 -19.86
N ILE A 488 29.95 1.38 -20.05
CA ILE A 488 30.85 2.49 -19.80
C ILE A 488 30.94 2.83 -18.32
N GLU A 489 29.79 3.13 -17.71
CA GLU A 489 29.74 3.47 -16.29
C GLU A 489 28.38 3.16 -15.70
N LYS A 490 28.16 1.89 -15.36
CA LYS A 490 26.92 1.47 -14.72
C LYS A 490 27.20 0.99 -13.30
N THR A 491 26.23 1.19 -12.42
CA THR A 491 26.43 0.99 -10.98
C THR A 491 26.79 -0.44 -10.60
N LEU A 492 27.52 -0.57 -9.50
CA LEU A 492 27.85 -1.87 -8.95
C LEU A 492 27.22 -2.01 -7.56
N LYS A 493 26.63 -3.17 -7.30
CA LYS A 493 26.06 -3.45 -5.99
C LYS A 493 26.97 -4.37 -5.21
N ALA A 494 27.32 -3.95 -3.99
CA ALA A 494 28.27 -4.67 -3.16
C ALA A 494 27.83 -6.11 -2.87
N SER A 495 26.55 -6.39 -3.09
CA SER A 495 26.02 -7.74 -2.90
C SER A 495 26.41 -8.66 -4.05
N ASP A 496 26.90 -8.08 -5.15
CA ASP A 496 27.36 -8.84 -6.30
C ASP A 496 28.88 -8.88 -6.36
N LEU A 497 29.51 -7.91 -5.70
CA LEU A 497 30.97 -7.82 -5.66
C LEU A 497 31.58 -8.85 -4.73
N ILE A 498 30.80 -9.28 -3.73
CA ILE A 498 31.28 -10.20 -2.70
C ILE A 498 31.79 -11.53 -3.27
N GLU A 499 31.15 -12.01 -4.32
CA GLU A 499 31.50 -13.31 -4.88
C GLU A 499 32.70 -13.25 -5.81
N PHE A 500 33.25 -12.05 -5.96
CA PHE A 500 34.48 -11.86 -6.73
C PHE A 500 35.55 -11.25 -5.84
N LYS A 501 35.22 -11.11 -4.56
CA LYS A 501 36.12 -10.50 -3.60
C LYS A 501 37.32 -11.41 -3.33
N PHE A 502 38.50 -10.79 -3.27
CA PHE A 502 39.71 -11.50 -2.86
C PHE A 502 39.57 -11.96 -1.42
N PRO A 503 39.86 -13.26 -1.16
CA PRO A 503 39.78 -13.85 0.18
C PRO A 503 40.54 -13.02 1.22
N GLU A 504 39.85 -12.57 2.26
CA GLU A 504 40.39 -11.63 3.23
C GLU A 504 41.60 -12.18 4.00
N ASN A 505 41.67 -13.50 4.14
CA ASN A 505 42.74 -14.14 4.91
C ASN A 505 44.10 -14.08 4.22
N ASN A 506 44.12 -13.60 2.97
CA ASN A 506 45.35 -13.59 2.19
C ASN A 506 45.79 -12.20 1.74
N LEU A 507 44.92 -11.19 1.88
CA LEU A 507 45.22 -9.87 1.32
C LEU A 507 46.36 -9.14 2.03
N SER A 508 46.15 -8.79 3.30
CA SER A 508 47.06 -7.90 4.03
C SER A 508 47.40 -6.67 3.20
N GLN A 509 46.35 -5.98 2.75
CA GLN A 509 46.49 -4.82 1.87
C GLN A 509 47.22 -3.66 2.53
N LEU A 510 46.79 -3.31 3.73
CA LEU A 510 47.31 -2.14 4.44
C LEU A 510 48.76 -2.32 4.87
N THR A 511 49.63 -1.48 4.32
CA THR A 511 51.06 -1.57 4.58
C THR A 511 51.68 -0.19 4.54
N GLU A 512 52.83 -0.03 5.21
CA GLU A 512 53.56 1.24 5.24
C GLU A 512 53.72 1.88 3.87
N GLN A 513 54.00 1.07 2.86
CA GLN A 513 54.19 1.57 1.50
C GLN A 513 52.84 1.84 0.82
N GLU A 514 51.89 0.95 1.01
CA GLU A 514 50.58 1.07 0.37
C GLU A 514 49.84 2.33 0.86
N ILE A 515 50.00 2.64 2.15
CA ILE A 515 49.41 3.84 2.72
C ILE A 515 49.94 5.09 2.05
N ASN A 516 51.23 5.11 1.75
CA ASN A 516 51.86 6.25 1.09
C ASN A 516 51.59 6.28 -0.41
N SER A 517 51.24 5.12 -0.97
CA SER A 517 50.92 5.03 -2.40
C SER A 517 49.51 5.55 -2.68
N LEU A 518 48.73 5.72 -1.62
CA LEU A 518 47.34 6.16 -1.75
C LEU A 518 47.20 7.67 -1.66
N TRP A 519 48.29 8.36 -1.36
CA TRP A 519 48.29 9.82 -1.31
C TRP A 519 48.19 10.41 -2.71
N SER A 520 46.99 10.84 -3.08
CA SER A 520 46.74 11.35 -4.42
C SER A 520 47.46 12.68 -4.67
N PHE A 521 47.73 12.95 -5.94
CA PHE A 521 48.37 14.21 -6.33
C PHE A 521 47.31 15.29 -6.48
N ASP A 522 46.98 15.94 -5.36
CA ASP A 522 45.97 16.98 -5.33
C ASP A 522 46.58 18.36 -5.11
N GLN A 523 45.73 19.40 -5.10
CA GLN A 523 46.19 20.77 -4.91
C GLN A 523 46.63 20.97 -3.45
N ALA A 524 46.27 20.01 -2.59
CA ALA A 524 46.73 20.01 -1.21
C ALA A 524 48.22 19.69 -1.16
N SER A 525 48.63 18.64 -1.86
CA SER A 525 50.04 18.28 -1.92
C SER A 525 50.79 19.22 -2.87
N ALA A 526 50.09 19.73 -3.87
CA ALA A 526 50.67 20.67 -4.83
C ALA A 526 51.03 21.98 -4.15
N LYS A 527 50.36 22.25 -3.03
CA LYS A 527 50.64 23.43 -2.22
C LYS A 527 52.07 23.42 -1.70
N TYR A 528 52.50 22.27 -1.20
CA TYR A 528 53.81 22.16 -0.55
C TYR A 528 54.91 21.79 -1.54
N GLN A 529 54.57 20.99 -2.54
CA GLN A 529 55.54 20.61 -3.56
C GLN A 529 55.99 21.85 -4.34
N PHE A 530 55.04 22.75 -4.60
CA PHE A 530 55.35 24.02 -5.26
C PHE A 530 56.25 24.87 -4.37
N GLU A 531 55.99 24.84 -3.06
CA GLU A 531 56.77 25.61 -2.11
C GLU A 531 58.23 25.17 -2.11
N LYS A 532 58.45 23.86 -2.22
CA LYS A 532 59.80 23.32 -2.22
C LYS A 532 60.53 23.69 -3.52
N TYR A 533 59.78 23.78 -4.61
CA TYR A 533 60.34 24.17 -5.90
C TYR A 533 60.85 25.60 -5.84
N VAL A 534 60.13 26.46 -5.14
CA VAL A 534 60.52 27.85 -4.97
C VAL A 534 61.58 27.97 -3.88
N ARG A 535 61.49 27.10 -2.88
CA ARG A 535 62.44 27.05 -1.78
C ARG A 535 63.84 26.75 -2.29
N ASP A 536 63.91 25.97 -3.36
CA ASP A 536 65.19 25.58 -3.96
C ASP A 536 65.62 26.60 -5.01
N TYR A 537 64.66 27.18 -5.72
CA TYR A 537 64.97 28.15 -6.77
C TYR A 537 65.55 29.42 -6.16
N THR A 538 65.13 29.74 -4.95
CA THR A 538 65.60 30.94 -4.27
C THR A 538 65.73 30.69 -2.77
N GLY A 539 66.83 31.16 -2.18
CA GLY A 539 67.02 31.05 -0.75
C GLY A 539 66.02 31.93 -0.01
N GLY A 540 64.83 31.41 0.19
CA GLY A 540 63.76 32.15 0.84
C GLY A 540 63.35 31.58 2.17
N SER A 541 62.13 31.87 2.58
CA SER A 541 61.62 31.44 3.88
C SER A 541 60.12 31.19 3.85
N LEU A 542 59.60 30.67 4.95
CA LEU A 542 58.16 30.41 5.09
C LEU A 542 57.39 31.71 5.18
N SER A 543 56.20 31.75 4.58
CA SER A 543 55.39 32.96 4.55
C SER A 543 53.93 32.69 4.90
N GLU A 544 53.56 31.41 4.89
CA GLU A 544 52.17 31.01 5.13
C GLU A 544 51.76 31.32 6.57
N ASP A 545 52.74 31.34 7.47
CA ASP A 545 52.52 31.74 8.85
C ASP A 545 53.41 32.93 9.22
N ASN A 546 54.68 32.85 8.84
CA ASN A 546 55.65 33.88 9.18
C ASN A 546 55.38 35.19 8.46
N GLY A 547 55.69 36.30 9.12
CA GLY A 547 55.53 37.61 8.53
C GLY A 547 54.46 38.46 9.18
N VAL A 548 53.36 37.81 9.58
CA VAL A 548 52.22 38.54 10.13
C VAL A 548 51.75 37.97 11.47
N ASP A 549 52.06 36.70 11.72
CA ASP A 549 51.60 36.01 12.93
C ASP A 549 52.09 36.72 14.21
N PHE A 550 51.24 37.60 14.74
CA PHE A 550 51.61 38.40 15.91
C PHE A 550 50.76 38.08 17.13
N ASN A 551 51.03 38.78 18.22
CA ASN A 551 50.32 38.57 19.47
C ASN A 551 49.38 39.73 19.81
N LYS A 552 49.14 40.61 18.85
CA LYS A 552 48.27 41.75 19.07
C LYS A 552 46.82 41.31 19.20
N ASN A 553 46.42 40.93 20.41
CA ASN A 553 45.08 40.43 20.67
C ASN A 553 44.03 41.53 20.72
N THR A 554 43.66 42.03 19.54
CA THR A 554 42.68 43.11 19.43
C THR A 554 41.30 42.62 19.86
N ALA A 555 40.64 43.39 20.73
CA ALA A 555 39.29 43.06 21.16
C ALA A 555 38.27 43.58 20.16
N LEU A 556 37.04 43.11 20.26
CA LEU A 556 35.99 43.47 19.32
C LEU A 556 35.63 44.95 19.37
N ASP A 557 35.72 45.61 18.22
CA ASP A 557 35.17 46.95 18.07
C ASP A 557 33.69 46.81 17.77
N LYS A 558 32.86 47.06 18.79
CA LYS A 558 31.42 46.90 18.68
C LYS A 558 30.85 47.72 17.53
N ASN A 559 31.36 48.93 17.38
CA ASN A 559 30.96 49.81 16.28
C ASN A 559 31.33 49.22 14.93
N TYR A 560 32.51 48.61 14.85
CA TYR A 560 32.99 48.01 13.61
C TYR A 560 32.22 46.73 13.27
N LEU A 561 31.86 45.97 14.29
CA LEU A 561 31.18 44.69 14.07
C LEU A 561 29.70 44.89 13.79
N LEU A 562 29.17 46.05 14.19
CA LEU A 562 27.74 46.31 14.04
C LEU A 562 27.44 47.20 12.83
N ASN A 563 28.37 48.09 12.50
CA ASN A 563 28.16 49.03 11.41
C ASN A 563 29.16 48.86 10.27
N ASN A 564 29.65 47.64 10.12
CA ASN A 564 30.47 47.27 8.96
C ASN A 564 30.25 45.81 8.59
N LYS A 565 30.68 44.91 9.47
CA LYS A 565 30.58 43.48 9.18
C LYS A 565 29.12 43.05 8.97
N ILE A 566 28.30 43.24 9.99
CA ILE A 566 26.89 42.86 9.91
C ILE A 566 26.13 43.53 8.75
N PRO A 567 26.22 44.85 8.59
CA PRO A 567 25.38 45.41 7.53
C PRO A 567 25.94 45.20 6.11
N SER A 568 27.25 45.30 5.93
CA SER A 568 27.84 45.20 4.59
C SER A 568 28.07 43.76 4.16
N ASN A 569 27.49 42.82 4.89
CA ASN A 569 27.57 41.41 4.51
C ASN A 569 26.62 41.11 3.35
N ASN A 570 27.07 40.28 2.43
CA ASN A 570 26.27 39.94 1.26
C ASN A 570 26.07 38.44 1.12
N VAL A 571 26.61 37.68 2.08
CA VAL A 571 26.48 36.23 2.07
C VAL A 571 25.36 35.73 2.98
N GLU A 572 24.32 35.17 2.37
CA GLU A 572 23.24 34.56 3.13
C GLU A 572 23.12 33.09 2.76
N GLU A 573 22.95 32.24 3.78
CA GLU A 573 22.91 30.80 3.58
C GLU A 573 21.48 30.27 3.58
N ALA A 574 21.23 29.25 2.76
CA ALA A 574 19.88 28.74 2.55
C ALA A 574 19.53 27.62 3.52
N GLY A 575 20.54 27.04 4.15
CA GLY A 575 20.31 26.00 5.15
C GLY A 575 19.51 26.52 6.31
N SER A 576 18.71 25.66 6.92
CA SER A 576 17.86 26.05 8.04
C SER A 576 18.68 26.65 9.18
N LYS A 577 18.11 27.66 9.84
CA LYS A 577 18.83 28.42 10.85
C LYS A 577 18.66 27.85 12.26
N ASN A 578 18.27 26.59 12.36
CA ASN A 578 18.15 25.95 13.66
C ASN A 578 19.50 25.41 14.12
N TYR A 579 20.42 26.31 14.43
CA TYR A 579 21.77 25.94 14.83
C TYR A 579 22.44 27.07 15.61
N VAL A 580 23.37 26.70 16.48
CA VAL A 580 24.16 27.69 17.20
C VAL A 580 25.63 27.57 16.76
N HIS A 581 26.24 28.70 16.42
CA HIS A 581 27.58 28.70 15.84
C HIS A 581 28.62 29.26 16.81
N TYR A 582 29.64 28.46 17.10
CA TYR A 582 30.70 28.87 18.02
C TYR A 582 31.96 29.29 17.30
N ILE A 583 32.03 30.56 16.92
CA ILE A 583 33.21 31.09 16.27
C ILE A 583 34.29 31.40 17.31
N ILE A 584 35.34 30.60 17.32
CA ILE A 584 36.37 30.72 18.32
C ILE A 584 37.72 31.08 17.71
N GLN A 585 38.24 32.24 18.09
CA GLN A 585 39.56 32.67 17.65
C GLN A 585 40.63 32.07 18.57
N LEU A 586 41.60 31.39 17.98
CA LEU A 586 42.61 30.67 18.75
C LEU A 586 43.95 31.42 18.79
N GLN A 587 44.16 32.32 17.85
CA GLN A 587 45.42 33.05 17.75
C GLN A 587 45.19 34.55 17.62
N GLY A 588 46.19 35.33 18.01
CA GLY A 588 46.03 36.78 18.10
C GLY A 588 46.57 37.60 16.94
N ASP A 589 46.64 37.00 15.76
CA ASP A 589 47.03 37.74 14.57
C ASP A 589 45.83 38.53 14.04
N ASP A 590 46.08 39.48 13.15
CA ASP A 590 45.01 40.31 12.61
C ASP A 590 44.29 39.57 11.48
N ILE A 591 44.82 38.40 11.11
CA ILE A 591 44.21 37.59 10.07
C ILE A 591 43.01 36.82 10.61
N SER A 592 43.22 36.08 11.70
CA SER A 592 42.15 35.31 12.31
C SER A 592 41.08 36.23 12.90
N TYR A 593 41.49 37.44 13.27
CA TYR A 593 40.54 38.42 13.80
C TYR A 593 39.56 38.87 12.72
N GLU A 594 40.10 39.28 11.59
CA GLU A 594 39.28 39.74 10.46
C GLU A 594 38.39 38.62 9.94
N ALA A 595 38.83 37.37 10.14
CA ALA A 595 38.06 36.21 9.74
C ALA A 595 36.88 35.98 10.68
N THR A 596 37.13 36.06 11.99
CA THR A 596 36.09 35.85 12.99
C THR A 596 34.96 36.87 12.87
N CYS A 597 35.30 38.09 12.47
CA CYS A 597 34.32 39.15 12.36
C CYS A 597 33.50 39.02 11.09
N ASN A 598 34.05 38.34 10.10
CA ASN A 598 33.36 38.14 8.82
C ASN A 598 32.43 36.94 8.88
N LEU A 599 32.90 35.85 9.49
CA LEU A 599 32.10 34.64 9.65
C LEU A 599 30.89 34.91 10.55
N PHE A 600 31.05 35.85 11.47
CA PHE A 600 29.97 36.25 12.36
C PHE A 600 28.94 37.08 11.61
N SER A 601 29.41 37.84 10.63
CA SER A 601 28.56 38.74 9.86
C SER A 601 27.55 38.00 8.98
N LYS A 602 27.88 36.77 8.63
CA LYS A 602 27.02 35.97 7.76
C LYS A 602 25.70 35.65 8.46
N ASN A 603 25.78 35.21 9.71
CA ASN A 603 24.59 34.97 10.52
C ASN A 603 24.78 35.50 11.94
N PRO A 604 24.67 36.83 12.11
CA PRO A 604 24.94 37.49 13.39
C PRO A 604 23.92 37.16 14.48
N LYS A 605 22.82 36.53 14.10
CA LYS A 605 21.76 36.24 15.06
C LYS A 605 21.73 34.77 15.44
N ASN A 606 22.76 34.04 15.03
CA ASN A 606 22.86 32.61 15.34
C ASN A 606 24.25 32.24 15.85
N SER A 607 25.23 33.10 15.58
CA SER A 607 26.60 32.81 15.94
C SER A 607 27.07 33.68 17.12
N ILE A 608 28.19 33.30 17.71
CA ILE A 608 28.83 34.08 18.76
C ILE A 608 30.33 34.16 18.52
N ILE A 609 31.01 35.04 19.24
CA ILE A 609 32.45 35.21 19.09
C ILE A 609 33.19 35.00 20.42
N ILE A 610 34.12 34.04 20.42
CA ILE A 610 34.92 33.78 21.61
C ILE A 610 36.41 33.84 21.30
N GLN A 611 37.04 34.95 21.66
CA GLN A 611 38.48 35.11 21.46
C GLN A 611 39.26 34.35 22.52
N ARG A 612 39.40 33.04 22.30
CA ARG A 612 40.10 32.15 23.22
C ARG A 612 41.58 32.51 23.34
N ASN A 613 42.10 33.21 22.33
CA ASN A 613 43.50 33.63 22.30
C ASN A 613 43.91 34.44 23.54
N MET A 614 42.92 34.99 24.23
CA MET A 614 43.14 35.67 25.51
C MET A 614 42.61 34.79 26.64
N ASN A 615 43.50 33.95 27.18
CA ASN A 615 43.14 32.88 28.10
C ASN A 615 42.24 33.30 29.27
N GLU A 616 42.56 34.45 29.89
CA GLU A 616 41.82 34.91 31.05
C GLU A 616 40.59 35.73 30.69
N SER A 617 40.78 36.73 29.84
CA SER A 617 39.68 37.60 29.42
C SER A 617 38.97 37.04 28.19
N ALA A 618 38.47 35.81 28.31
CA ALA A 618 37.80 35.15 27.20
C ALA A 618 36.28 35.12 27.39
N LYS A 619 35.62 36.16 26.93
CA LYS A 619 34.17 36.27 27.05
C LYS A 619 33.50 36.02 25.70
N SER A 620 32.28 35.50 25.75
CA SER A 620 31.56 35.16 24.52
C SER A 620 30.69 36.32 24.04
N TYR A 621 31.20 37.07 23.07
CA TYR A 621 30.45 38.17 22.48
C TYR A 621 29.35 37.63 21.56
N PHE A 622 28.24 38.36 21.49
CA PHE A 622 27.15 37.99 20.59
C PHE A 622 26.20 39.16 20.36
N LEU A 623 25.31 38.99 19.39
CA LEU A 623 24.23 39.92 19.18
C LEU A 623 23.11 39.60 20.17
N SER A 624 22.56 40.63 20.80
CA SER A 624 21.51 40.45 21.79
C SER A 624 20.21 39.89 21.19
N ASP A 625 19.21 39.67 22.04
CA ASP A 625 17.90 39.24 21.57
C ASP A 625 17.33 40.26 20.60
N ASP A 626 17.67 41.53 20.84
CA ASP A 626 17.39 42.60 19.90
C ASP A 626 18.72 43.01 19.24
N GLY A 627 18.65 43.63 18.06
CA GLY A 627 19.84 44.10 17.40
C GLY A 627 20.38 45.39 18.01
N GLU A 628 20.99 46.21 17.17
CA GLU A 628 21.42 47.56 17.56
C GLU A 628 22.53 47.60 18.62
N SER A 629 22.83 46.46 19.25
CA SER A 629 23.92 46.41 20.22
C SER A 629 24.49 45.00 20.39
N ILE A 630 25.79 44.92 20.63
CA ILE A 630 26.45 43.64 20.89
C ILE A 630 26.62 43.43 22.40
N LEU A 631 25.79 42.57 22.96
CA LEU A 631 25.85 42.26 24.38
C LEU A 631 26.98 41.28 24.67
N GLU A 632 27.52 41.35 25.88
CA GLU A 632 28.64 40.50 26.27
C GLU A 632 28.20 39.53 27.35
N LEU A 633 28.91 38.40 27.44
CA LEU A 633 28.60 37.38 28.43
C LEU A 633 29.80 36.44 28.62
N ASN A 634 30.28 36.37 29.86
CA ASN A 634 31.44 35.55 30.19
C ASN A 634 31.15 34.06 30.10
N LYS A 635 32.11 33.25 30.54
CA LYS A 635 31.96 31.80 30.68
C LYS A 635 31.62 31.06 29.37
N TYR A 636 31.99 31.62 28.23
CA TYR A 636 31.83 30.95 26.93
C TYR A 636 30.40 30.57 26.55
N ARG A 637 29.42 30.97 27.36
CA ARG A 637 28.04 30.50 27.18
C ARG A 637 27.28 31.29 26.13
N ILE A 638 25.96 31.06 26.07
CA ILE A 638 25.12 31.63 25.01
C ILE A 638 23.83 32.24 25.56
N PRO A 639 23.18 33.13 24.77
CA PRO A 639 21.88 33.70 25.13
C PRO A 639 20.78 32.65 25.30
N GLU A 640 19.59 33.10 25.67
CA GLU A 640 18.47 32.21 25.93
C GLU A 640 17.84 31.66 24.65
N ARG A 641 17.70 32.52 23.65
CA ARG A 641 17.02 32.15 22.42
C ARG A 641 17.80 31.13 21.57
N LEU A 642 19.07 30.96 21.90
CA LEU A 642 19.93 30.02 21.16
C LEU A 642 20.15 28.72 21.94
N LYS A 643 19.28 28.47 22.93
CA LYS A 643 19.43 27.30 23.80
C LYS A 643 18.61 26.11 23.31
N ASN A 644 17.56 26.39 22.53
CA ASN A 644 16.67 25.34 22.05
C ASN A 644 17.15 24.72 20.74
N LYS A 645 18.21 25.29 20.18
CA LYS A 645 18.74 24.85 18.89
C LYS A 645 19.09 23.37 18.88
N GLU A 646 18.81 22.72 17.76
CA GLU A 646 19.06 21.29 17.60
C GLU A 646 20.51 21.00 17.21
N LYS A 647 21.10 21.91 16.45
CA LYS A 647 22.45 21.69 15.91
C LYS A 647 23.48 22.60 16.55
N VAL A 648 24.62 22.02 16.95
CA VAL A 648 25.72 22.82 17.45
C VAL A 648 26.81 22.92 16.39
N LYS A 649 27.11 24.15 15.99
CA LYS A 649 28.15 24.40 15.01
C LYS A 649 29.32 25.09 15.67
N VAL A 650 30.52 24.61 15.43
CA VAL A 650 31.71 25.22 16.04
C VAL A 650 32.83 25.39 15.01
N THR A 651 33.41 26.57 14.99
CA THR A 651 34.49 26.88 14.07
C THR A 651 35.72 27.42 14.79
N PHE A 652 36.79 26.63 14.82
CA PHE A 652 38.05 27.07 15.37
C PHE A 652 38.90 27.75 14.30
N ILE A 653 39.11 29.05 14.46
CA ILE A 653 39.87 29.82 13.48
C ILE A 653 41.30 30.06 13.95
N GLY A 654 42.26 29.55 13.19
CA GLY A 654 43.67 29.68 13.51
C GLY A 654 44.56 29.16 12.40
N HIS A 655 45.79 29.65 12.36
CA HIS A 655 46.74 29.24 11.31
C HIS A 655 47.32 27.87 11.59
N GLY A 656 47.86 27.23 10.56
CA GLY A 656 48.37 25.87 10.67
C GLY A 656 49.77 25.67 10.16
N LYS A 657 50.38 24.56 10.58
CA LYS A 657 51.74 24.22 10.21
C LYS A 657 51.90 24.02 8.71
N ASP A 658 53.04 24.45 8.18
CA ASP A 658 53.32 24.33 6.76
C ASP A 658 53.86 22.94 6.43
N GLU A 659 52.98 21.95 6.43
CA GLU A 659 53.36 20.56 6.27
C GLU A 659 52.28 19.76 5.55
N PHE A 660 52.68 18.82 4.70
CA PHE A 660 51.71 17.91 4.10
C PHE A 660 51.07 17.06 5.19
N ASN A 661 49.75 17.10 5.26
CA ASN A 661 49.00 16.49 6.35
C ASN A 661 49.50 17.03 7.70
N THR A 662 49.04 18.23 8.03
CA THR A 662 49.43 18.93 9.24
C THR A 662 49.11 18.10 10.48
N SER A 663 49.93 18.22 11.52
CA SER A 663 49.67 17.55 12.78
C SER A 663 49.50 18.57 13.90
N GLU A 664 49.76 19.83 13.58
CA GLU A 664 49.66 20.91 14.56
C GLU A 664 48.82 22.08 14.04
N PHE A 665 47.59 22.19 14.52
CA PHE A 665 46.71 23.31 14.16
C PHE A 665 46.76 24.40 15.24
N ALA A 666 47.25 25.58 14.85
CA ALA A 666 47.37 26.72 15.76
C ALA A 666 48.20 26.38 17.00
N ARG A 667 49.35 25.74 16.77
CA ARG A 667 50.26 25.32 17.83
C ARG A 667 49.55 24.35 18.79
N LEU A 668 48.58 23.63 18.27
CA LEU A 668 47.88 22.60 19.05
C LEU A 668 47.98 21.24 18.37
N SER A 669 48.50 20.26 19.11
CA SER A 669 48.60 18.89 18.61
C SER A 669 47.21 18.25 18.50
N VAL A 670 47.17 17.01 18.01
CA VAL A 670 45.92 16.29 17.87
C VAL A 670 45.24 16.09 19.22
N ASP A 671 46.02 15.61 20.19
CA ASP A 671 45.51 15.35 21.53
C ASP A 671 45.49 16.63 22.37
N SER A 672 46.07 17.69 21.84
CA SER A 672 46.14 18.97 22.54
C SER A 672 44.86 19.77 22.35
N LEU A 673 44.24 19.65 21.19
CA LEU A 673 42.99 20.34 20.92
C LEU A 673 41.82 19.56 21.54
N SER A 674 41.94 18.24 21.56
CA SER A 674 40.92 17.40 22.18
C SER A 674 40.75 17.75 23.66
N ASN A 675 41.87 18.00 24.33
CA ASN A 675 41.84 18.43 25.72
C ASN A 675 41.30 19.85 25.85
N GLU A 676 41.39 20.62 24.76
CA GLU A 676 40.87 21.98 24.74
C GLU A 676 39.38 21.96 24.38
N ILE A 677 39.02 21.03 23.50
CA ILE A 677 37.63 20.86 23.12
C ILE A 677 36.83 20.30 24.30
N SER A 678 37.45 19.39 25.04
CA SER A 678 36.84 18.85 26.25
C SER A 678 36.74 19.89 27.36
N SER A 679 37.75 20.75 27.47
CA SER A 679 37.76 21.80 28.47
C SER A 679 37.03 23.06 27.97
N PHE A 680 36.01 22.85 27.14
CA PHE A 680 35.21 23.94 26.61
C PHE A 680 33.79 23.44 26.37
N LEU A 681 33.69 22.14 26.08
CA LEU A 681 32.42 21.49 25.82
C LEU A 681 31.55 21.38 27.07
N ASP A 682 32.19 21.10 28.20
CA ASP A 682 31.49 20.96 29.47
C ASP A 682 30.84 22.28 29.89
N THR A 683 31.43 23.39 29.45
CA THR A 683 30.92 24.71 29.78
C THR A 683 29.68 25.01 28.95
N ILE A 684 29.47 24.24 27.90
CA ILE A 684 28.39 24.47 26.94
C ILE A 684 27.14 23.65 27.31
N LYS A 685 27.34 22.51 27.94
CA LYS A 685 26.25 21.57 28.23
C LYS A 685 25.10 22.17 29.04
N LEU A 686 25.36 23.25 29.77
CA LEU A 686 24.36 23.83 30.66
C LEU A 686 23.36 24.70 29.91
N ASP A 687 23.60 24.90 28.62
CA ASP A 687 22.74 25.76 27.83
C ASP A 687 22.06 25.03 26.68
N ILE A 688 22.66 23.93 26.22
CA ILE A 688 22.10 23.23 25.07
C ILE A 688 22.38 21.73 25.08
N SER A 689 21.37 20.95 24.72
CA SER A 689 21.49 19.52 24.53
C SER A 689 21.06 19.17 23.10
N PRO A 690 22.01 19.24 22.16
CA PRO A 690 21.76 19.09 20.72
C PRO A 690 21.58 17.65 20.26
N LYS A 691 21.21 17.47 19.00
CA LYS A 691 21.08 16.14 18.41
C LYS A 691 22.32 15.79 17.59
N ASN A 692 23.06 16.81 17.18
CA ASN A 692 24.30 16.62 16.41
C ASN A 692 25.23 17.82 16.52
N VAL A 693 26.46 17.65 16.07
CA VAL A 693 27.46 18.71 16.19
C VAL A 693 28.39 18.73 14.96
N GLU A 694 28.77 19.93 14.53
CA GLU A 694 29.64 20.08 13.38
C GLU A 694 30.89 20.88 13.73
N VAL A 695 32.06 20.27 13.55
CA VAL A 695 33.32 20.92 13.91
C VAL A 695 34.05 21.48 12.70
N ASN A 696 34.17 22.79 12.65
CA ASN A 696 34.87 23.46 11.55
C ASN A 696 36.30 23.82 11.91
N LEU A 697 37.21 23.55 10.99
CA LEU A 697 38.61 23.93 11.17
C LEU A 697 39.06 24.82 10.02
N LEU A 698 39.17 26.12 10.30
CA LEU A 698 39.58 27.10 9.31
C LEU A 698 41.00 27.59 9.56
N GLY A 699 41.77 27.75 8.49
CA GLY A 699 43.13 28.21 8.59
C GLY A 699 44.00 27.61 7.50
N CYS A 700 45.17 28.19 7.29
CA CYS A 700 46.08 27.74 6.25
C CYS A 700 46.47 26.28 6.40
N ASN A 701 46.67 25.60 5.27
CA ASN A 701 47.11 24.21 5.24
C ASN A 701 46.16 23.26 5.95
N MET A 702 44.85 23.50 5.79
CA MET A 702 43.84 22.66 6.41
C MET A 702 42.87 22.11 5.37
N PHE A 703 43.19 20.94 4.83
CA PHE A 703 42.41 20.34 3.75
C PHE A 703 41.62 19.13 4.21
N SER A 704 40.70 18.67 3.37
CA SER A 704 39.97 17.44 3.59
C SER A 704 40.42 16.40 2.56
N TYR A 705 41.26 15.46 2.97
CA TYR A 705 41.91 14.54 2.05
C TYR A 705 41.00 13.41 1.57
N ASP A 706 41.31 12.88 0.39
CA ASP A 706 40.53 11.81 -0.22
C ASP A 706 40.63 10.52 0.58
N PHE A 707 41.78 9.86 0.49
CA PHE A 707 41.97 8.55 1.09
C PHE A 707 42.57 8.63 2.49
N ASN A 708 42.35 7.56 3.26
CA ASN A 708 42.79 7.44 4.65
C ASN A 708 42.79 8.75 5.45
N VAL A 709 41.59 9.24 5.75
CA VAL A 709 41.46 10.40 6.62
C VAL A 709 41.88 9.99 8.04
N GLU A 710 41.76 8.70 8.32
CA GLU A 710 42.36 8.13 9.52
C GLU A 710 43.87 8.24 9.36
N GLU A 711 44.58 8.43 10.47
CA GLU A 711 46.02 8.72 10.46
C GLU A 711 46.26 10.02 9.71
N THR A 712 45.39 10.99 9.94
CA THR A 712 45.43 12.27 9.24
C THR A 712 44.52 13.30 9.90
N TYR A 713 45.11 14.37 10.40
CA TYR A 713 44.38 15.50 10.96
C TYR A 713 43.39 16.05 9.93
N PRO A 714 42.12 16.22 10.31
CA PRO A 714 41.56 15.98 11.64
C PRO A 714 40.83 14.65 11.78
N GLY A 715 41.22 13.65 11.00
CA GLY A 715 40.63 12.32 11.14
C GLY A 715 41.06 11.70 12.46
N LYS A 716 42.24 12.09 12.94
CA LYS A 716 42.74 11.65 14.24
C LYS A 716 41.97 12.36 15.36
N LEU A 717 41.38 13.50 15.04
CA LEU A 717 40.70 14.33 16.01
C LEU A 717 39.28 13.87 16.29
N LEU A 718 38.62 13.36 15.26
CA LEU A 718 37.24 12.90 15.39
C LEU A 718 37.12 11.75 16.37
N LEU A 719 38.13 10.89 16.40
CA LEU A 719 38.14 9.76 17.32
C LEU A 719 38.21 10.23 18.77
N SER A 720 39.07 11.19 19.03
CA SER A 720 39.25 11.72 20.39
C SER A 720 37.99 12.40 20.90
N ILE A 721 37.38 13.21 20.04
CA ILE A 721 36.22 14.00 20.44
C ILE A 721 34.97 13.13 20.59
N MET A 722 34.82 12.15 19.70
CA MET A 722 33.62 11.31 19.61
C MET A 722 33.08 10.81 20.95
N ASP A 723 33.87 9.99 21.65
CA ASP A 723 33.41 9.41 22.91
C ASP A 723 33.40 10.45 24.04
N LYS A 724 34.20 11.49 23.87
CA LYS A 724 34.29 12.54 24.88
C LYS A 724 33.21 13.62 24.72
N ILE A 725 32.43 13.52 23.65
CA ILE A 725 31.36 14.47 23.42
C ILE A 725 29.97 13.82 23.53
N THR A 726 29.91 12.51 23.29
CA THR A 726 28.63 11.81 23.28
C THR A 726 28.15 11.54 24.69
N SER A 727 29.08 11.50 25.64
CA SER A 727 28.75 11.27 27.05
C SER A 727 28.51 12.60 27.75
N THR A 728 28.91 13.68 27.08
CA THR A 728 28.76 15.03 27.62
C THR A 728 27.43 15.63 27.20
N LEU A 729 27.11 15.47 25.92
CA LEU A 729 25.84 15.97 25.39
C LEU A 729 24.94 14.81 24.96
N PRO A 730 23.88 14.54 25.74
CA PRO A 730 22.93 13.47 25.42
C PRO A 730 22.13 13.76 24.16
N ASP A 731 21.38 12.77 23.68
CA ASP A 731 20.58 12.88 22.45
C ASP A 731 21.44 13.12 21.21
N VAL A 732 22.76 13.15 21.38
CA VAL A 732 23.69 13.21 20.26
C VAL A 732 23.97 11.79 19.78
N ASN A 733 23.53 11.49 18.56
CA ASN A 733 23.75 10.16 17.97
C ASN A 733 25.24 9.82 17.99
N LYS A 734 25.54 8.53 18.20
CA LYS A 734 26.92 8.06 18.35
C LYS A 734 27.80 8.43 17.15
N ASN A 735 27.16 8.74 16.02
CA ASN A 735 27.89 9.01 14.79
C ASN A 735 27.44 10.28 14.07
N SER A 736 26.56 11.06 14.71
CA SER A 736 26.12 12.33 14.12
C SER A 736 27.07 13.45 14.50
N ILE A 737 28.36 13.24 14.24
CA ILE A 737 29.40 14.20 14.58
C ILE A 737 30.28 14.48 13.37
N THR A 738 30.09 15.63 12.74
CA THR A 738 30.82 15.97 11.51
C THR A 738 31.96 16.94 11.78
N ILE A 739 33.07 16.73 11.07
CA ILE A 739 34.22 17.61 11.19
C ILE A 739 34.71 18.06 9.81
N GLY A 740 34.91 19.37 9.66
CA GLY A 740 35.32 19.93 8.38
C GLY A 740 36.59 20.76 8.46
N ALA A 741 37.48 20.55 7.50
CA ALA A 741 38.72 21.31 7.40
C ALA A 741 38.68 22.26 6.22
N ASN A 742 38.69 23.55 6.50
CA ASN A 742 38.70 24.58 5.47
C ASN A 742 40.00 25.38 5.55
N GLN A 743 40.36 26.04 4.46
CA GLN A 743 41.61 26.79 4.43
C GLN A 743 41.38 28.30 4.38
N TYR A 744 40.28 28.70 3.77
CA TYR A 744 40.02 30.11 3.51
C TYR A 744 38.69 30.59 4.07
N GLU A 745 38.54 31.91 4.11
CA GLU A 745 37.27 32.54 4.46
C GLU A 745 36.83 33.43 3.30
N VAL A 746 35.60 33.27 2.86
CA VAL A 746 35.12 33.93 1.65
C VAL A 746 33.99 34.92 1.92
N ARG A 747 34.06 36.08 1.28
CA ARG A 747 33.00 37.08 1.36
C ARG A 747 32.49 37.42 -0.04
N ILE A 748 31.43 38.20 -0.11
CA ILE A 748 30.92 38.70 -1.39
C ILE A 748 30.90 40.24 -1.37
N ASN A 749 31.67 40.86 -2.26
CA ASN A 749 31.83 42.32 -2.24
C ASN A 749 30.58 43.05 -2.75
N SER A 750 30.72 44.37 -2.89
CA SER A 750 29.61 45.23 -3.30
C SER A 750 29.19 45.00 -4.75
N GLU A 751 30.05 44.36 -5.53
CA GLU A 751 29.74 44.12 -6.94
C GLU A 751 29.19 42.71 -7.18
N GLY A 752 29.40 41.82 -6.22
CA GLY A 752 28.89 40.47 -6.32
C GLY A 752 29.96 39.44 -6.64
N ARG A 753 31.22 39.81 -6.45
CA ARG A 753 32.33 38.89 -6.68
C ARG A 753 32.89 38.36 -5.37
N LYS A 754 33.05 37.03 -5.29
CA LYS A 754 33.58 36.39 -4.10
C LYS A 754 35.02 36.80 -3.86
N GLU A 755 35.33 37.17 -2.61
CA GLU A 755 36.67 37.62 -2.26
C GLU A 755 37.31 36.73 -1.21
N LEU A 756 38.60 36.94 -0.98
CA LEU A 756 39.39 36.03 -0.16
C LEU A 756 40.31 36.73 0.81
N LEU A 757 40.21 36.38 2.10
CA LEU A 757 41.10 36.90 3.12
C LEU A 757 42.37 36.06 3.21
N ALA A 758 43.42 36.52 2.54
CA ALA A 758 44.72 35.85 2.61
C ALA A 758 45.54 36.42 3.76
N HIS A 759 46.73 35.87 3.97
CA HIS A 759 47.61 36.33 5.03
C HIS A 759 48.14 37.73 4.74
N SER A 760 47.88 38.22 3.53
CA SER A 760 48.20 39.59 3.16
C SER A 760 47.41 40.56 4.03
N GLY A 761 46.21 40.15 4.44
CA GLY A 761 45.37 40.96 5.30
C GLY A 761 44.32 41.73 4.52
N LYS A 762 44.19 41.41 3.24
CA LYS A 762 43.24 42.10 2.38
C LYS A 762 42.39 41.11 1.59
N TRP A 763 41.14 41.49 1.31
CA TRP A 763 40.23 40.63 0.58
C TRP A 763 40.45 40.74 -0.92
N ILE A 764 40.91 39.64 -1.53
CA ILE A 764 41.26 39.62 -2.94
C ILE A 764 40.37 38.67 -3.74
N ASN A 765 40.25 38.94 -5.05
CA ASN A 765 39.44 38.11 -5.92
C ASN A 765 40.25 37.03 -6.61
N LYS A 766 40.50 35.93 -5.89
CA LYS A 766 41.17 34.78 -6.47
C LYS A 766 40.16 33.69 -6.75
N GLU A 767 39.54 33.75 -7.92
CA GLU A 767 38.45 32.85 -8.28
C GLU A 767 38.84 31.38 -8.14
N GLU A 768 39.91 30.98 -8.82
CA GLU A 768 40.34 29.57 -8.80
C GLU A 768 40.67 29.10 -7.39
N ALA A 769 41.24 29.98 -6.57
CA ALA A 769 41.57 29.62 -5.20
C ALA A 769 40.33 29.48 -4.35
N ILE A 770 39.37 30.39 -4.55
CA ILE A 770 38.13 30.37 -3.81
C ILE A 770 37.23 29.20 -4.22
N MET A 771 37.00 29.07 -5.53
CA MET A 771 36.13 28.03 -6.06
C MET A 771 36.65 26.62 -5.75
N SER A 772 37.97 26.45 -5.77
CA SER A 772 38.57 25.16 -5.48
C SER A 772 38.42 24.81 -4.00
N ASP A 773 38.55 25.81 -3.15
CA ASP A 773 38.51 25.59 -1.71
C ASP A 773 37.11 25.28 -1.22
N LEU A 774 36.11 25.96 -1.79
CA LEU A 774 34.71 25.73 -1.42
C LEU A 774 34.25 24.33 -1.82
N SER A 775 34.88 23.78 -2.85
CA SER A 775 34.51 22.47 -3.37
C SER A 775 35.39 21.36 -2.81
N SER A 776 36.53 21.73 -2.25
CA SER A 776 37.45 20.75 -1.69
C SER A 776 37.03 20.33 -0.27
N LYS A 777 36.28 21.21 0.39
CA LYS A 777 35.88 21.00 1.78
C LYS A 777 34.96 19.79 1.93
N GLU A 778 35.26 18.95 2.93
CA GLU A 778 34.44 17.79 3.24
C GLU A 778 34.12 17.70 4.73
N TYR A 779 33.06 16.95 5.05
CA TYR A 779 32.68 16.72 6.43
C TYR A 779 32.80 15.23 6.78
N ILE A 780 33.72 14.93 7.69
CA ILE A 780 33.98 13.55 8.08
C ILE A 780 33.18 13.18 9.33
N PHE A 781 32.62 11.96 9.33
CA PHE A 781 31.90 11.47 10.49
C PHE A 781 32.20 9.99 10.74
N PHE A 782 31.52 9.40 11.71
CA PHE A 782 31.73 8.00 12.06
C PHE A 782 30.65 7.13 11.41
N ASP A 783 31.03 5.96 10.91
CA ASP A 783 30.10 5.11 10.18
C ASP A 783 28.96 4.61 11.07
N SER A 784 27.78 4.47 10.47
CA SER A 784 26.60 4.02 11.20
C SER A 784 26.76 2.56 11.64
N ILE A 785 27.53 1.81 10.88
CA ILE A 785 27.77 0.40 11.17
C ILE A 785 29.01 0.26 12.06
N ASP A 786 29.48 1.39 12.60
CA ASP A 786 30.59 1.45 13.56
C ASP A 786 31.91 1.03 12.89
N ASN A 787 31.87 0.79 11.58
CA ASN A 787 33.02 0.33 10.82
C ASN A 787 34.22 1.28 10.88
N LYS A 788 34.18 2.32 10.06
CA LYS A 788 35.31 3.24 9.93
C LYS A 788 34.87 4.70 9.87
N LEU A 789 35.76 5.56 9.38
CA LEU A 789 35.45 6.97 9.17
C LEU A 789 35.07 7.22 7.72
N LYS A 790 33.90 7.80 7.51
CA LYS A 790 33.44 8.13 6.16
C LYS A 790 33.14 9.62 6.03
N ALA A 791 33.14 10.10 4.79
CA ALA A 791 32.84 11.51 4.52
C ALA A 791 31.46 11.65 3.91
N LYS A 792 30.62 12.46 4.53
CA LYS A 792 29.27 12.70 4.02
C LYS A 792 29.33 13.38 2.65
N SER A 793 28.44 12.97 1.76
CA SER A 793 28.41 13.53 0.40
C SER A 793 28.19 15.03 0.44
N LYS A 794 28.91 15.75 -0.42
CA LYS A 794 28.78 17.19 -0.52
C LYS A 794 27.40 17.59 -1.00
N ASN A 795 27.03 18.84 -0.77
CA ASN A 795 25.75 19.35 -1.24
C ASN A 795 25.67 19.37 -2.76
N ILE A 796 24.81 18.50 -3.30
CA ILE A 796 24.65 18.40 -4.75
C ILE A 796 24.19 19.73 -5.37
N PRO A 797 23.18 20.40 -4.79
CA PRO A 797 22.89 21.72 -5.37
C PRO A 797 24.01 22.73 -5.11
N GLY A 798 24.87 22.44 -4.15
CA GLY A 798 25.98 23.31 -3.82
C GLY A 798 27.06 23.27 -4.88
N LEU A 799 27.56 22.07 -5.18
CA LEU A 799 28.60 21.90 -6.18
C LEU A 799 28.12 22.39 -7.55
N ALA A 800 26.84 22.19 -7.81
CA ALA A 800 26.23 22.69 -9.03
C ALA A 800 26.30 24.21 -9.07
N SER A 801 25.95 24.84 -7.95
CA SER A 801 25.99 26.29 -7.83
C SER A 801 27.39 26.84 -8.06
N ILE A 802 28.41 26.05 -7.71
CA ILE A 802 29.79 26.45 -7.96
C ILE A 802 30.11 26.38 -9.44
N SER A 803 29.81 25.24 -10.07
CA SER A 803 30.09 25.06 -11.49
C SER A 803 29.29 26.06 -12.33
N GLU A 804 28.10 26.41 -11.85
CA GLU A 804 27.29 27.43 -12.51
C GLU A 804 28.02 28.79 -12.50
N ASP A 805 28.68 29.07 -11.39
CA ASP A 805 29.49 30.29 -11.28
C ASP A 805 30.69 30.20 -12.21
N ILE A 806 31.28 29.00 -12.30
CA ILE A 806 32.44 28.78 -13.17
C ILE A 806 32.09 29.05 -14.63
N LYS A 807 30.92 28.58 -15.04
CA LYS A 807 30.46 28.75 -16.42
C LYS A 807 30.36 30.22 -16.80
N THR A 808 29.73 31.01 -15.94
CA THR A 808 29.55 32.44 -16.20
C THR A 808 30.88 33.17 -16.24
N LEU A 809 31.86 32.65 -15.52
CA LEU A 809 33.22 33.18 -15.58
C LEU A 809 33.84 32.82 -16.92
N LEU A 810 33.71 31.55 -17.32
CA LEU A 810 34.21 31.09 -18.60
C LEU A 810 33.49 31.76 -19.77
N LEU A 811 32.26 32.20 -19.52
CA LEU A 811 31.44 32.81 -20.56
C LEU A 811 31.96 34.18 -20.97
N ASP A 812 32.29 35.01 -20.00
CA ASP A 812 32.76 36.37 -20.26
C ASP A 812 34.23 36.37 -20.69
N ALA A 813 34.62 37.44 -21.39
CA ALA A 813 35.93 37.50 -22.02
C ALA A 813 37.00 38.13 -21.13
N SER A 814 36.57 38.94 -20.16
CA SER A 814 37.50 39.65 -19.29
C SER A 814 37.98 38.78 -18.14
N VAL A 815 38.73 37.72 -18.48
CA VAL A 815 39.28 36.82 -17.48
C VAL A 815 40.42 36.01 -18.11
N SER A 816 41.52 35.89 -17.37
CA SER A 816 42.76 35.27 -17.85
C SER A 816 42.54 33.87 -18.42
N PRO A 817 43.10 33.61 -19.61
CA PRO A 817 43.07 32.29 -20.26
C PRO A 817 43.73 31.23 -19.39
N ASP A 818 44.69 31.65 -18.57
CA ASP A 818 45.33 30.74 -17.63
C ASP A 818 44.33 30.31 -16.56
N THR A 819 43.50 31.25 -16.11
CA THR A 819 42.49 30.97 -15.11
C THR A 819 41.29 30.22 -15.72
N LYS A 820 40.94 30.59 -16.95
CA LYS A 820 39.89 29.90 -17.70
C LYS A 820 40.19 28.40 -17.80
N PHE A 821 41.45 28.09 -18.11
CA PHE A 821 41.89 26.71 -18.28
C PHE A 821 41.75 25.91 -16.99
N ILE A 822 42.10 26.53 -15.87
CA ILE A 822 42.08 25.85 -14.58
C ILE A 822 40.66 25.73 -14.04
N LEU A 823 39.86 26.77 -14.23
CA LEU A 823 38.47 26.75 -13.83
C LEU A 823 37.69 25.70 -14.62
N ASN A 824 38.13 25.46 -15.86
CA ASN A 824 37.52 24.44 -16.69
C ASN A 824 37.84 23.04 -16.16
N ASN A 825 39.10 22.82 -15.78
CA ASN A 825 39.50 21.57 -15.14
C ASN A 825 38.80 21.37 -13.81
N LEU A 826 38.53 22.48 -13.14
CA LEU A 826 37.81 22.45 -11.87
C LEU A 826 36.36 22.08 -12.09
N LYS A 827 35.75 22.68 -13.11
CA LYS A 827 34.36 22.41 -13.45
C LYS A 827 34.14 20.94 -13.76
N LEU A 828 35.03 20.37 -14.58
CA LEU A 828 34.95 18.96 -14.93
C LEU A 828 35.12 18.06 -13.72
N ASN A 829 36.05 18.43 -12.85
CA ASN A 829 36.27 17.68 -11.61
C ASN A 829 35.06 17.73 -10.70
N ILE A 830 34.39 18.88 -10.68
CA ILE A 830 33.18 19.06 -9.88
C ILE A 830 32.02 18.28 -10.48
N GLU A 831 31.86 18.38 -11.80
CA GLU A 831 30.84 17.62 -12.51
C GLU A 831 31.05 16.13 -12.35
N SER A 832 32.32 15.71 -12.36
CA SER A 832 32.66 14.31 -12.19
C SER A 832 32.35 13.81 -10.77
N SER A 833 32.48 14.71 -9.80
CA SER A 833 32.23 14.37 -8.40
C SER A 833 30.75 14.10 -8.17
N ILE A 834 29.91 14.95 -8.76
CA ILE A 834 28.45 14.81 -8.65
C ILE A 834 28.00 13.49 -9.24
N GLY A 835 28.61 13.11 -10.37
CA GLY A 835 28.27 11.85 -11.02
C GLY A 835 28.70 10.63 -10.24
N ASP A 836 29.76 10.76 -9.45
CA ASP A 836 30.29 9.64 -8.68
C ASP A 836 29.34 9.24 -7.56
N TYR A 837 28.64 10.22 -6.99
CA TYR A 837 27.69 9.97 -5.91
C TYR A 837 26.56 9.03 -6.35
N ILE A 838 26.20 9.14 -7.63
CA ILE A 838 25.17 8.29 -8.21
C ILE A 838 25.77 6.95 -8.62
N TYR A 839 27.05 6.97 -8.97
CA TYR A 839 27.75 5.78 -9.43
C TYR A 839 28.26 4.93 -8.26
N TYR A 840 28.59 5.60 -7.14
CA TYR A 840 29.13 4.89 -5.98
C TYR A 840 28.06 4.55 -4.95
N GLU A 841 26.82 4.94 -5.24
CA GLU A 841 25.70 4.73 -4.32
C GLU A 841 25.99 5.30 -2.94
N LYS A 842 26.30 6.60 -2.89
CA LYS A 842 26.67 7.24 -1.64
C LYS A 842 25.54 8.09 -1.05
N LEU A 843 24.42 8.16 -1.77
CA LEU A 843 23.30 9.00 -1.36
C LEU A 843 22.21 8.19 -0.64
N GLU A 844 22.10 8.39 0.67
CA GLU A 844 21.14 7.66 1.49
C GLU A 844 19.75 8.28 1.38
N PRO A 845 18.70 7.48 1.61
CA PRO A 845 17.32 7.98 1.53
C PRO A 845 17.02 9.04 2.58
N VAL A 846 15.98 9.84 2.32
CA VAL A 846 15.60 10.92 3.22
C VAL A 846 15.06 10.39 4.55
N LYS A 847 15.63 10.87 5.64
CA LYS A 847 15.15 10.54 6.97
C LYS A 847 14.64 11.80 7.67
N ASN A 848 13.36 12.09 7.48
CA ASN A 848 12.75 13.31 8.03
C ASN A 848 12.79 13.32 9.55
N ILE A 849 12.86 14.52 10.11
CA ILE A 849 12.92 14.70 11.55
C ILE A 849 11.64 14.16 12.21
N ILE A 850 10.54 14.23 11.47
CA ILE A 850 9.27 13.69 11.93
C ILE A 850 8.74 12.65 10.94
N HIS A 851 8.15 11.58 11.46
CA HIS A 851 7.57 10.54 10.60
C HIS A 851 6.35 11.06 9.87
N ASN A 852 6.57 11.59 8.67
CA ASN A 852 5.48 12.12 7.87
C ASN A 852 4.60 11.00 7.33
N SER A 853 3.31 11.29 7.24
CA SER A 853 2.31 10.31 6.81
C SER A 853 2.57 9.79 5.41
N ILE A 854 3.15 10.62 4.55
CA ILE A 854 3.41 10.24 3.17
C ILE A 854 4.49 9.17 3.11
N ASP A 855 5.42 9.20 4.07
CA ASP A 855 6.51 8.24 4.11
C ASP A 855 5.99 6.85 4.45
N ASP A 856 4.99 6.79 5.31
CA ASP A 856 4.39 5.51 5.70
C ASP A 856 3.91 4.75 4.47
N LEU A 857 3.24 5.45 3.56
CA LEU A 857 2.78 4.85 2.31
C LEU A 857 3.93 4.32 1.48
N ILE A 858 4.98 5.14 1.35
CA ILE A 858 6.13 4.79 0.54
C ILE A 858 6.83 3.54 1.06
N ASP A 859 6.81 3.37 2.38
CA ASP A 859 7.43 2.21 3.02
C ASP A 859 6.60 0.94 2.85
N GLU A 860 5.33 1.10 2.51
CA GLU A 860 4.43 -0.03 2.31
C GLU A 860 4.55 -0.58 0.88
N PHE A 861 4.46 0.31 -0.10
CA PHE A 861 4.62 -0.06 -1.50
C PHE A 861 5.95 -0.74 -1.72
N ASN A 862 6.98 -0.23 -1.05
CA ASN A 862 8.31 -0.80 -1.15
C ASN A 862 8.39 -2.14 -0.42
N LEU A 863 7.70 -2.24 0.71
CA LEU A 863 7.68 -3.48 1.50
C LEU A 863 7.10 -4.62 0.67
N LEU A 864 6.02 -4.34 -0.04
CA LEU A 864 5.34 -5.35 -0.85
C LEU A 864 6.23 -5.87 -1.98
N GLU A 865 6.96 -4.98 -2.62
CA GLU A 865 7.85 -5.35 -3.72
C GLU A 865 8.98 -6.26 -3.25
N ASN A 866 9.43 -6.05 -2.02
CA ASN A 866 10.51 -6.86 -1.45
C ASN A 866 10.03 -8.24 -1.07
N VAL A 867 8.92 -8.30 -0.33
CA VAL A 867 8.37 -9.57 0.13
C VAL A 867 7.92 -10.42 -1.06
N SER A 868 7.52 -9.77 -2.14
CA SER A 868 7.13 -10.48 -3.35
C SER A 868 8.32 -11.22 -3.96
N ASP A 869 9.38 -10.46 -4.26
CA ASP A 869 10.58 -11.03 -4.89
C ASP A 869 11.31 -12.00 -3.97
N GLU A 870 11.40 -11.67 -2.68
CA GLU A 870 12.09 -12.53 -1.74
C GLU A 870 11.36 -13.86 -1.55
N LEU A 871 10.04 -13.82 -1.68
CA LEU A 871 9.23 -15.03 -1.60
C LEU A 871 9.46 -15.89 -2.83
N TYR A 872 9.52 -15.24 -3.99
CA TYR A 872 9.74 -15.95 -5.25
C TYR A 872 11.11 -16.61 -5.27
N GLU A 873 12.10 -15.94 -4.70
CA GLU A 873 13.45 -16.50 -4.61
C GLU A 873 13.51 -17.60 -3.56
N LEU A 874 12.72 -17.46 -2.51
CA LEU A 874 12.66 -18.47 -1.46
C LEU A 874 12.02 -19.75 -1.96
N LYS A 875 10.93 -19.62 -2.69
CA LYS A 875 10.21 -20.77 -3.23
C LYS A 875 11.02 -21.45 -4.34
N LYS A 876 11.83 -20.66 -5.03
CA LYS A 876 12.64 -21.19 -6.12
C LYS A 876 13.81 -22.01 -5.59
N LEU A 877 14.49 -21.46 -4.59
CA LEU A 877 15.64 -22.12 -3.99
C LEU A 877 15.25 -23.43 -3.32
N ASN A 878 14.04 -23.47 -2.79
CA ASN A 878 13.57 -24.64 -2.06
C ASN A 878 12.65 -25.52 -2.89
N ASN A 879 12.56 -25.22 -4.18
CA ASN A 879 11.76 -25.99 -5.14
C ASN A 879 10.31 -26.20 -4.70
N LEU A 880 9.55 -25.11 -4.66
CA LEU A 880 8.15 -25.18 -4.27
C LEU A 880 7.23 -24.77 -5.42
N ASP A 881 6.24 -25.61 -5.71
CA ASP A 881 5.35 -25.39 -6.83
C ASP A 881 4.33 -24.28 -6.56
N GLU A 882 3.27 -24.27 -7.35
CA GLU A 882 2.19 -23.30 -7.20
C GLU A 882 1.22 -23.75 -6.12
N LYS A 883 1.41 -24.97 -5.64
CA LYS A 883 0.52 -25.55 -4.65
C LYS A 883 1.06 -25.39 -3.23
N TYR A 884 2.05 -24.52 -3.07
CA TYR A 884 2.64 -24.30 -1.75
C TYR A 884 2.37 -22.88 -1.26
N LEU A 885 1.30 -22.74 -0.49
CA LEU A 885 0.90 -21.45 0.07
C LEU A 885 1.70 -21.12 1.32
N ILE A 886 2.30 -19.94 1.35
CA ILE A 886 3.09 -19.54 2.50
C ILE A 886 2.18 -19.05 3.63
N SER A 887 2.48 -19.49 4.85
CA SER A 887 1.74 -19.05 6.03
C SER A 887 2.56 -18.04 6.81
N PHE A 888 2.22 -16.77 6.67
CA PHE A 888 2.95 -15.69 7.35
C PHE A 888 2.70 -15.71 8.85
N GLU A 889 1.65 -16.40 9.28
CA GLU A 889 1.38 -16.54 10.70
C GLU A 889 2.34 -17.53 11.35
N ASP A 890 3.00 -18.34 10.51
CA ASP A 890 3.91 -19.37 11.00
C ASP A 890 5.35 -19.14 10.57
N ILE A 891 5.88 -17.96 10.87
CA ILE A 891 7.29 -17.68 10.66
C ILE A 891 8.02 -17.82 11.98
N SER A 892 8.28 -19.07 12.37
CA SER A 892 8.98 -19.36 13.61
C SER A 892 10.46 -18.98 13.50
N LYS A 893 11.12 -18.77 14.63
CA LYS A 893 12.53 -18.44 14.63
C LYS A 893 13.35 -19.46 15.40
N ASN A 894 14.16 -20.22 14.69
CA ASN A 894 15.07 -21.16 15.34
C ASN A 894 16.27 -20.40 15.89
N ASN A 895 17.27 -21.13 16.37
CA ASN A 895 18.41 -20.50 17.03
C ASN A 895 19.20 -19.58 16.11
N SER A 896 19.30 -19.95 14.84
CA SER A 896 20.10 -19.17 13.89
C SER A 896 19.27 -18.66 12.71
N THR A 897 18.29 -19.45 12.31
CA THR A 897 17.48 -19.11 11.14
C THR A 897 15.99 -19.13 11.46
N TYR A 898 15.21 -18.48 10.60
CA TYR A 898 13.75 -18.53 10.69
C TYR A 898 13.25 -19.83 10.06
N SER A 899 11.96 -20.13 10.26
CA SER A 899 11.38 -21.33 9.68
C SER A 899 10.00 -21.03 9.08
N VAL A 900 9.93 -20.98 7.76
CA VAL A 900 8.70 -20.63 7.05
C VAL A 900 7.83 -21.85 6.77
N ARG A 901 6.53 -21.74 7.09
CA ARG A 901 5.59 -22.81 6.80
C ARG A 901 4.97 -22.63 5.43
N PHE A 902 4.98 -23.70 4.64
CA PHE A 902 4.30 -23.70 3.34
C PHE A 902 3.21 -24.77 3.31
N ILE A 903 1.96 -24.31 3.33
CA ILE A 903 0.81 -25.21 3.29
C ILE A 903 0.55 -25.71 1.88
N ASN A 904 0.58 -27.02 1.70
CA ASN A 904 0.26 -27.63 0.42
C ASN A 904 -1.24 -27.55 0.17
N LYS A 905 -1.62 -26.76 -0.84
CA LYS A 905 -3.04 -26.50 -1.13
C LYS A 905 -3.79 -27.75 -1.63
N SER A 906 -3.04 -28.79 -1.96
CA SER A 906 -3.64 -30.01 -2.49
C SER A 906 -4.03 -30.99 -1.39
N ASN A 907 -3.03 -31.50 -0.66
CA ASN A 907 -3.29 -32.51 0.35
C ASN A 907 -3.55 -31.94 1.74
N GLY A 908 -3.37 -30.63 1.87
CA GLY A 908 -3.61 -29.96 3.14
C GLY A 908 -2.48 -30.17 4.13
N GLU A 909 -1.37 -30.71 3.66
CA GLU A 909 -0.19 -30.88 4.49
C GLU A 909 0.68 -29.63 4.41
N SER A 910 1.65 -29.52 5.29
CA SER A 910 2.55 -28.36 5.30
C SER A 910 4.00 -28.81 5.38
N VAL A 911 4.88 -28.01 4.79
CA VAL A 911 6.31 -28.28 4.85
C VAL A 911 7.03 -27.03 5.31
N TYR A 912 8.11 -27.20 6.06
CA TYR A 912 8.83 -26.07 6.64
C TYR A 912 10.21 -25.90 6.01
N VAL A 913 10.53 -24.67 5.65
CA VAL A 913 11.84 -24.34 5.09
C VAL A 913 12.52 -23.26 5.92
N GLU A 914 13.85 -23.28 5.95
CA GLU A 914 14.60 -22.33 6.77
C GLU A 914 15.28 -21.27 5.92
N THR A 915 15.14 -20.01 6.32
CA THR A 915 15.82 -18.91 5.64
C THR A 915 16.39 -17.94 6.66
N GLU A 916 17.45 -17.24 6.27
CA GLU A 916 18.09 -16.26 7.14
C GLU A 916 17.53 -14.88 6.87
N LYS A 917 16.81 -14.75 5.77
CA LYS A 917 16.16 -13.50 5.40
C LYS A 917 15.05 -13.16 6.40
N GLU A 918 15.14 -11.98 7.00
CA GLU A 918 14.17 -11.56 8.00
C GLU A 918 13.05 -10.74 7.39
N ILE A 919 12.93 -10.76 6.07
CA ILE A 919 11.91 -9.98 5.38
C ILE A 919 10.52 -10.59 5.59
N PHE A 920 10.46 -11.92 5.67
CA PHE A 920 9.21 -12.62 5.88
C PHE A 920 8.73 -12.42 7.32
N SER A 921 9.67 -12.45 8.25
CA SER A 921 9.38 -12.22 9.65
C SER A 921 8.79 -10.84 9.89
N LYS A 922 9.35 -9.84 9.22
CA LYS A 922 8.90 -8.46 9.40
C LYS A 922 7.58 -8.20 8.71
N TYR A 923 7.38 -8.79 7.54
CA TYR A 923 6.12 -8.63 6.82
C TYR A 923 5.02 -9.38 7.56
N SER A 924 5.40 -10.47 8.23
CA SER A 924 4.46 -11.24 9.04
C SER A 924 3.83 -10.38 10.11
N GLU A 925 4.68 -9.68 10.87
CA GLU A 925 4.23 -8.81 11.95
C GLU A 925 3.31 -7.72 11.42
N HIS A 926 3.66 -7.18 10.26
CA HIS A 926 2.90 -6.08 9.67
C HIS A 926 1.58 -6.55 9.07
N ILE A 927 1.59 -7.73 8.46
CA ILE A 927 0.39 -8.20 7.76
C ILE A 927 -0.65 -8.77 8.74
N THR A 928 -0.19 -9.29 9.88
CA THR A 928 -1.12 -9.78 10.90
C THR A 928 -1.75 -8.63 11.65
N LYS A 929 -0.96 -7.58 11.86
CA LYS A 929 -1.43 -6.35 12.49
C LYS A 929 -2.56 -5.71 11.68
N GLU A 930 -2.37 -5.65 10.36
CA GLU A 930 -3.37 -5.06 9.47
C GLU A 930 -4.66 -5.88 9.46
N ILE A 931 -4.52 -7.19 9.31
CA ILE A 931 -5.65 -8.11 9.31
C ILE A 931 -6.40 -8.03 10.64
N SER A 932 -5.66 -7.90 11.73
CA SER A 932 -6.25 -7.76 13.05
C SER A 932 -7.06 -6.47 13.14
N THR A 933 -6.54 -5.41 12.54
CA THR A 933 -7.23 -4.12 12.54
C THR A 933 -8.55 -4.20 11.78
N ILE A 934 -8.62 -5.12 10.82
CA ILE A 934 -9.81 -5.32 10.01
C ILE A 934 -10.87 -6.13 10.76
N LYS A 935 -10.45 -7.25 11.33
CA LYS A 935 -11.36 -8.11 12.08
C LYS A 935 -11.92 -7.40 13.30
N ASN A 936 -11.07 -6.60 13.95
CA ASN A 936 -11.48 -5.84 15.12
C ASN A 936 -12.22 -4.56 14.73
N SER A 937 -12.69 -4.52 13.48
CA SER A 937 -13.51 -3.42 13.01
C SER A 937 -14.87 -3.95 12.55
N ILE A 938 -15.07 -5.25 12.70
CA ILE A 938 -16.33 -5.88 12.32
C ILE A 938 -17.10 -6.26 13.59
N ILE A 939 -17.45 -5.24 14.37
CA ILE A 939 -18.24 -5.41 15.59
C ILE A 939 -19.72 -5.61 15.22
N THR A 940 -20.51 -6.24 16.08
CA THR A 940 -20.13 -6.65 17.44
C THR A 940 -19.90 -8.16 17.57
N ASP A 941 -19.78 -8.62 18.82
CA ASP A 941 -19.47 -10.01 19.12
C ASP A 941 -20.70 -10.91 19.03
N VAL A 942 -21.84 -10.39 19.47
CA VAL A 942 -23.07 -11.16 19.55
C VAL A 942 -23.65 -11.53 18.18
N ASN A 943 -23.67 -10.57 17.26
CA ASN A 943 -24.32 -10.78 15.97
C ASN A 943 -23.35 -11.02 14.82
N GLY A 944 -23.67 -12.01 13.99
CA GLY A 944 -22.84 -12.35 12.85
C GLY A 944 -23.52 -13.33 11.90
N GLN A 951 -20.90 -13.50 6.22
CA GLN A 951 -20.97 -12.78 7.48
C GLN A 951 -20.40 -11.37 7.33
N LEU A 952 -21.29 -10.39 7.20
CA LEU A 952 -20.88 -9.01 6.97
C LEU A 952 -21.51 -8.06 8.01
N ASP A 953 -20.67 -7.20 8.59
CA ASP A 953 -21.15 -6.14 9.47
C ASP A 953 -20.54 -4.81 9.05
N HIS A 954 -19.22 -4.75 9.02
CA HIS A 954 -18.46 -3.59 8.53
C HIS A 954 -18.83 -2.29 9.24
N THR A 955 -18.43 -2.17 10.50
CA THR A 955 -18.62 -0.92 11.24
C THR A 955 -17.31 -0.15 11.24
N SER A 956 -16.83 0.17 10.04
CA SER A 956 -15.55 0.83 9.85
C SER A 956 -15.55 2.23 10.46
N GLN A 957 -14.38 2.67 10.91
CA GLN A 957 -14.24 3.98 11.53
C GLN A 957 -12.78 4.42 11.62
N VAL A 958 -12.57 5.72 11.45
CA VAL A 958 -11.26 6.39 11.54
C VAL A 958 -10.14 5.70 10.74
N ASN A 959 -9.08 5.28 11.45
CA ASN A 959 -7.83 4.87 10.83
C ASN A 959 -7.86 3.51 10.13
N THR A 960 -8.82 2.68 10.53
CA THR A 960 -8.88 1.29 10.06
C THR A 960 -8.93 1.14 8.53
N LEU A 961 -9.19 2.23 7.83
CA LEU A 961 -9.21 2.22 6.37
C LEU A 961 -7.82 1.98 5.78
N ASN A 962 -6.79 2.46 6.47
CA ASN A 962 -5.43 2.35 5.98
C ASN A 962 -5.04 0.88 5.79
N ALA A 963 -5.34 0.07 6.80
CA ALA A 963 -5.08 -1.35 6.72
C ALA A 963 -5.96 -1.98 5.64
N ALA A 964 -7.21 -1.53 5.59
CA ALA A 964 -8.19 -2.07 4.64
C ALA A 964 -7.77 -1.82 3.19
N PHE A 965 -7.07 -0.72 2.95
CA PHE A 965 -6.65 -0.35 1.60
C PHE A 965 -5.63 -1.34 1.03
N PHE A 966 -4.53 -1.53 1.74
CA PHE A 966 -3.45 -2.39 1.28
C PHE A 966 -3.89 -3.83 1.13
N ILE A 967 -4.70 -4.31 2.07
CA ILE A 967 -5.22 -5.67 2.02
C ILE A 967 -6.11 -5.86 0.81
N GLN A 968 -7.07 -4.95 0.63
CA GLN A 968 -7.99 -5.03 -0.50
C GLN A 968 -7.24 -4.93 -1.82
N SER A 969 -6.16 -4.16 -1.83
CA SER A 969 -5.33 -4.04 -3.03
C SER A 969 -4.51 -5.31 -3.26
N LEU A 970 -4.36 -6.11 -2.22
CA LEU A 970 -3.69 -7.40 -2.35
C LEU A 970 -4.68 -8.50 -2.72
N ILE A 971 -5.88 -8.42 -2.17
CA ILE A 971 -6.93 -9.38 -2.46
C ILE A 971 -7.30 -9.36 -3.93
N ASP A 972 -7.54 -8.16 -4.45
CA ASP A 972 -7.98 -7.99 -5.83
C ASP A 972 -6.92 -8.40 -6.84
N TYR A 973 -5.66 -8.36 -6.42
CA TYR A 973 -4.56 -8.83 -7.27
C TYR A 973 -4.74 -10.31 -7.57
N SER A 974 -5.18 -11.06 -6.55
CA SER A 974 -5.51 -12.47 -6.72
C SER A 974 -6.91 -12.64 -7.29
N SER A 975 -7.18 -11.96 -8.40
CA SER A 975 -8.47 -12.05 -9.07
C SER A 975 -8.77 -13.50 -9.41
N ASN A 976 -10.05 -13.86 -9.34
CA ASN A 976 -10.49 -15.24 -9.56
C ASN A 976 -9.98 -15.82 -10.88
N LYS A 977 -9.41 -17.02 -10.80
CA LYS A 977 -8.82 -17.72 -11.95
C LYS A 977 -7.61 -16.99 -12.53
N ASP A 978 -6.77 -16.45 -11.65
CA ASP A 978 -5.49 -15.88 -12.04
C ASP A 978 -4.36 -16.57 -11.27
N VAL A 979 -3.22 -16.75 -11.91
CA VAL A 979 -2.15 -17.57 -11.34
C VAL A 979 -1.26 -16.82 -10.34
N LEU A 980 -0.74 -15.67 -10.76
CA LEU A 980 0.15 -14.87 -9.92
C LEU A 980 -0.51 -13.54 -9.54
N ASN A 981 -0.15 -12.95 -8.40
CA ASN A 981 0.94 -13.44 -7.54
C ASN A 981 0.51 -14.44 -6.48
N ASP A 982 1.45 -15.28 -6.06
CA ASP A 982 1.21 -16.25 -5.00
C ASP A 982 1.01 -15.55 -3.65
N LEU A 983 1.76 -14.48 -3.44
CA LEU A 983 1.66 -13.66 -2.23
C LEU A 983 0.24 -13.12 -2.06
N SER A 984 -0.38 -12.73 -3.17
CA SER A 984 -1.68 -12.09 -3.14
C SER A 984 -2.76 -12.99 -2.56
N THR A 985 -2.68 -14.28 -2.86
CA THR A 985 -3.64 -15.24 -2.36
C THR A 985 -3.33 -15.61 -0.91
N SER A 986 -2.05 -15.62 -0.57
CA SER A 986 -1.60 -16.05 0.75
C SER A 986 -2.15 -15.13 1.84
N VAL A 987 -2.24 -13.84 1.54
CA VAL A 987 -2.81 -12.88 2.48
C VAL A 987 -4.33 -13.02 2.48
N LYS A 988 -4.90 -13.29 1.31
CA LYS A 988 -6.34 -13.47 1.17
C LYS A 988 -6.83 -14.68 1.96
N VAL A 989 -6.05 -15.75 1.92
CA VAL A 989 -6.38 -16.95 2.69
C VAL A 989 -6.20 -16.69 4.17
N GLN A 990 -5.10 -16.04 4.52
CA GLN A 990 -4.81 -15.70 5.90
C GLN A 990 -5.90 -14.81 6.48
N LEU A 991 -6.35 -13.84 5.69
CA LEU A 991 -7.43 -12.96 6.13
C LEU A 991 -8.74 -13.73 6.27
N TYR A 992 -9.03 -14.57 5.27
CA TYR A 992 -10.24 -15.37 5.26
C TYR A 992 -10.31 -16.28 6.48
N ALA A 993 -9.21 -16.96 6.76
CA ALA A 993 -9.13 -17.88 7.89
C ALA A 993 -9.29 -17.14 9.22
N GLN A 994 -8.87 -15.88 9.22
CA GLN A 994 -8.92 -15.07 10.44
C GLN A 994 -10.32 -14.51 10.69
N LEU A 995 -11.12 -14.39 9.63
CA LEU A 995 -12.45 -13.81 9.75
C LEU A 995 -13.53 -14.84 10.08
N PHE A 996 -13.34 -16.07 9.61
CA PHE A 996 -14.39 -17.08 9.72
C PHE A 996 -13.94 -18.31 10.49
N SER A 997 -12.69 -18.32 10.92
CA SER A 997 -12.15 -19.39 11.74
C SER A 997 -11.14 -18.82 12.72
N THR A 998 -10.42 -19.70 13.40
CA THR A 998 -9.32 -19.26 14.25
C THR A 998 -8.12 -18.93 13.36
N GLY A 999 -6.97 -18.67 13.98
CA GLY A 999 -5.77 -18.34 13.23
C GLY A 999 -5.40 -19.46 12.26
N LEU A 1000 -4.81 -19.08 11.13
CA LEU A 1000 -4.36 -20.06 10.15
C LEU A 1000 -3.24 -20.91 10.77
N ASN A 1001 -2.54 -20.32 11.72
CA ASN A 1001 -1.48 -21.02 12.45
C ASN A 1001 -2.04 -22.05 13.41
N THR A 1002 -3.35 -21.97 13.66
CA THR A 1002 -4.01 -22.85 14.61
C THR A 1002 -4.67 -24.05 13.95
N ILE A 1003 -4.55 -24.13 12.62
CA ILE A 1003 -5.20 -25.21 11.88
C ILE A 1003 -4.19 -26.23 11.38
N TYR A 1004 -4.35 -27.47 11.81
CA TYR A 1004 -3.45 -28.55 11.43
C TYR A 1004 -4.17 -29.62 10.61
N ASP A 1005 -5.49 -29.64 10.70
CA ASP A 1005 -6.30 -30.63 10.00
C ASP A 1005 -6.20 -30.46 8.49
N SER A 1006 -5.71 -31.50 7.82
CA SER A 1006 -5.45 -31.45 6.39
C SER A 1006 -6.73 -31.22 5.58
N ILE A 1007 -7.76 -32.01 5.88
CA ILE A 1007 -9.03 -31.91 5.19
C ILE A 1007 -9.65 -30.52 5.38
N GLN A 1008 -9.47 -29.94 6.56
CA GLN A 1008 -10.00 -28.61 6.86
C GLN A 1008 -9.26 -27.54 6.07
N LEU A 1009 -7.95 -27.66 5.99
CA LEU A 1009 -7.11 -26.68 5.28
C LEU A 1009 -7.47 -26.56 3.80
N VAL A 1010 -7.59 -27.71 3.14
CA VAL A 1010 -7.91 -27.74 1.71
C VAL A 1010 -9.22 -27.03 1.42
N ASN A 1011 -10.26 -27.39 2.16
CA ASN A 1011 -11.58 -26.80 1.98
C ASN A 1011 -11.58 -25.30 2.30
N LEU A 1012 -10.77 -24.90 3.27
CA LEU A 1012 -10.67 -23.49 3.63
C LEU A 1012 -10.04 -22.68 2.52
N ILE A 1013 -8.86 -23.12 2.08
CA ILE A 1013 -8.12 -22.43 1.03
C ILE A 1013 -8.97 -22.35 -0.24
N SER A 1014 -9.70 -23.43 -0.54
CA SER A 1014 -10.61 -23.45 -1.68
C SER A 1014 -11.67 -22.37 -1.59
N ASN A 1015 -12.43 -22.38 -0.50
CA ASN A 1015 -13.50 -21.40 -0.29
C ASN A 1015 -12.94 -19.98 -0.22
N ALA A 1016 -11.77 -19.84 0.36
CA ALA A 1016 -11.11 -18.53 0.48
C ALA A 1016 -10.80 -17.95 -0.89
N VAL A 1017 -10.34 -18.81 -1.81
CA VAL A 1017 -9.97 -18.38 -3.14
C VAL A 1017 -11.19 -18.00 -3.98
N ASN A 1018 -12.19 -18.88 -4.00
CA ASN A 1018 -13.34 -18.71 -4.89
C ASN A 1018 -14.37 -17.69 -4.38
N ASP A 1019 -14.31 -17.36 -3.09
CA ASP A 1019 -15.17 -16.31 -2.55
C ASP A 1019 -14.51 -14.95 -2.72
N THR A 1020 -15.31 -13.89 -2.56
CA THR A 1020 -14.80 -12.53 -2.69
C THR A 1020 -15.05 -11.72 -1.41
N ILE A 1021 -13.97 -11.21 -0.83
CA ILE A 1021 -14.04 -10.44 0.39
C ILE A 1021 -13.80 -8.95 0.14
N ASN A 1022 -14.69 -8.11 0.64
CA ASN A 1022 -14.55 -6.67 0.50
C ASN A 1022 -14.42 -5.98 1.85
N VAL A 1023 -13.18 -5.73 2.26
CA VAL A 1023 -12.92 -5.06 3.53
C VAL A 1023 -12.88 -3.54 3.32
N LEU A 1024 -12.82 -3.13 2.06
CA LEU A 1024 -12.77 -1.71 1.70
C LEU A 1024 -14.14 -1.20 1.25
N PRO A 1025 -14.60 -0.10 1.84
CA PRO A 1025 -15.87 0.50 1.44
C PRO A 1025 -15.77 1.19 0.08
N THR A 1026 -16.57 0.75 -0.88
CA THR A 1026 -16.62 1.38 -2.20
C THR A 1026 -17.88 2.24 -2.31
N ILE A 1027 -17.69 3.51 -2.67
CA ILE A 1027 -18.77 4.48 -2.68
C ILE A 1027 -19.79 4.22 -3.79
N THR A 1028 -21.07 4.23 -3.44
CA THR A 1028 -22.14 4.02 -4.40
C THR A 1028 -23.08 5.22 -4.45
N GLU A 1029 -23.81 5.34 -5.55
CA GLU A 1029 -24.80 6.41 -5.71
C GLU A 1029 -25.95 6.20 -4.73
N GLY A 1030 -26.67 7.27 -4.43
CA GLY A 1030 -27.77 7.21 -3.49
C GLY A 1030 -27.34 7.44 -2.07
N ILE A 1031 -28.22 7.09 -1.13
CA ILE A 1031 -27.98 7.30 0.29
C ILE A 1031 -26.68 6.65 0.77
N PRO A 1032 -25.84 7.44 1.46
CA PRO A 1032 -24.60 6.93 2.04
C PRO A 1032 -24.86 6.10 3.30
N ILE A 1033 -24.04 5.09 3.52
CA ILE A 1033 -24.16 4.24 4.70
C ILE A 1033 -23.65 4.97 5.95
N VAL A 1034 -24.57 5.35 6.83
CA VAL A 1034 -24.19 6.00 8.07
C VAL A 1034 -23.93 4.95 9.16
N SER A 1035 -22.76 5.02 9.79
CA SER A 1035 -22.37 4.06 10.80
C SER A 1035 -22.99 4.38 12.15
N THR A 1036 -24.29 4.13 12.28
CA THR A 1036 -25.01 4.33 13.54
C THR A 1036 -25.38 2.99 14.17
N ILE A 1037 -24.55 2.55 15.11
CA ILE A 1037 -24.76 1.27 15.77
C ILE A 1037 -26.01 1.28 16.66
N LEU A 1038 -26.79 0.21 16.58
CA LEU A 1038 -27.96 0.06 17.43
C LEU A 1038 -28.37 -1.39 17.56
N ASP A 1039 -28.43 -1.86 18.81
CA ASP A 1039 -28.82 -3.23 19.13
C ASP A 1039 -27.90 -4.25 18.45
N GLY A 1040 -26.66 -3.84 18.16
CA GLY A 1040 -25.68 -4.72 17.55
C GLY A 1040 -25.76 -4.74 16.03
N ILE A 1041 -26.54 -3.82 15.47
CA ILE A 1041 -26.69 -3.72 14.03
C ILE A 1041 -26.56 -2.28 13.57
N ASN A 1042 -25.82 -2.04 12.49
CA ASN A 1042 -25.73 -0.72 11.90
C ASN A 1042 -27.00 -0.43 11.11
N LEU A 1043 -27.85 0.43 11.67
CA LEU A 1043 -29.14 0.74 11.05
C LEU A 1043 -29.00 1.38 9.68
N GLY A 1044 -28.05 2.30 9.56
CA GLY A 1044 -27.79 2.97 8.29
C GLY A 1044 -27.38 2.00 7.21
N ALA A 1045 -26.61 0.99 7.60
CA ALA A 1045 -26.18 -0.04 6.67
C ALA A 1045 -27.33 -0.96 6.29
N ALA A 1046 -28.13 -1.35 7.29
CA ALA A 1046 -29.27 -2.22 7.07
C ALA A 1046 -30.30 -1.58 6.18
N ILE A 1047 -30.52 -0.28 6.39
CA ILE A 1047 -31.49 0.46 5.59
C ILE A 1047 -31.07 0.51 4.12
N LYS A 1048 -29.80 0.78 3.87
CA LYS A 1048 -29.26 0.81 2.51
C LYS A 1048 -29.51 -0.51 1.77
N GLU A 1049 -29.43 -1.61 2.50
CA GLU A 1049 -29.73 -2.93 1.93
C GLU A 1049 -31.21 -3.07 1.62
N LEU A 1050 -32.05 -2.50 2.48
CA LEU A 1050 -33.49 -2.56 2.30
C LEU A 1050 -33.95 -1.80 1.06
N LEU A 1051 -33.23 -0.74 0.70
CA LEU A 1051 -33.53 0.01 -0.51
C LEU A 1051 -33.03 -0.72 -1.76
N ASP A 1052 -32.04 -1.58 -1.58
CA ASP A 1052 -31.40 -2.25 -2.70
C ASP A 1052 -31.95 -3.65 -2.93
N GLU A 1053 -32.48 -4.27 -1.89
CA GLU A 1053 -33.11 -5.58 -2.03
C GLU A 1053 -34.50 -5.42 -2.67
N HIS A 1054 -34.70 -6.08 -3.80
CA HIS A 1054 -35.92 -5.88 -4.58
C HIS A 1054 -36.88 -7.06 -4.53
N ASP A 1055 -36.37 -8.25 -4.21
CA ASP A 1055 -37.24 -9.40 -3.99
C ASP A 1055 -38.00 -9.18 -2.68
N PRO A 1056 -39.30 -8.87 -2.78
CA PRO A 1056 -40.12 -8.40 -1.66
C PRO A 1056 -40.09 -9.34 -0.46
N LEU A 1057 -39.87 -10.62 -0.74
CA LEU A 1057 -39.76 -11.62 0.31
C LEU A 1057 -38.46 -11.46 1.09
N LEU A 1058 -37.35 -11.43 0.36
CA LEU A 1058 -36.03 -11.22 0.96
C LEU A 1058 -35.99 -9.89 1.70
N LYS A 1059 -36.73 -8.92 1.17
CA LYS A 1059 -36.87 -7.62 1.84
C LYS A 1059 -37.59 -7.79 3.17
N LYS A 1060 -38.64 -8.62 3.18
CA LYS A 1060 -39.35 -8.93 4.41
C LYS A 1060 -38.50 -9.79 5.34
N GLU A 1061 -37.67 -10.65 4.76
CA GLU A 1061 -36.75 -11.48 5.53
C GLU A 1061 -35.76 -10.61 6.30
N LEU A 1062 -35.25 -9.59 5.62
CA LEU A 1062 -34.30 -8.67 6.22
C LEU A 1062 -34.94 -7.90 7.37
N GLU A 1063 -36.18 -7.47 7.15
CA GLU A 1063 -36.92 -6.72 8.17
C GLU A 1063 -37.08 -7.54 9.45
N ALA A 1064 -37.22 -8.85 9.28
CA ALA A 1064 -37.37 -9.76 10.42
C ALA A 1064 -36.07 -9.91 11.19
N LYS A 1065 -34.95 -9.79 10.48
CA LYS A 1065 -33.64 -9.98 11.10
C LYS A 1065 -33.17 -8.76 11.88
N VAL A 1066 -33.22 -7.59 11.23
CA VAL A 1066 -32.72 -6.36 11.85
C VAL A 1066 -33.76 -5.65 12.69
N GLY A 1067 -34.98 -6.18 12.70
CA GLY A 1067 -36.06 -5.62 13.49
C GLY A 1067 -36.48 -4.23 13.03
N VAL A 1068 -36.35 -3.99 11.73
CA VAL A 1068 -36.70 -2.69 11.14
C VAL A 1068 -37.93 -2.79 10.24
N LEU A 1069 -38.87 -1.86 10.40
CA LEU A 1069 -40.06 -1.84 9.56
C LEU A 1069 -40.05 -0.68 8.56
N ALA A 1070 -40.01 -1.02 7.27
CA ALA A 1070 -40.14 -0.05 6.21
C ALA A 1070 -41.59 -0.01 5.74
N ILE A 1071 -42.14 1.17 5.57
CA ILE A 1071 -43.56 1.28 5.21
C ILE A 1071 -43.75 1.06 3.71
N ASN A 1072 -44.86 0.43 3.37
CA ASN A 1072 -45.20 0.17 1.98
C ASN A 1072 -46.26 1.15 1.49
N MET A 1073 -46.05 1.69 0.29
CA MET A 1073 -46.98 2.68 -0.25
C MET A 1073 -47.62 2.21 -1.54
N SER A 1074 -47.42 0.93 -1.87
CA SER A 1074 -48.01 0.36 -3.08
C SER A 1074 -49.52 0.32 -2.97
N LEU A 1075 -50.19 0.79 -4.03
CA LEU A 1075 -51.65 0.87 -4.04
C LEU A 1075 -52.28 -0.51 -4.18
N SER A 1076 -51.45 -1.52 -4.48
CA SER A 1076 -51.92 -2.90 -4.56
C SER A 1076 -52.16 -3.47 -3.18
N ILE A 1077 -51.26 -3.16 -2.26
CA ILE A 1077 -51.40 -3.61 -0.87
C ILE A 1077 -52.55 -2.87 -0.19
N ALA A 1078 -52.61 -1.56 -0.41
CA ALA A 1078 -53.67 -0.73 0.17
C ALA A 1078 -55.06 -1.23 -0.21
N ALA A 1079 -55.20 -1.68 -1.46
CA ALA A 1079 -56.47 -2.22 -1.94
C ALA A 1079 -56.74 -3.60 -1.36
N THR A 1080 -55.69 -4.41 -1.27
CA THR A 1080 -55.79 -5.75 -0.70
C THR A 1080 -56.29 -5.68 0.74
N VAL A 1081 -55.66 -4.84 1.54
CA VAL A 1081 -56.04 -4.64 2.93
C VAL A 1081 -57.48 -4.15 3.05
N ALA A 1082 -57.87 -3.26 2.14
CA ALA A 1082 -59.21 -2.67 2.14
C ALA A 1082 -60.30 -3.72 2.00
N SER A 1083 -60.10 -4.69 1.10
CA SER A 1083 -61.08 -5.73 0.87
C SER A 1083 -61.13 -6.69 2.06
N ILE A 1084 -59.98 -6.90 2.67
CA ILE A 1084 -59.86 -7.83 3.79
C ILE A 1084 -60.55 -7.33 5.05
N VAL A 1085 -60.31 -6.06 5.39
CA VAL A 1085 -60.88 -5.47 6.60
C VAL A 1085 -62.41 -5.35 6.50
N GLY A 1086 -62.90 -5.08 5.30
CA GLY A 1086 -64.32 -4.90 5.08
C GLY A 1086 -65.13 -6.16 5.27
N ILE A 1087 -64.57 -7.28 4.81
CA ILE A 1087 -65.22 -8.59 4.93
C ILE A 1087 -65.40 -8.98 6.39
N GLY A 1088 -64.35 -8.81 7.18
CA GLY A 1088 -64.40 -9.13 8.60
C GLY A 1088 -65.44 -8.33 9.34
N ALA A 1089 -65.57 -7.06 8.99
CA ALA A 1089 -66.52 -6.16 9.65
C ALA A 1089 -67.96 -6.59 9.40
N GLU A 1090 -68.25 -7.03 8.18
CA GLU A 1090 -69.60 -7.46 7.82
C GLU A 1090 -70.00 -8.72 8.57
N VAL A 1091 -69.12 -9.73 8.49
CA VAL A 1091 -69.40 -11.07 8.98
C VAL A 1091 -69.46 -11.16 10.50
N THR A 1092 -68.62 -10.40 11.19
CA THR A 1092 -68.49 -10.52 12.65
C THR A 1092 -69.60 -9.82 13.43
N ILE A 1093 -70.34 -8.92 12.79
CA ILE A 1093 -71.31 -8.09 13.51
C ILE A 1093 -72.62 -8.83 13.80
N PHE A 1094 -73.28 -9.35 12.77
CA PHE A 1094 -74.57 -10.01 12.97
C PHE A 1094 -74.41 -11.35 13.69
N LEU A 1095 -75.15 -11.54 14.77
CA LEU A 1095 -75.09 -12.77 15.56
C LEU A 1095 -75.97 -13.85 14.94
N LEU A 1096 -75.58 -15.10 15.16
CA LEU A 1096 -76.30 -16.23 14.57
C LEU A 1096 -76.43 -17.37 15.56
N PRO A 1097 -77.46 -18.22 15.40
CA PRO A 1097 -77.71 -19.28 16.36
C PRO A 1097 -76.69 -20.41 16.31
N ILE A 1098 -76.57 -21.12 17.42
CA ILE A 1098 -75.72 -22.30 17.49
C ILE A 1098 -76.47 -23.52 16.99
N ALA A 1099 -75.72 -24.55 16.62
CA ALA A 1099 -76.31 -25.81 16.18
C ALA A 1099 -76.57 -26.70 17.40
N GLY A 1100 -77.83 -27.10 17.58
CA GLY A 1100 -78.90 -26.72 16.69
C GLY A 1100 -80.17 -26.40 17.45
N ILE A 1101 -80.53 -25.13 17.47
CA ILE A 1101 -81.67 -24.68 18.25
C ILE A 1101 -83.00 -25.06 17.61
N SER A 1102 -82.98 -25.27 16.29
CA SER A 1102 -84.19 -25.59 15.55
C SER A 1102 -84.41 -27.10 15.48
N ALA A 1103 -83.37 -27.83 15.10
CA ALA A 1103 -83.45 -29.28 15.02
C ALA A 1103 -83.50 -29.91 16.41
N GLY A 1104 -82.79 -29.29 17.35
CA GLY A 1104 -82.70 -29.80 18.71
C GLY A 1104 -81.32 -30.35 19.01
N ILE A 1105 -80.82 -30.05 20.20
CA ILE A 1105 -79.51 -30.53 20.62
C ILE A 1105 -79.64 -31.83 21.40
N PRO A 1106 -78.98 -32.90 20.92
CA PRO A 1106 -79.03 -34.22 21.55
C PRO A 1106 -78.52 -34.20 22.99
N SER A 1107 -79.08 -35.06 23.84
CA SER A 1107 -78.62 -35.17 25.22
C SER A 1107 -78.17 -36.60 25.52
N LEU A 1108 -76.86 -36.77 25.67
CA LEU A 1108 -76.27 -38.09 25.91
C LEU A 1108 -76.78 -38.73 27.20
N VAL A 1109 -77.26 -39.97 27.08
CA VAL A 1109 -77.72 -40.73 28.24
C VAL A 1109 -77.25 -42.19 28.17
N ASN A 1110 -76.27 -42.52 29.02
CA ASN A 1110 -75.70 -43.86 29.10
C ASN A 1110 -75.17 -44.39 27.77
N ASN A 1111 -74.11 -43.75 27.27
CA ASN A 1111 -73.38 -44.20 26.08
C ASN A 1111 -74.22 -44.29 24.80
N GLU A 1112 -75.26 -43.47 24.70
CA GLU A 1112 -76.02 -43.35 23.46
C GLU A 1112 -76.73 -42.00 23.39
N LEU A 1113 -76.80 -41.43 22.19
CA LEU A 1113 -77.39 -40.11 22.00
C LEU A 1113 -78.88 -40.17 21.70
N ILE A 1114 -79.68 -39.53 22.54
CA ILE A 1114 -81.12 -39.42 22.31
C ILE A 1114 -81.48 -38.00 21.90
N LEU A 1115 -81.99 -37.86 20.68
CA LEU A 1115 -82.30 -36.54 20.12
C LEU A 1115 -83.65 -36.01 20.63
N HIS A 1116 -84.63 -36.89 20.78
CA HIS A 1116 -85.96 -36.49 21.23
C HIS A 1116 -86.61 -37.53 22.14
N ASP A 1117 -87.48 -37.05 23.03
CA ASP A 1117 -88.12 -37.90 24.04
C ASP A 1117 -89.49 -38.40 23.63
N LYS A 1118 -90.36 -37.48 23.23
CA LYS A 1118 -91.76 -37.81 22.96
C LYS A 1118 -92.04 -37.88 21.46
N ALA A 1119 -93.11 -38.60 21.12
CA ALA A 1119 -93.56 -38.72 19.74
C ALA A 1119 -93.85 -37.35 19.13
N THR A 1120 -94.39 -36.45 19.95
CA THR A 1120 -94.69 -35.10 19.52
C THR A 1120 -93.41 -34.35 19.17
N SER A 1121 -92.35 -34.63 19.92
CA SER A 1121 -91.05 -34.01 19.68
C SER A 1121 -90.42 -34.52 18.39
N VAL A 1122 -90.60 -35.81 18.13
CA VAL A 1122 -90.06 -36.43 16.92
C VAL A 1122 -90.76 -35.90 15.66
N VAL A 1123 -92.09 -35.81 15.73
CA VAL A 1123 -92.89 -35.26 14.65
C VAL A 1123 -92.45 -33.84 14.33
N ASN A 1124 -92.21 -33.06 15.37
CA ASN A 1124 -91.73 -31.69 15.23
C ASN A 1124 -90.39 -31.63 14.49
N TYR A 1125 -89.56 -32.65 14.70
CA TYR A 1125 -88.27 -32.74 14.02
C TYR A 1125 -88.50 -32.95 12.52
N PHE A 1126 -89.34 -33.93 12.19
CA PHE A 1126 -89.68 -34.19 10.79
C PHE A 1126 -90.43 -33.00 10.21
N ASN A 1127 -91.09 -32.23 11.06
CA ASN A 1127 -91.74 -31.00 10.64
C ASN A 1127 -90.70 -29.97 10.25
N HIS A 1128 -89.68 -29.81 11.10
CA HIS A 1128 -88.58 -28.91 10.83
C HIS A 1128 -87.77 -29.37 9.61
N LEU A 1129 -87.60 -30.68 9.50
CA LEU A 1129 -86.84 -31.26 8.39
C LEU A 1129 -87.56 -31.06 7.07
N SER A 1130 -88.88 -31.22 7.09
CA SER A 1130 -89.69 -31.02 5.90
C SER A 1130 -89.78 -29.54 5.54
N GLU A 1131 -90.00 -28.70 6.55
CA GLU A 1131 -90.05 -27.25 6.38
C GLU A 1131 -88.77 -26.76 5.73
N SER A 1132 -87.66 -27.43 6.05
CA SER A 1132 -86.37 -27.04 5.52
C SER A 1132 -86.25 -27.22 4.02
N LYS A 1133 -86.32 -28.47 3.57
CA LYS A 1133 -86.07 -28.78 2.17
C LYS A 1133 -87.23 -28.39 1.24
N LYS A 1134 -88.23 -27.71 1.78
CA LYS A 1134 -89.29 -27.15 0.96
C LYS A 1134 -88.95 -25.71 0.59
N TYR A 1135 -88.21 -25.05 1.46
CA TYR A 1135 -87.70 -23.70 1.18
C TYR A 1135 -86.34 -23.80 0.50
N GLY A 1136 -85.87 -25.03 0.29
CA GLY A 1136 -84.57 -25.27 -0.30
C GLY A 1136 -83.57 -25.74 0.74
N PRO A 1137 -82.44 -26.31 0.30
CA PRO A 1137 -81.41 -26.77 1.22
C PRO A 1137 -80.80 -25.63 2.04
N LEU A 1138 -80.94 -24.41 1.53
CA LEU A 1138 -80.39 -23.23 2.19
C LEU A 1138 -81.45 -22.15 2.36
N LYS A 1139 -81.31 -21.34 3.40
CA LYS A 1139 -82.24 -20.26 3.68
C LYS A 1139 -81.54 -18.90 3.56
N THR A 1140 -82.28 -17.90 3.11
CA THR A 1140 -81.74 -16.54 3.01
C THR A 1140 -82.28 -15.66 4.13
N GLU A 1141 -81.39 -14.95 4.82
CA GLU A 1141 -81.78 -14.10 5.93
C GLU A 1141 -81.17 -12.70 5.82
N ASP A 1142 -82.01 -11.68 5.97
CA ASP A 1142 -81.61 -10.28 5.91
C ASP A 1142 -80.96 -9.88 4.58
N ASP A 1143 -81.15 -10.72 3.56
CA ASP A 1143 -80.53 -10.54 2.25
C ASP A 1143 -79.01 -10.42 2.36
N LYS A 1144 -78.41 -11.19 3.27
CA LYS A 1144 -76.98 -11.10 3.52
C LYS A 1144 -76.29 -12.47 3.55
N ILE A 1145 -76.91 -13.45 4.18
CA ILE A 1145 -76.27 -14.75 4.37
C ILE A 1145 -77.16 -15.93 3.97
N LEU A 1146 -76.55 -16.93 3.33
CA LEU A 1146 -77.22 -18.18 3.01
C LEU A 1146 -76.95 -19.24 4.07
N VAL A 1147 -77.98 -19.59 4.83
CA VAL A 1147 -77.84 -20.56 5.90
C VAL A 1147 -78.54 -21.87 5.55
N PRO A 1148 -77.80 -22.99 5.65
CA PRO A 1148 -78.38 -24.31 5.43
C PRO A 1148 -79.38 -24.67 6.50
N ILE A 1149 -80.28 -25.60 6.21
CA ILE A 1149 -81.25 -26.05 7.18
C ILE A 1149 -80.54 -26.77 8.32
N ASP A 1150 -80.98 -26.52 9.55
CA ASP A 1150 -80.33 -27.10 10.72
C ASP A 1150 -80.40 -28.62 10.70
N ASP A 1151 -79.26 -29.25 10.95
CA ASP A 1151 -79.11 -30.71 10.94
C ASP A 1151 -79.47 -31.34 9.59
N LEU A 1152 -79.42 -30.53 8.52
CA LEU A 1152 -79.57 -31.06 7.17
C LEU A 1152 -78.20 -31.44 6.63
N VAL A 1153 -77.99 -32.72 6.39
CA VAL A 1153 -76.68 -33.22 5.96
C VAL A 1153 -76.32 -32.77 4.56
N ILE A 1154 -75.40 -31.82 4.47
CA ILE A 1154 -74.87 -31.39 3.18
C ILE A 1154 -73.50 -32.03 2.99
N SER A 1155 -73.38 -32.88 1.97
CA SER A 1155 -72.14 -33.63 1.76
C SER A 1155 -71.15 -32.88 0.88
N GLU A 1156 -71.66 -31.97 0.04
CA GLU A 1156 -70.80 -31.24 -0.88
C GLU A 1156 -71.48 -29.98 -1.44
N ILE A 1157 -70.79 -28.86 -1.33
CA ILE A 1157 -71.28 -27.61 -1.92
C ILE A 1157 -70.47 -27.24 -3.17
N ASP A 1158 -71.18 -27.05 -4.28
CA ASP A 1158 -70.55 -26.71 -5.55
C ASP A 1158 -71.01 -25.34 -6.03
N PHE A 1159 -70.10 -24.37 -6.00
CA PHE A 1159 -70.45 -22.98 -6.33
C PHE A 1159 -70.43 -22.69 -7.83
N ASN A 1160 -69.42 -23.20 -8.54
CA ASN A 1160 -69.27 -22.88 -9.96
C ASN A 1160 -70.24 -23.62 -10.86
N ASN A 1161 -70.93 -24.62 -10.31
CA ASN A 1161 -71.94 -25.36 -11.06
C ASN A 1161 -73.33 -25.24 -10.42
N ASN A 1162 -73.39 -24.53 -9.29
CA ASN A 1162 -74.63 -24.32 -8.54
C ASN A 1162 -75.37 -25.62 -8.20
N SER A 1163 -74.66 -26.54 -7.53
CA SER A 1163 -75.24 -27.83 -7.17
C SER A 1163 -74.79 -28.28 -5.77
N ILE A 1164 -75.54 -29.19 -5.16
CA ILE A 1164 -75.29 -29.65 -3.80
C ILE A 1164 -75.39 -31.17 -3.69
N LYS A 1165 -74.46 -31.78 -2.97
CA LYS A 1165 -74.59 -33.22 -2.71
C LYS A 1165 -75.02 -33.45 -1.27
N LEU A 1166 -76.01 -34.32 -1.09
CA LEU A 1166 -76.55 -34.62 0.22
C LEU A 1166 -76.00 -35.94 0.76
N GLY A 1167 -75.71 -35.97 2.06
CA GLY A 1167 -75.18 -37.16 2.70
C GLY A 1167 -76.27 -38.14 3.04
N THR A 1168 -75.92 -39.16 3.83
CA THR A 1168 -76.86 -40.21 4.18
C THR A 1168 -77.57 -39.93 5.51
N CYS A 1169 -78.84 -39.56 5.42
CA CYS A 1169 -79.68 -39.40 6.59
C CYS A 1169 -80.77 -40.48 6.58
N ASN A 1170 -80.59 -41.49 7.42
CA ASN A 1170 -81.44 -42.67 7.36
C ASN A 1170 -82.14 -43.01 8.66
N ILE A 1171 -83.18 -43.83 8.54
CA ILE A 1171 -83.90 -44.33 9.70
C ILE A 1171 -84.17 -45.82 9.48
N LEU A 1172 -84.12 -46.59 10.57
CA LEU A 1172 -84.26 -48.04 10.50
C LEU A 1172 -85.62 -48.47 9.95
N ALA A 1173 -85.64 -49.62 9.28
CA ALA A 1173 -86.86 -50.15 8.70
C ALA A 1173 -87.49 -51.23 9.59
N MET A 1174 -88.78 -51.48 9.39
CA MET A 1174 -89.46 -52.55 10.10
C MET A 1174 -89.91 -53.62 9.11
N GLU A 1175 -90.37 -54.75 9.64
CA GLU A 1175 -90.71 -55.90 8.79
C GLU A 1175 -91.78 -56.79 9.40
N GLY A 1176 -92.54 -57.44 8.53
CA GLY A 1176 -93.49 -58.46 8.95
C GLY A 1176 -94.64 -57.99 9.82
N GLY A 1177 -95.63 -57.37 9.20
CA GLY A 1177 -96.88 -57.05 9.88
C GLY A 1177 -97.91 -58.12 9.53
N SER A 1178 -98.85 -58.36 10.42
CA SER A 1178 -99.84 -59.41 10.19
C SER A 1178 -101.01 -58.90 9.34
N GLY A 1179 -101.94 -58.18 9.96
CA GLY A 1179 -103.09 -57.64 9.26
C GLY A 1179 -103.04 -56.14 9.12
N HIS A 1180 -102.98 -55.66 7.88
CA HIS A 1180 -102.81 -54.23 7.61
C HIS A 1180 -104.07 -53.59 7.01
N THR A 1181 -104.59 -52.57 7.70
CA THR A 1181 -105.72 -51.79 7.21
C THR A 1181 -105.49 -50.29 7.44
N VAL A 1182 -106.03 -49.46 6.54
CA VAL A 1182 -105.91 -48.01 6.68
C VAL A 1182 -107.28 -47.35 6.67
N THR A 1183 -107.61 -46.67 7.76
CA THR A 1183 -108.88 -45.95 7.87
C THR A 1183 -108.66 -44.53 8.38
N GLY A 1184 -108.90 -43.54 7.51
CA GLY A 1184 -108.76 -42.15 7.88
C GLY A 1184 -107.34 -41.74 8.23
N ASN A 1185 -106.41 -42.00 7.32
CA ASN A 1185 -105.01 -41.64 7.47
C ASN A 1185 -104.36 -42.29 8.70
N ILE A 1186 -105.01 -43.35 9.20
CA ILE A 1186 -104.50 -44.06 10.36
C ILE A 1186 -104.38 -45.55 10.07
N ASP A 1187 -103.17 -46.08 10.26
CA ASP A 1187 -102.88 -47.47 9.95
C ASP A 1187 -103.22 -48.38 11.13
N HIS A 1188 -103.83 -49.52 10.85
CA HIS A 1188 -104.10 -50.52 11.88
C HIS A 1188 -103.36 -51.82 11.58
N PHE A 1189 -102.74 -52.40 12.60
CA PHE A 1189 -101.88 -53.56 12.40
C PHE A 1189 -102.07 -54.68 13.42
N PHE A 1190 -101.01 -55.48 13.53
CA PHE A 1190 -100.88 -56.51 14.55
C PHE A 1190 -99.40 -56.63 14.91
N SER A 1191 -98.83 -55.51 15.35
CA SER A 1191 -97.46 -55.43 15.84
C SER A 1191 -96.43 -55.82 14.78
N SER A 1192 -96.00 -54.83 13.99
CA SER A 1192 -94.90 -55.01 13.05
C SER A 1192 -93.62 -54.44 13.65
N PRO A 1193 -92.70 -55.33 14.03
CA PRO A 1193 -91.47 -54.95 14.76
C PRO A 1193 -90.43 -54.25 13.89
N SER A 1194 -89.86 -53.18 14.42
CA SER A 1194 -88.73 -52.52 13.78
C SER A 1194 -87.46 -53.28 14.13
N ILE A 1195 -86.68 -53.62 13.11
CA ILE A 1195 -85.45 -54.37 13.32
C ILE A 1195 -84.52 -53.59 14.23
N SER A 1196 -83.76 -54.31 15.05
CA SER A 1196 -82.87 -53.65 16.01
C SER A 1196 -81.55 -54.38 16.27
N SER A 1197 -80.67 -54.46 15.26
CA SER A 1197 -80.90 -54.00 13.90
C SER A 1197 -80.09 -54.86 12.91
N HIS A 1198 -80.79 -55.48 11.96
CA HIS A 1198 -80.15 -56.39 11.00
C HIS A 1198 -80.81 -56.32 9.62
N ILE A 1199 -81.35 -55.15 9.30
CA ILE A 1199 -82.09 -54.96 8.06
C ILE A 1199 -81.76 -53.59 7.44
N PRO A 1200 -81.64 -53.52 6.11
CA PRO A 1200 -81.40 -52.29 5.34
C PRO A 1200 -82.11 -51.04 5.88
N SER A 1201 -81.48 -49.88 5.70
CA SER A 1201 -82.00 -48.63 6.23
C SER A 1201 -82.83 -47.88 5.20
N LEU A 1202 -83.75 -47.04 5.68
CA LEU A 1202 -84.60 -46.24 4.81
C LEU A 1202 -84.08 -44.82 4.69
N SER A 1203 -84.28 -44.21 3.53
CA SER A 1203 -83.79 -42.86 3.30
C SER A 1203 -84.86 -41.82 3.63
N ILE A 1204 -84.59 -41.00 4.63
CA ILE A 1204 -85.52 -39.97 5.05
C ILE A 1204 -85.60 -38.85 4.00
N TYR A 1205 -84.44 -38.45 3.48
CA TYR A 1205 -84.36 -37.36 2.51
C TYR A 1205 -85.03 -37.72 1.18
N SER A 1206 -84.95 -39.00 0.81
CA SER A 1206 -85.54 -39.46 -0.45
C SER A 1206 -87.05 -39.21 -0.50
N ALA A 1207 -87.68 -39.23 0.68
CA ALA A 1207 -89.12 -38.98 0.77
C ALA A 1207 -89.43 -37.49 0.78
N ILE A 1208 -88.42 -36.68 1.12
CA ILE A 1208 -88.56 -35.23 1.12
C ILE A 1208 -88.37 -34.69 -0.30
N GLY A 1209 -88.98 -33.54 -0.58
CA GLY A 1209 -88.79 -32.89 -1.86
C GLY A 1209 -87.37 -32.37 -2.00
N ILE A 1210 -86.48 -33.22 -2.50
CA ILE A 1210 -85.07 -32.86 -2.69
C ILE A 1210 -84.92 -31.87 -3.84
N GLU A 1211 -84.24 -30.76 -3.57
CA GLU A 1211 -83.97 -29.77 -4.60
C GLU A 1211 -82.50 -29.41 -4.62
N THR A 1212 -81.77 -29.97 -5.58
CA THR A 1212 -80.31 -29.88 -5.59
C THR A 1212 -79.77 -28.80 -6.52
N GLU A 1213 -80.04 -28.91 -7.82
CA GLU A 1213 -79.43 -28.03 -8.80
C GLU A 1213 -80.13 -26.69 -8.93
N ASN A 1214 -79.48 -25.77 -9.65
CA ASN A 1214 -80.02 -24.45 -9.94
C ASN A 1214 -80.43 -23.66 -8.70
N LEU A 1215 -79.51 -23.56 -7.74
CA LEU A 1215 -79.76 -22.77 -6.55
C LEU A 1215 -79.23 -21.36 -6.72
N ASP A 1216 -79.70 -20.45 -5.88
CA ASP A 1216 -79.29 -19.05 -5.97
C ASP A 1216 -78.09 -18.77 -5.05
N PHE A 1217 -76.89 -18.93 -5.58
CA PHE A 1217 -75.68 -18.64 -4.84
C PHE A 1217 -75.21 -17.22 -5.10
N SER A 1218 -76.16 -16.30 -5.19
CA SER A 1218 -75.85 -14.90 -5.44
C SER A 1218 -75.20 -14.28 -4.20
N LYS A 1219 -75.66 -14.69 -3.03
CA LYS A 1219 -75.10 -14.19 -1.78
C LYS A 1219 -73.68 -14.70 -1.58
N LYS A 1220 -72.81 -13.83 -1.10
CA LYS A 1220 -71.40 -14.17 -0.91
C LYS A 1220 -71.16 -14.76 0.47
N ILE A 1221 -71.93 -14.30 1.46
CA ILE A 1221 -71.83 -14.81 2.81
C ILE A 1221 -72.65 -16.09 2.96
N MET A 1222 -72.04 -17.12 3.55
CA MET A 1222 -72.71 -18.40 3.72
C MET A 1222 -72.32 -19.11 5.01
N MET A 1223 -73.32 -19.63 5.72
CA MET A 1223 -73.08 -20.48 6.88
C MET A 1223 -72.72 -21.89 6.42
N LEU A 1224 -71.74 -22.50 7.08
CA LEU A 1224 -71.36 -23.86 6.76
C LEU A 1224 -72.31 -24.86 7.41
N PRO A 1225 -72.59 -25.98 6.71
CA PRO A 1225 -73.44 -27.05 7.22
C PRO A 1225 -72.89 -27.65 8.51
N ASN A 1226 -73.79 -28.09 9.39
CA ASN A 1226 -73.40 -28.61 10.69
C ASN A 1226 -73.93 -30.01 10.96
N ALA A 1227 -74.17 -30.76 9.89
CA ALA A 1227 -74.79 -32.06 10.02
C ALA A 1227 -73.97 -33.18 9.41
N PRO A 1228 -73.49 -34.10 10.26
CA PRO A 1228 -72.82 -35.32 9.79
C PRO A 1228 -73.84 -36.39 9.38
N SER A 1229 -73.46 -37.25 8.44
CA SER A 1229 -74.32 -38.34 8.00
C SER A 1229 -74.64 -39.27 9.17
N ARG A 1230 -75.84 -39.84 9.18
CA ARG A 1230 -76.31 -40.59 10.34
C ARG A 1230 -77.41 -41.58 10.02
N VAL A 1231 -77.61 -42.53 10.93
CA VAL A 1231 -78.71 -43.48 10.84
C VAL A 1231 -79.49 -43.47 12.14
N PHE A 1232 -80.80 -43.23 12.05
CA PHE A 1232 -81.63 -43.10 13.25
C PHE A 1232 -82.10 -44.44 13.80
N TRP A 1233 -81.59 -44.81 14.97
CA TRP A 1233 -82.16 -45.90 15.75
C TRP A 1233 -83.38 -45.35 16.47
N TRP A 1234 -84.38 -46.19 16.71
CA TRP A 1234 -85.63 -45.73 17.32
C TRP A 1234 -86.54 -46.90 17.69
N GLU A 1235 -87.41 -46.66 18.68
CA GLU A 1235 -88.42 -47.65 19.05
C GLU A 1235 -89.79 -47.00 19.16
N THR A 1236 -90.80 -47.80 19.48
CA THR A 1236 -92.15 -47.29 19.62
C THR A 1236 -92.64 -47.42 21.06
N GLY A 1237 -93.64 -46.62 21.41
CA GLY A 1237 -94.19 -46.62 22.75
C GLY A 1237 -95.69 -46.42 22.76
N ALA A 1238 -96.33 -46.84 23.84
CA ALA A 1238 -97.78 -46.69 23.96
C ALA A 1238 -98.17 -45.23 24.07
N VAL A 1239 -98.63 -44.66 22.96
CA VAL A 1239 -99.03 -43.25 22.95
C VAL A 1239 -100.49 -43.09 22.56
N PRO A 1240 -101.31 -42.60 23.49
CA PRO A 1240 -102.75 -42.44 23.26
C PRO A 1240 -103.08 -41.10 22.60
N GLY A 1241 -104.27 -41.02 22.02
CA GLY A 1241 -104.71 -39.82 21.35
C GLY A 1241 -103.81 -39.47 20.18
N LEU A 1242 -103.66 -38.16 19.92
CA LEU A 1242 -102.82 -37.66 18.84
C LEU A 1242 -103.22 -38.21 17.47
N ARG A 1243 -104.42 -38.77 17.39
CA ARG A 1243 -104.91 -39.33 16.14
C ARG A 1243 -105.25 -38.22 15.14
N SER A 1244 -104.94 -38.47 13.88
CA SER A 1244 -105.15 -37.51 12.80
C SER A 1244 -104.43 -36.18 13.07
N LEU A 1245 -103.30 -36.25 13.78
CA LEU A 1245 -102.46 -35.09 14.00
C LEU A 1245 -101.83 -34.66 12.68
N GLU A 1246 -102.10 -33.43 12.26
CA GLU A 1246 -101.64 -32.97 10.95
C GLU A 1246 -100.58 -31.89 11.03
N ASN A 1247 -99.36 -32.26 10.65
CA ASN A 1247 -98.26 -31.33 10.51
C ASN A 1247 -97.50 -31.61 9.22
N ASP A 1248 -96.58 -30.72 8.85
CA ASP A 1248 -95.76 -30.93 7.67
C ASP A 1248 -94.79 -32.11 7.90
N GLY A 1249 -94.65 -32.50 9.16
CA GLY A 1249 -93.83 -33.65 9.52
C GLY A 1249 -94.62 -34.95 9.49
N THR A 1250 -95.87 -34.90 9.92
CA THR A 1250 -96.75 -36.06 9.85
C THR A 1250 -96.97 -36.47 8.41
N ARG A 1251 -97.08 -35.49 7.53
CA ARG A 1251 -97.22 -35.74 6.10
C ARG A 1251 -95.95 -36.37 5.57
N LEU A 1252 -94.82 -35.81 6.01
CA LEU A 1252 -93.50 -36.33 5.64
C LEU A 1252 -93.30 -37.74 6.17
N LEU A 1253 -93.76 -37.98 7.40
CA LEU A 1253 -93.69 -39.30 8.00
C LEU A 1253 -94.57 -40.27 7.22
N ASP A 1254 -95.67 -39.77 6.70
CA ASP A 1254 -96.54 -40.55 5.83
C ASP A 1254 -95.92 -40.69 4.44
N SER A 1255 -95.11 -39.71 4.06
CA SER A 1255 -94.39 -39.77 2.79
C SER A 1255 -93.36 -40.90 2.84
N ILE A 1256 -92.82 -41.16 4.02
CA ILE A 1256 -91.91 -42.29 4.21
C ILE A 1256 -92.70 -43.59 4.21
N ARG A 1257 -93.86 -43.57 4.87
CA ARG A 1257 -94.72 -44.74 4.96
C ARG A 1257 -95.23 -45.17 3.58
N ASP A 1258 -95.69 -44.20 2.79
CA ASP A 1258 -96.23 -44.48 1.47
C ASP A 1258 -95.14 -44.91 0.49
N LEU A 1259 -93.99 -44.24 0.55
CA LEU A 1259 -92.87 -44.55 -0.33
C LEU A 1259 -92.24 -45.90 0.05
N TYR A 1260 -92.33 -46.23 1.33
CA TYR A 1260 -91.80 -47.50 1.83
C TYR A 1260 -92.92 -48.37 2.42
N PRO A 1261 -93.59 -49.16 1.57
CA PRO A 1261 -94.68 -50.03 2.02
C PRO A 1261 -94.19 -51.24 2.81
N GLY A 1262 -94.73 -51.43 4.00
CA GLY A 1262 -94.35 -52.55 4.85
C GLY A 1262 -92.93 -52.45 5.35
N LYS A 1263 -92.42 -51.23 5.44
CA LYS A 1263 -91.05 -51.00 5.89
C LYS A 1263 -90.99 -49.95 7.00
N PHE A 1264 -91.99 -49.07 7.05
CA PHE A 1264 -92.00 -48.01 8.06
C PHE A 1264 -93.42 -47.59 8.46
N TYR A 1265 -93.68 -47.65 9.76
CA TYR A 1265 -94.94 -47.18 10.32
C TYR A 1265 -94.69 -46.50 11.66
N TRP A 1266 -95.07 -45.24 11.75
CA TRP A 1266 -94.74 -44.41 12.91
C TRP A 1266 -95.90 -44.23 13.87
N ARG A 1267 -97.11 -44.51 13.39
CA ARG A 1267 -98.31 -44.35 14.19
C ARG A 1267 -99.34 -45.38 13.79
N PHE A 1268 -99.69 -46.26 14.73
CA PHE A 1268 -100.55 -47.39 14.40
C PHE A 1268 -101.31 -47.94 15.60
N TYR A 1269 -102.40 -48.65 15.32
CA TYR A 1269 -103.18 -49.32 16.35
C TYR A 1269 -103.01 -50.83 16.27
N ALA A 1270 -102.67 -51.43 17.39
CA ALA A 1270 -102.54 -52.88 17.49
C ALA A 1270 -102.96 -53.31 18.89
N PHE A 1271 -104.27 -53.30 19.13
CA PHE A 1271 -104.89 -53.52 20.44
C PHE A 1271 -104.60 -52.34 21.39
N PHE A 1272 -103.64 -51.51 21.00
CA PHE A 1272 -103.33 -50.26 21.70
C PHE A 1272 -102.78 -49.24 20.71
N ASP A 1273 -102.86 -47.96 21.05
CA ASP A 1273 -102.32 -46.92 20.19
C ASP A 1273 -100.81 -46.78 20.38
N TYR A 1274 -100.06 -47.15 19.36
CA TYR A 1274 -98.61 -47.09 19.40
C TYR A 1274 -98.06 -46.03 18.46
N ALA A 1275 -97.00 -45.35 18.89
CA ALA A 1275 -96.35 -44.33 18.09
C ALA A 1275 -94.85 -44.33 18.34
N ILE A 1276 -94.09 -43.71 17.45
CA ILE A 1276 -92.63 -43.64 17.59
C ILE A 1276 -92.28 -42.78 18.80
N THR A 1277 -91.81 -43.42 19.87
CA THR A 1277 -91.58 -42.70 21.12
C THR A 1277 -90.34 -41.82 21.08
N THR A 1278 -89.18 -42.42 20.85
CA THR A 1278 -87.93 -41.67 20.88
C THR A 1278 -87.19 -41.71 19.54
N LEU A 1279 -86.09 -40.97 19.46
CA LEU A 1279 -85.31 -40.89 18.24
C LEU A 1279 -83.82 -40.78 18.56
N LYS A 1280 -83.11 -41.90 18.48
CA LYS A 1280 -81.70 -41.93 18.85
C LYS A 1280 -80.78 -42.18 17.64
N PRO A 1281 -80.02 -41.16 17.25
CA PRO A 1281 -79.14 -41.25 16.07
C PRO A 1281 -77.76 -41.81 16.39
N VAL A 1282 -77.10 -42.35 15.36
CA VAL A 1282 -75.69 -42.69 15.44
C VAL A 1282 -74.96 -42.02 14.28
N TYR A 1283 -74.03 -41.13 14.61
CA TYR A 1283 -73.36 -40.31 13.61
C TYR A 1283 -72.11 -40.97 13.05
N GLU A 1284 -72.06 -41.09 11.73
CA GLU A 1284 -70.83 -41.49 11.04
C GLU A 1284 -70.16 -40.23 10.50
N ASP A 1285 -68.86 -40.10 10.76
CA ASP A 1285 -68.13 -38.90 10.39
C ASP A 1285 -68.13 -38.67 8.88
N THR A 1286 -68.49 -37.46 8.48
CA THR A 1286 -68.56 -37.10 7.06
C THR A 1286 -67.67 -35.91 6.70
N ASN A 1287 -67.46 -35.73 5.40
CA ASN A 1287 -66.69 -34.61 4.90
C ASN A 1287 -67.49 -33.78 3.90
N ILE A 1288 -67.45 -32.47 4.08
CA ILE A 1288 -68.17 -31.55 3.19
C ILE A 1288 -67.20 -30.88 2.23
N LYS A 1289 -67.05 -31.45 1.03
CA LYS A 1289 -66.18 -30.87 0.03
C LYS A 1289 -66.82 -29.63 -0.60
N ILE A 1290 -66.07 -28.54 -0.62
CA ILE A 1290 -66.60 -27.27 -1.11
C ILE A 1290 -65.85 -26.80 -2.35
N LYS A 1291 -66.55 -26.78 -3.47
CA LYS A 1291 -65.96 -26.37 -4.75
C LYS A 1291 -66.28 -24.91 -5.04
N LEU A 1292 -65.25 -24.09 -5.10
CA LEU A 1292 -65.41 -22.65 -5.25
C LEU A 1292 -65.24 -22.17 -6.69
N ASP A 1293 -65.62 -20.91 -6.93
CA ASP A 1293 -65.41 -20.27 -8.22
C ASP A 1293 -64.53 -19.03 -8.05
N LYS A 1294 -64.27 -18.32 -9.14
CA LYS A 1294 -63.40 -17.14 -9.10
C LYS A 1294 -64.02 -16.01 -8.29
N ASP A 1295 -65.35 -16.06 -8.15
CA ASP A 1295 -66.08 -15.06 -7.37
C ASP A 1295 -65.65 -15.09 -5.91
N THR A 1296 -65.91 -13.99 -5.20
CA THR A 1296 -65.55 -13.88 -3.80
C THR A 1296 -66.58 -14.56 -2.89
N ARG A 1297 -66.09 -15.32 -1.91
CA ARG A 1297 -66.98 -16.10 -1.05
C ARG A 1297 -66.66 -15.90 0.43
N ASN A 1298 -67.68 -15.56 1.21
CA ASN A 1298 -67.53 -15.38 2.65
C ASN A 1298 -68.22 -16.51 3.42
N PHE A 1299 -67.51 -17.11 4.37
CA PHE A 1299 -68.01 -18.29 5.07
C PHE A 1299 -68.00 -18.14 6.59
N ILE A 1300 -68.99 -18.74 7.23
CA ILE A 1300 -69.04 -18.81 8.70
C ILE A 1300 -69.08 -20.27 9.16
N MET A 1301 -68.19 -20.60 10.09
CA MET A 1301 -68.16 -21.93 10.68
C MET A 1301 -69.19 -22.03 11.80
N PRO A 1302 -70.05 -23.06 11.72
CA PRO A 1302 -71.13 -23.24 12.70
C PRO A 1302 -70.61 -23.59 14.09
N THR A 1303 -71.22 -23.01 15.12
CA THR A 1303 -70.82 -23.27 16.49
C THR A 1303 -71.59 -24.47 17.05
N ILE A 1304 -70.93 -25.61 17.10
CA ILE A 1304 -71.57 -26.86 17.51
C ILE A 1304 -71.32 -27.20 18.97
N THR A 1305 -72.39 -27.24 19.76
CA THR A 1305 -72.32 -27.46 21.19
C THR A 1305 -71.80 -28.86 21.53
N THR A 1306 -72.58 -29.88 21.21
CA THR A 1306 -72.22 -31.26 21.54
C THR A 1306 -71.00 -31.72 20.75
N ASN A 1307 -70.09 -32.40 21.45
CA ASN A 1307 -68.82 -32.81 20.88
C ASN A 1307 -68.94 -33.98 19.91
N GLU A 1308 -69.91 -34.85 20.16
CA GLU A 1308 -70.11 -36.04 19.33
C GLU A 1308 -70.43 -35.63 17.88
N ILE A 1309 -71.27 -34.62 17.73
CA ILE A 1309 -71.65 -34.13 16.41
C ILE A 1309 -70.50 -33.40 15.73
N ARG A 1310 -69.80 -32.56 16.49
CA ARG A 1310 -68.73 -31.73 15.95
C ARG A 1310 -67.54 -32.54 15.46
N ASN A 1311 -67.12 -33.52 16.26
CA ASN A 1311 -65.95 -34.33 15.94
C ASN A 1311 -66.11 -35.10 14.63
N LYS A 1312 -67.36 -35.36 14.25
CA LYS A 1312 -67.64 -36.11 13.03
C LYS A 1312 -67.46 -35.26 11.78
N LEU A 1313 -67.39 -33.95 11.95
CA LEU A 1313 -67.34 -33.06 10.79
C LEU A 1313 -65.93 -32.73 10.32
N SER A 1314 -65.83 -32.36 9.05
CA SER A 1314 -64.56 -31.97 8.43
C SER A 1314 -64.84 -31.22 7.13
N TYR A 1315 -64.07 -30.17 6.87
CA TYR A 1315 -64.30 -29.34 5.69
C TYR A 1315 -63.17 -29.45 4.68
N SER A 1316 -63.51 -29.29 3.41
CA SER A 1316 -62.53 -29.36 2.32
C SER A 1316 -62.84 -28.32 1.25
N PHE A 1317 -62.02 -27.28 1.18
CA PHE A 1317 -62.21 -26.20 0.21
C PHE A 1317 -61.34 -26.38 -1.01
N ASP A 1318 -61.86 -25.96 -2.17
CA ASP A 1318 -61.09 -25.97 -3.41
C ASP A 1318 -61.09 -24.58 -4.04
N GLY A 1319 -59.95 -23.89 -3.98
CA GLY A 1319 -59.83 -22.54 -4.48
C GLY A 1319 -60.02 -22.42 -5.98
N ALA A 1320 -60.18 -21.18 -6.46
CA ALA A 1320 -60.35 -20.93 -7.88
C ALA A 1320 -59.90 -19.52 -8.27
N GLY A 1321 -58.90 -18.99 -7.57
CA GLY A 1321 -58.34 -17.70 -7.88
C GLY A 1321 -59.19 -16.52 -7.45
N GLY A 1322 -59.87 -16.67 -6.32
CA GLY A 1322 -60.76 -15.63 -5.82
C GLY A 1322 -60.51 -15.25 -4.38
N THR A 1323 -61.38 -14.41 -3.82
CA THR A 1323 -61.25 -13.98 -2.44
C THR A 1323 -62.15 -14.81 -1.53
N TYR A 1324 -61.52 -15.56 -0.63
CA TYR A 1324 -62.25 -16.45 0.27
C TYR A 1324 -61.99 -16.12 1.74
N SER A 1325 -63.05 -16.02 2.52
CA SER A 1325 -62.93 -15.75 3.94
C SER A 1325 -63.67 -16.79 4.76
N LEU A 1326 -63.16 -17.07 5.96
CA LEU A 1326 -63.77 -18.06 6.84
C LEU A 1326 -63.73 -17.59 8.29
N LEU A 1327 -64.90 -17.25 8.84
CA LEU A 1327 -64.98 -16.88 10.24
C LEU A 1327 -64.89 -18.13 11.10
N LEU A 1328 -63.87 -18.18 11.95
CA LEU A 1328 -63.65 -19.34 12.81
C LEU A 1328 -64.63 -19.35 13.98
N SER A 1329 -65.15 -20.53 14.28
CA SER A 1329 -66.08 -20.70 15.39
C SER A 1329 -65.34 -20.92 16.70
N SER A 1330 -66.03 -20.68 17.81
CA SER A 1330 -65.45 -20.86 19.13
C SER A 1330 -65.07 -22.32 19.37
N TYR A 1331 -65.81 -23.23 18.76
CA TYR A 1331 -65.54 -24.66 18.89
C TYR A 1331 -64.90 -25.19 17.61
N PRO A 1332 -63.70 -25.78 17.72
CA PRO A 1332 -62.87 -26.24 16.61
C PRO A 1332 -63.50 -27.34 15.76
N ILE A 1333 -63.58 -27.11 14.46
CA ILE A 1333 -63.99 -28.14 13.51
C ILE A 1333 -62.88 -28.34 12.50
N SER A 1334 -62.54 -29.60 12.23
CA SER A 1334 -61.44 -29.94 11.34
C SER A 1334 -61.63 -29.33 9.94
N THR A 1335 -60.57 -28.72 9.43
CA THR A 1335 -60.65 -28.00 8.17
C THR A 1335 -59.41 -28.20 7.32
N ASN A 1336 -59.61 -28.30 6.00
CA ASN A 1336 -58.50 -28.41 5.06
C ASN A 1336 -58.76 -27.56 3.84
N ILE A 1337 -57.73 -26.85 3.37
CA ILE A 1337 -57.88 -25.92 2.26
C ILE A 1337 -56.92 -26.21 1.10
N ASN A 1338 -57.47 -26.30 -0.11
CA ASN A 1338 -56.68 -26.56 -1.30
C ASN A 1338 -56.33 -25.27 -2.04
N LEU A 1339 -55.08 -24.85 -1.92
CA LEU A 1339 -54.63 -23.55 -2.45
C LEU A 1339 -54.31 -23.59 -3.94
N SER A 1340 -55.17 -22.96 -4.74
CA SER A 1340 -54.89 -22.78 -6.16
C SER A 1340 -54.61 -21.31 -6.41
N LYS A 1341 -53.44 -21.02 -7.00
CA LYS A 1341 -52.95 -19.66 -7.21
C LYS A 1341 -52.63 -18.99 -5.87
N ASP A 1342 -52.87 -19.70 -4.77
CA ASP A 1342 -52.72 -19.18 -3.41
C ASP A 1342 -53.47 -17.85 -3.26
N ASP A 1343 -54.69 -17.81 -3.78
CA ASP A 1343 -55.53 -16.62 -3.78
C ASP A 1343 -55.85 -16.13 -2.37
N LEU A 1344 -56.61 -15.05 -2.29
CA LEU A 1344 -56.92 -14.41 -1.00
C LEU A 1344 -57.63 -15.36 -0.04
N TRP A 1345 -56.98 -15.69 1.06
CA TRP A 1345 -57.60 -16.50 2.11
C TRP A 1345 -57.56 -15.76 3.45
N ILE A 1346 -58.71 -15.24 3.85
CA ILE A 1346 -58.85 -14.48 5.09
C ILE A 1346 -59.50 -15.33 6.17
N PHE A 1347 -59.04 -15.16 7.40
CA PHE A 1347 -59.58 -15.92 8.53
C PHE A 1347 -59.89 -15.02 9.71
N ASN A 1348 -61.18 -14.89 10.04
CA ASN A 1348 -61.61 -14.10 11.18
C ASN A 1348 -61.55 -14.91 12.46
N ILE A 1349 -60.62 -14.56 13.34
CA ILE A 1349 -60.40 -15.32 14.56
C ILE A 1349 -61.13 -14.71 15.75
N ASP A 1350 -62.12 -13.89 15.46
CA ASP A 1350 -62.88 -13.15 16.47
C ASP A 1350 -63.37 -14.03 17.62
N ASN A 1351 -63.97 -15.17 17.29
CA ASN A 1351 -64.56 -16.04 18.29
C ASN A 1351 -63.55 -16.88 19.05
N GLU A 1352 -62.35 -17.01 18.50
CA GLU A 1352 -61.34 -17.84 19.15
C GLU A 1352 -60.32 -17.02 19.93
N VAL A 1353 -60.33 -15.72 19.73
CA VAL A 1353 -59.40 -14.84 20.43
C VAL A 1353 -60.08 -14.20 21.65
N ARG A 1354 -61.39 -14.01 21.55
CA ARG A 1354 -62.14 -13.37 22.63
C ARG A 1354 -62.82 -14.38 23.54
N GLU A 1355 -63.38 -13.90 24.64
CA GLU A 1355 -64.14 -14.73 25.56
C GLU A 1355 -65.54 -14.97 25.00
N ILE A 1356 -66.00 -16.21 25.07
CA ILE A 1356 -67.26 -16.59 24.45
C ILE A 1356 -68.20 -17.31 25.40
N SER A 1357 -69.48 -16.93 25.38
CA SER A 1357 -70.52 -17.65 26.11
C SER A 1357 -71.82 -17.60 25.29
N ILE A 1358 -72.77 -18.45 25.63
CA ILE A 1358 -74.00 -18.55 24.87
C ILE A 1358 -75.22 -17.97 25.60
N GLU A 1359 -75.82 -16.94 25.00
CA GLU A 1359 -77.06 -16.36 25.52
C GLU A 1359 -78.21 -16.69 24.57
N ASN A 1360 -79.30 -17.20 25.13
CA ASN A 1360 -80.51 -17.59 24.38
C ASN A 1360 -80.25 -18.26 23.02
N GLY A 1361 -79.16 -19.02 22.93
CA GLY A 1361 -78.86 -19.78 21.73
C GLY A 1361 -77.96 -19.08 20.74
N THR A 1362 -77.47 -17.89 21.11
CA THR A 1362 -76.58 -17.13 20.23
C THR A 1362 -75.24 -16.83 20.91
N ILE A 1363 -74.28 -16.37 20.12
CA ILE A 1363 -72.93 -16.13 20.62
C ILE A 1363 -72.69 -14.67 20.98
N LYS A 1364 -72.09 -14.44 22.15
CA LYS A 1364 -71.73 -13.10 22.58
C LYS A 1364 -70.23 -12.99 22.84
N LYS A 1365 -69.56 -12.20 22.00
CA LYS A 1365 -68.12 -11.99 22.13
C LYS A 1365 -67.82 -11.08 23.32
N GLY A 1366 -66.78 -11.42 24.07
CA GLY A 1366 -66.40 -10.65 25.23
C GLY A 1366 -65.00 -10.09 25.16
N LYS A 1367 -64.36 -9.97 26.32
CA LYS A 1367 -63.01 -9.42 26.41
C LYS A 1367 -61.98 -10.37 25.78
N LEU A 1368 -60.82 -9.82 25.45
CA LEU A 1368 -59.76 -10.58 24.82
C LEU A 1368 -59.05 -11.49 25.82
N ILE A 1369 -58.67 -12.69 25.38
CA ILE A 1369 -57.97 -13.63 26.25
C ILE A 1369 -56.46 -13.49 26.10
N LYS A 1370 -55.76 -13.44 27.22
CA LYS A 1370 -54.31 -13.25 27.21
C LYS A 1370 -53.55 -14.47 26.70
N ASP A 1371 -52.41 -14.22 26.06
CA ASP A 1371 -51.48 -15.26 25.63
C ASP A 1371 -52.05 -16.24 24.59
N VAL A 1372 -53.16 -15.87 23.96
CA VAL A 1372 -53.76 -16.71 22.93
C VAL A 1372 -52.85 -16.83 21.71
N LEU A 1373 -52.33 -15.69 21.25
CA LEU A 1373 -51.45 -15.66 20.10
C LEU A 1373 -49.98 -15.62 20.51
N SER A 1374 -49.72 -15.88 21.78
CA SER A 1374 -48.34 -15.94 22.27
C SER A 1374 -47.66 -17.18 21.69
N LYS A 1375 -48.45 -18.20 21.40
CA LYS A 1375 -47.96 -19.40 20.75
C LYS A 1375 -48.69 -19.64 19.43
N ILE A 1376 -48.02 -19.34 18.32
CA ILE A 1376 -48.58 -19.58 17.01
C ILE A 1376 -47.66 -20.49 16.20
N ASP A 1377 -48.23 -21.55 15.63
CA ASP A 1377 -47.46 -22.49 14.82
C ASP A 1377 -47.75 -22.30 13.33
N ILE A 1378 -46.70 -22.13 12.53
CA ILE A 1378 -46.86 -21.93 11.10
C ILE A 1378 -46.03 -22.92 10.29
N ASN A 1379 -46.68 -23.59 9.34
CA ASN A 1379 -46.01 -24.46 8.39
C ASN A 1379 -46.63 -24.30 7.01
N LYS A 1380 -45.92 -24.75 5.98
CA LYS A 1380 -46.43 -24.61 4.61
C LYS A 1380 -47.65 -25.52 4.39
N ASN A 1381 -47.80 -26.52 5.24
CA ASN A 1381 -48.88 -27.49 5.09
C ASN A 1381 -49.94 -27.39 6.18
N LYS A 1382 -49.67 -26.61 7.21
CA LYS A 1382 -50.55 -26.58 8.37
C LYS A 1382 -50.36 -25.34 9.23
N LEU A 1383 -51.48 -24.72 9.60
CA LEU A 1383 -51.48 -23.55 10.47
C LEU A 1383 -52.29 -23.82 11.73
N ILE A 1384 -51.68 -23.61 12.89
CA ILE A 1384 -52.36 -23.83 14.16
C ILE A 1384 -52.49 -22.55 14.97
N ILE A 1385 -53.74 -22.10 15.12
CA ILE A 1385 -54.03 -20.98 16.01
C ILE A 1385 -55.11 -21.42 16.98
N GLY A 1386 -54.77 -21.47 18.26
CA GLY A 1386 -55.68 -21.91 19.30
C GLY A 1386 -57.05 -21.25 19.19
N ASN A 1387 -58.10 -22.06 19.08
CA ASN A 1387 -57.99 -23.52 19.21
C ASN A 1387 -57.94 -24.26 17.86
N GLN A 1388 -58.42 -23.60 16.81
CA GLN A 1388 -58.55 -24.22 15.48
C GLN A 1388 -57.21 -24.66 14.87
N THR A 1389 -57.25 -25.72 14.09
CA THR A 1389 -56.08 -26.18 13.35
C THR A 1389 -56.40 -26.35 11.86
N ILE A 1390 -55.95 -25.42 11.05
CA ILE A 1390 -56.24 -25.44 9.62
C ILE A 1390 -55.13 -26.16 8.84
N ASP A 1391 -55.47 -27.28 8.22
CA ASP A 1391 -54.52 -28.01 7.39
C ASP A 1391 -54.53 -27.45 5.97
N PHE A 1392 -53.40 -27.58 5.27
CA PHE A 1392 -53.30 -27.06 3.90
C PHE A 1392 -52.79 -28.10 2.92
N SER A 1393 -53.70 -28.56 2.06
CA SER A 1393 -53.33 -29.46 0.97
C SER A 1393 -53.40 -28.69 -0.34
N GLY A 1394 -53.09 -29.38 -1.44
CA GLY A 1394 -53.05 -28.74 -2.74
C GLY A 1394 -52.06 -27.59 -2.72
N ASP A 1395 -51.07 -27.72 -1.86
CA ASP A 1395 -50.12 -26.65 -1.58
C ASP A 1395 -49.25 -26.34 -2.79
N ILE A 1396 -49.54 -25.22 -3.44
CA ILE A 1396 -48.59 -24.68 -4.38
C ILE A 1396 -47.56 -23.92 -3.54
N ASP A 1397 -46.29 -24.29 -3.66
CA ASP A 1397 -45.24 -23.64 -2.89
C ASP A 1397 -45.05 -22.21 -3.39
N ASN A 1398 -46.10 -21.42 -3.28
CA ASN A 1398 -46.11 -20.05 -3.77
C ASN A 1398 -45.44 -19.13 -2.76
N LYS A 1399 -44.21 -18.74 -3.06
CA LYS A 1399 -43.46 -17.86 -2.19
C LYS A 1399 -44.13 -16.50 -2.05
N ASP A 1400 -44.75 -16.05 -3.14
CA ASP A 1400 -45.29 -14.70 -3.24
C ASP A 1400 -46.45 -14.40 -2.30
N ARG A 1401 -47.55 -15.11 -2.46
CA ARG A 1401 -48.79 -14.73 -1.79
C ARG A 1401 -48.88 -15.18 -0.33
N TYR A 1402 -49.59 -14.40 0.46
CA TYR A 1402 -49.63 -14.57 1.91
C TYR A 1402 -51.00 -15.01 2.43
N ILE A 1403 -51.09 -15.23 3.73
CA ILE A 1403 -52.35 -15.57 4.39
C ILE A 1403 -52.67 -14.53 5.46
N PHE A 1404 -53.94 -14.15 5.54
CA PHE A 1404 -54.33 -13.08 6.44
C PHE A 1404 -55.25 -13.53 7.57
N LEU A 1405 -54.90 -13.11 8.79
CA LEU A 1405 -55.74 -13.32 9.96
C LEU A 1405 -56.27 -11.95 10.41
N THR A 1406 -57.57 -11.88 10.71
CA THR A 1406 -58.17 -10.61 11.12
C THR A 1406 -59.09 -10.74 12.32
N CYS A 1407 -59.09 -9.71 13.16
CA CYS A 1407 -60.02 -9.62 14.28
C CYS A 1407 -60.28 -8.16 14.62
N GLU A 1408 -61.42 -7.90 15.24
CA GLU A 1408 -61.80 -6.54 15.59
C GLU A 1408 -61.41 -6.18 17.02
N LEU A 1409 -60.26 -5.54 17.18
CA LEU A 1409 -59.82 -5.06 18.50
C LEU A 1409 -60.77 -4.00 19.00
N ASP A 1410 -61.33 -3.23 18.07
CA ASP A 1410 -62.20 -2.11 18.37
C ASP A 1410 -63.29 -2.03 17.30
N ASP A 1411 -64.33 -1.25 17.57
CA ASP A 1411 -65.43 -1.04 16.63
C ASP A 1411 -64.93 -0.53 15.28
N LYS A 1412 -63.92 0.34 15.31
CA LYS A 1412 -63.41 0.95 14.08
C LYS A 1412 -61.98 0.52 13.77
N ILE A 1413 -61.29 -0.04 14.76
CA ILE A 1413 -59.90 -0.45 14.58
C ILE A 1413 -59.78 -1.96 14.36
N SER A 1414 -59.19 -2.34 13.23
CA SER A 1414 -59.04 -3.74 12.87
C SER A 1414 -57.58 -4.17 12.88
N LEU A 1415 -57.33 -5.39 13.36
CA LEU A 1415 -55.99 -5.94 13.36
C LEU A 1415 -55.84 -7.00 12.27
N ILE A 1416 -54.74 -6.93 11.53
CA ILE A 1416 -54.51 -7.87 10.44
C ILE A 1416 -53.14 -8.54 10.57
N ILE A 1417 -53.12 -9.87 10.47
CA ILE A 1417 -51.88 -10.62 10.57
C ILE A 1417 -51.48 -11.20 9.22
N GLU A 1418 -50.43 -10.63 8.63
CA GLU A 1418 -49.95 -11.05 7.31
C GLU A 1418 -49.02 -12.25 7.42
N ILE A 1419 -49.51 -13.43 7.06
CA ILE A 1419 -48.77 -14.68 7.24
C ILE A 1419 -48.30 -15.33 5.94
N ASN A 1420 -47.02 -15.69 5.89
CA ASN A 1420 -46.50 -16.51 4.80
C ASN A 1420 -46.25 -17.94 5.29
N LEU A 1421 -46.90 -18.90 4.66
CA LEU A 1421 -46.75 -20.30 5.03
C LEU A 1421 -45.33 -20.79 4.80
N VAL A 1422 -44.79 -20.46 3.63
CA VAL A 1422 -43.44 -20.88 3.26
C VAL A 1422 -42.41 -20.24 4.18
N ALA A 1423 -42.58 -18.95 4.46
CA ALA A 1423 -41.61 -18.20 5.26
C ALA A 1423 -41.68 -18.53 6.75
N LYS A 1424 -42.76 -19.20 7.16
CA LYS A 1424 -42.92 -19.64 8.55
C LYS A 1424 -42.90 -18.44 9.51
N SER A 1425 -43.49 -17.33 9.09
CA SER A 1425 -43.51 -16.12 9.90
C SER A 1425 -44.70 -15.24 9.56
N TYR A 1426 -44.87 -14.14 10.32
CA TYR A 1426 -45.99 -13.24 10.10
C TYR A 1426 -45.64 -11.78 10.37
N SER A 1427 -46.58 -10.89 10.03
CA SER A 1427 -46.41 -9.46 10.23
C SER A 1427 -47.68 -8.87 10.84
N LEU A 1428 -47.57 -7.67 11.40
CA LEU A 1428 -48.71 -7.01 12.03
C LEU A 1428 -49.17 -5.78 11.25
N LEU A 1429 -50.49 -5.52 11.28
CA LEU A 1429 -51.07 -4.43 10.52
C LEU A 1429 -52.31 -3.86 11.20
N LEU A 1430 -52.50 -2.55 11.09
CA LEU A 1430 -53.67 -1.89 11.68
C LEU A 1430 -54.42 -1.07 10.63
N SER A 1431 -55.76 -1.11 10.70
CA SER A 1431 -56.60 -0.35 9.79
C SER A 1431 -57.72 0.37 10.54
N GLY A 1432 -57.96 1.63 10.16
CA GLY A 1432 -58.99 2.43 10.78
C GLY A 1432 -58.76 3.92 10.59
N ASP A 1433 -59.59 4.73 11.22
CA ASP A 1433 -59.45 6.19 11.14
C ASP A 1433 -58.12 6.64 11.73
N LYS A 1434 -57.47 7.59 11.06
CA LYS A 1434 -56.18 8.10 11.50
C LYS A 1434 -56.25 8.70 12.89
N ASN A 1435 -57.09 9.73 13.04
CA ASN A 1435 -57.23 10.44 14.31
C ASN A 1435 -57.75 9.57 15.43
N TYR A 1436 -58.66 8.65 15.11
CA TYR A 1436 -59.22 7.76 16.10
C TYR A 1436 -58.19 6.75 16.57
N LEU A 1437 -57.35 6.27 15.65
CA LEU A 1437 -56.30 5.33 16.01
C LEU A 1437 -55.29 5.97 16.94
N ILE A 1438 -54.80 7.14 16.55
CA ILE A 1438 -53.81 7.88 17.33
C ILE A 1438 -54.28 8.11 18.76
N SER A 1439 -55.57 8.40 18.93
CA SER A 1439 -56.15 8.58 20.25
C SER A 1439 -56.13 7.28 21.04
N ASN A 1440 -56.73 6.24 20.48
CA ASN A 1440 -56.82 4.94 21.14
C ASN A 1440 -55.58 4.08 20.93
N LEU A 1441 -54.52 4.68 20.41
CA LEU A 1441 -53.29 3.97 20.12
C LEU A 1441 -52.68 3.33 21.36
N SER A 1442 -52.67 4.08 22.45
CA SER A 1442 -52.06 3.63 23.71
C SER A 1442 -52.69 2.36 24.24
N ASN A 1443 -54.00 2.22 24.05
CA ASN A 1443 -54.72 1.05 24.56
C ASN A 1443 -54.96 -0.04 23.52
N THR A 1444 -54.84 0.30 22.24
CA THR A 1444 -54.99 -0.70 21.19
C THR A 1444 -53.67 -1.42 20.96
N ILE A 1445 -52.57 -0.73 21.25
CA ILE A 1445 -51.26 -1.36 21.28
C ILE A 1445 -51.22 -2.28 22.50
N GLU A 1446 -51.90 -1.88 23.55
CA GLU A 1446 -52.04 -2.69 24.75
C GLU A 1446 -52.78 -3.99 24.45
N LYS A 1447 -53.79 -3.90 23.59
CA LYS A 1447 -54.56 -5.08 23.19
C LYS A 1447 -53.69 -6.08 22.46
N ILE A 1448 -52.81 -5.57 21.61
CA ILE A 1448 -51.93 -6.41 20.82
C ILE A 1448 -50.94 -7.15 21.73
N ASN A 1449 -50.47 -6.47 22.77
CA ASN A 1449 -49.63 -7.12 23.77
C ASN A 1449 -50.42 -8.12 24.61
N THR A 1450 -51.69 -7.81 24.82
CA THR A 1450 -52.59 -8.69 25.57
C THR A 1450 -52.75 -10.04 24.87
N LEU A 1451 -52.97 -10.00 23.56
CA LEU A 1451 -53.13 -11.21 22.77
C LEU A 1451 -51.88 -12.08 22.80
N GLY A 1452 -50.71 -11.43 22.83
CA GLY A 1452 -49.46 -12.14 22.93
C GLY A 1452 -48.56 -11.99 21.71
N LEU A 1453 -48.94 -11.08 20.81
CA LEU A 1453 -48.15 -10.83 19.61
C LEU A 1453 -46.81 -10.20 19.96
N ASP A 1454 -45.74 -10.71 19.35
CA ASP A 1454 -44.39 -10.30 19.72
C ASP A 1454 -43.77 -9.29 18.75
N SER A 1455 -44.47 -9.00 17.66
CA SER A 1455 -43.94 -8.13 16.61
C SER A 1455 -43.59 -6.74 17.16
N LYS A 1456 -42.33 -6.35 16.96
CA LYS A 1456 -41.79 -5.11 17.51
C LYS A 1456 -42.43 -3.87 16.88
N ASN A 1457 -42.81 -3.99 15.62
CA ASN A 1457 -43.39 -2.87 14.89
C ASN A 1457 -44.72 -3.24 14.22
N ILE A 1458 -45.62 -2.28 14.15
CA ILE A 1458 -46.93 -2.49 13.56
C ILE A 1458 -47.14 -1.58 12.36
N ALA A 1459 -47.48 -2.17 11.21
CA ALA A 1459 -47.75 -1.39 10.01
C ALA A 1459 -49.17 -0.82 10.05
N TYR A 1460 -49.36 0.34 9.42
CA TYR A 1460 -50.67 0.96 9.36
C TYR A 1460 -51.10 1.19 7.91
N ASN A 1461 -52.14 0.48 7.49
CA ASN A 1461 -52.68 0.66 6.15
C ASN A 1461 -54.20 0.79 6.20
N TYR A 1462 -54.72 1.84 5.58
CA TYR A 1462 -56.15 2.12 5.62
C TYR A 1462 -56.61 2.94 4.42
N THR A 1463 -57.65 2.45 3.74
CA THR A 1463 -58.27 3.19 2.65
C THR A 1463 -59.56 3.82 3.12
N ASP A 1464 -59.68 5.14 2.94
CA ASP A 1464 -60.83 5.89 3.41
C ASP A 1464 -61.93 5.92 2.36
N GLU A 1465 -63.10 6.41 2.74
CA GLU A 1465 -64.18 6.66 1.79
C GLU A 1465 -63.71 7.69 0.76
N SER A 1466 -64.34 7.69 -0.41
CA SER A 1466 -63.92 8.49 -1.57
C SER A 1466 -62.51 8.10 -2.03
N ASN A 1467 -62.06 6.93 -1.58
CA ASN A 1467 -60.81 6.31 -2.03
C ASN A 1467 -59.55 7.16 -1.83
N ASN A 1468 -59.35 7.65 -0.61
CA ASN A 1468 -58.07 8.25 -0.25
C ASN A 1468 -57.36 7.37 0.77
N LYS A 1469 -56.07 7.12 0.53
CA LYS A 1469 -55.34 6.08 1.26
C LYS A 1469 -54.39 6.64 2.32
N TYR A 1470 -54.13 5.84 3.34
CA TYR A 1470 -53.24 6.22 4.43
C TYR A 1470 -52.16 5.17 4.64
N PHE A 1471 -50.91 5.61 4.75
CA PHE A 1471 -49.80 4.71 5.00
C PHE A 1471 -49.04 5.12 6.25
N GLY A 1472 -48.33 4.17 6.85
CA GLY A 1472 -47.52 4.47 8.03
C GLY A 1472 -47.04 3.26 8.80
N ALA A 1473 -46.20 3.49 9.80
CA ALA A 1473 -45.70 2.42 10.66
C ALA A 1473 -45.66 2.85 12.12
N ILE A 1474 -45.85 1.89 13.01
CA ILE A 1474 -45.90 2.14 14.45
C ILE A 1474 -44.91 1.25 15.18
N SER A 1475 -44.28 1.79 16.22
CA SER A 1475 -43.40 1.00 17.07
C SER A 1475 -44.15 0.58 18.34
N LYS A 1476 -44.16 -0.73 18.61
CA LYS A 1476 -44.89 -1.27 19.75
C LYS A 1476 -44.33 -0.72 21.06
N THR A 1477 -43.02 -0.57 21.12
CA THR A 1477 -42.38 0.10 22.24
C THR A 1477 -42.20 1.59 21.92
N SER A 1478 -42.23 2.42 22.96
CA SER A 1478 -42.11 3.88 22.85
C SER A 1478 -43.31 4.54 22.15
N GLN A 1479 -44.11 3.76 21.43
CA GLN A 1479 -45.32 4.22 20.77
C GLN A 1479 -45.10 5.43 19.85
N LYS A 1480 -44.07 5.34 19.02
CA LYS A 1480 -43.80 6.38 18.03
C LYS A 1480 -44.26 5.91 16.65
N SER A 1481 -44.92 6.79 15.91
CA SER A 1481 -45.47 6.41 14.61
C SER A 1481 -45.44 7.55 13.60
N ILE A 1482 -45.12 7.22 12.35
CA ILE A 1482 -45.14 8.18 11.26
C ILE A 1482 -46.24 7.81 10.28
N ILE A 1483 -46.96 8.81 9.77
CA ILE A 1483 -48.06 8.56 8.84
C ILE A 1483 -47.93 9.41 7.58
N HIS A 1484 -48.02 8.78 6.41
CA HIS A 1484 -47.91 9.48 5.13
C HIS A 1484 -49.12 9.25 4.23
N TYR A 1485 -49.57 10.31 3.56
CA TYR A 1485 -50.66 10.21 2.59
C TYR A 1485 -50.66 11.42 1.65
N LYS A 1486 -51.36 11.30 0.52
CA LYS A 1486 -51.36 12.35 -0.49
C LYS A 1486 -52.72 13.04 -0.61
N LYS A 1487 -52.88 14.17 0.06
CA LYS A 1487 -54.08 14.98 -0.05
C LYS A 1487 -53.90 16.07 -1.11
N ASP A 1488 -54.81 16.12 -2.07
CA ASP A 1488 -54.77 17.09 -3.17
C ASP A 1488 -53.45 17.03 -3.93
N SER A 1489 -53.04 15.82 -4.28
CA SER A 1489 -51.85 15.55 -5.11
C SER A 1489 -50.52 15.95 -4.47
N LYS A 1490 -50.55 16.58 -3.31
CA LYS A 1490 -49.33 16.96 -2.61
C LYS A 1490 -49.08 16.04 -1.42
N ASN A 1491 -47.82 15.68 -1.20
CA ASN A 1491 -47.46 14.73 -0.15
C ASN A 1491 -47.61 15.31 1.26
N ILE A 1492 -48.17 14.51 2.16
CA ILE A 1492 -48.36 14.93 3.55
C ILE A 1492 -47.89 13.84 4.51
N LEU A 1493 -46.91 14.16 5.35
CA LEU A 1493 -46.45 13.23 6.38
C LEU A 1493 -46.61 13.83 7.77
N GLU A 1494 -46.91 12.97 8.74
CA GLU A 1494 -47.10 13.41 10.11
C GLU A 1494 -46.35 12.50 11.08
N PHE A 1495 -45.63 13.10 12.02
CA PHE A 1495 -44.85 12.36 13.00
C PHE A 1495 -45.51 12.41 14.38
N TYR A 1496 -45.97 11.26 14.84
CA TYR A 1496 -46.71 11.17 16.09
C TYR A 1496 -45.93 10.45 17.19
N ASN A 1497 -46.14 10.88 18.42
CA ASN A 1497 -45.68 10.17 19.59
C ASN A 1497 -46.86 10.02 20.55
N ASP A 1498 -47.38 8.81 20.66
CA ASP A 1498 -48.67 8.55 21.32
C ASP A 1498 -49.76 9.41 20.67
N SER A 1499 -50.55 10.09 21.50
CA SER A 1499 -51.64 10.91 20.99
C SER A 1499 -51.17 12.32 20.68
N THR A 1500 -49.87 12.55 20.79
CA THR A 1500 -49.29 13.86 20.56
C THR A 1500 -48.67 13.97 19.18
N LEU A 1501 -48.99 15.05 18.47
CA LEU A 1501 -48.39 15.32 17.16
C LEU A 1501 -47.07 16.07 17.35
N GLU A 1502 -45.96 15.40 17.09
CA GLU A 1502 -44.65 15.98 17.35
C GLU A 1502 -43.97 16.52 16.10
N PHE A 1503 -44.67 16.48 14.96
CA PHE A 1503 -44.17 17.07 13.72
C PHE A 1503 -45.23 17.02 12.62
N ASN A 1504 -45.23 18.02 11.75
CA ASN A 1504 -46.19 18.08 10.66
C ASN A 1504 -45.54 18.61 9.37
N SER A 1505 -46.14 18.28 8.24
CA SER A 1505 -45.69 18.77 6.95
C SER A 1505 -46.83 18.72 5.93
N LYS A 1506 -47.54 19.82 5.79
CA LYS A 1506 -48.68 19.91 4.86
C LYS A 1506 -48.22 19.71 3.41
N ASP A 1507 -46.94 19.93 3.16
CA ASP A 1507 -46.37 19.72 1.84
C ASP A 1507 -44.95 19.20 1.97
N PHE A 1508 -44.69 18.04 1.38
CA PHE A 1508 -43.37 17.42 1.45
C PHE A 1508 -42.86 17.09 0.06
N ILE A 1509 -42.13 18.04 -0.54
CA ILE A 1509 -41.66 17.89 -1.91
C ILE A 1509 -40.51 16.91 -2.01
N ALA A 1510 -40.82 15.69 -2.43
CA ALA A 1510 -39.81 14.66 -2.61
C ALA A 1510 -40.36 13.49 -3.41
N GLU A 1511 -39.47 12.66 -3.93
CA GLU A 1511 -39.84 11.44 -4.64
C GLU A 1511 -39.07 10.26 -4.07
N ASP A 1512 -39.56 9.05 -4.37
CA ASP A 1512 -38.96 7.82 -3.85
C ASP A 1512 -38.91 7.87 -2.33
N ILE A 1513 -40.00 8.33 -1.72
CA ILE A 1513 -40.08 8.49 -0.28
C ILE A 1513 -40.17 7.14 0.44
N ASN A 1514 -39.34 6.96 1.46
CA ASN A 1514 -39.38 5.74 2.27
C ASN A 1514 -39.26 6.06 3.75
N VAL A 1515 -40.13 5.47 4.55
CA VAL A 1515 -40.11 5.67 6.00
C VAL A 1515 -39.69 4.39 6.72
N PHE A 1516 -38.75 4.53 7.65
CA PHE A 1516 -38.21 3.38 8.38
C PHE A 1516 -38.37 3.57 9.89
N MET A 1517 -38.71 2.48 10.58
CA MET A 1517 -38.94 2.53 12.01
C MET A 1517 -38.11 1.50 12.76
N LYS A 1518 -37.53 1.93 13.87
CA LYS A 1518 -36.73 1.06 14.73
C LYS A 1518 -36.61 1.70 16.11
N ASP A 1519 -37.45 1.25 17.04
CA ASP A 1519 -37.47 1.77 18.41
C ASP A 1519 -37.69 3.27 18.45
N ASP A 1520 -36.73 3.98 19.03
CA ASP A 1520 -36.81 5.43 19.15
C ASP A 1520 -36.44 6.13 17.84
N ILE A 1521 -35.70 5.42 16.99
CA ILE A 1521 -35.14 6.01 15.78
C ILE A 1521 -36.06 5.83 14.57
N ASN A 1522 -36.29 6.93 13.86
CA ASN A 1522 -37.03 6.89 12.60
C ASN A 1522 -36.19 7.48 11.47
N THR A 1523 -36.32 6.92 10.28
CA THR A 1523 -35.53 7.37 9.15
C THR A 1523 -36.37 7.58 7.91
N ILE A 1524 -36.22 8.74 7.28
CA ILE A 1524 -36.94 9.05 6.04
C ILE A 1524 -35.96 9.33 4.90
N THR A 1525 -36.03 8.51 3.85
CA THR A 1525 -35.17 8.68 2.68
C THR A 1525 -35.96 9.20 1.49
N GLY A 1526 -35.25 9.65 0.46
CA GLY A 1526 -35.89 10.15 -0.74
C GLY A 1526 -34.97 11.00 -1.60
N LYS A 1527 -35.46 11.40 -2.77
CA LYS A 1527 -34.70 12.24 -3.69
C LYS A 1527 -35.33 13.62 -3.80
N TYR A 1528 -34.52 14.65 -3.65
CA TYR A 1528 -35.02 16.03 -3.71
C TYR A 1528 -34.38 16.83 -4.84
N TYR A 1529 -35.19 17.67 -5.49
CA TYR A 1529 -34.72 18.52 -6.57
C TYR A 1529 -34.50 19.95 -6.08
N VAL A 1530 -33.26 20.43 -6.19
CA VAL A 1530 -32.93 21.78 -5.76
C VAL A 1530 -33.52 22.83 -6.69
N ASP A 1531 -34.28 23.77 -6.11
CA ASP A 1531 -34.93 24.84 -6.87
C ASP A 1531 -35.80 24.29 -7.99
N ASN A 1532 -36.39 23.12 -7.76
CA ASN A 1532 -37.22 22.42 -8.75
C ASN A 1532 -36.48 22.21 -10.06
N ASN A 1533 -35.21 21.85 -9.97
CA ASN A 1533 -34.39 21.59 -11.15
C ASN A 1533 -34.08 20.11 -11.28
N THR A 1534 -34.39 19.53 -12.43
CA THR A 1534 -34.27 18.09 -12.65
C THR A 1534 -32.83 17.60 -12.54
N ASP A 1535 -31.88 18.43 -12.95
CA ASP A 1535 -30.47 18.06 -12.90
C ASP A 1535 -29.95 18.10 -11.46
N LYS A 1536 -30.50 19.02 -10.67
CA LYS A 1536 -30.11 19.16 -9.28
C LYS A 1536 -30.73 18.07 -8.41
N SER A 1537 -30.07 16.91 -8.34
CA SER A 1537 -30.60 15.77 -7.61
C SER A 1537 -29.92 15.57 -6.27
N ILE A 1538 -30.72 15.55 -5.20
CA ILE A 1538 -30.20 15.31 -3.86
C ILE A 1538 -30.91 14.13 -3.19
N ASP A 1539 -30.14 13.14 -2.76
CA ASP A 1539 -30.69 12.04 -1.97
C ASP A 1539 -30.40 12.26 -0.49
N PHE A 1540 -31.42 12.15 0.34
CA PHE A 1540 -31.31 12.53 1.75
C PHE A 1540 -31.71 11.44 2.73
N SER A 1541 -31.03 11.39 3.87
CA SER A 1541 -31.45 10.54 4.99
C SER A 1541 -31.83 11.42 6.17
N ILE A 1542 -33.06 11.26 6.65
CA ILE A 1542 -33.63 12.22 7.60
C ILE A 1542 -34.29 11.55 8.80
N SER A 1543 -33.98 12.06 10.00
CA SER A 1543 -34.59 11.58 11.23
C SER A 1543 -35.43 12.68 11.88
N LEU A 1544 -36.72 12.42 12.06
CA LEU A 1544 -37.63 13.37 12.69
C LEU A 1544 -37.56 13.28 14.21
N VAL A 1545 -37.45 14.41 14.89
CA VAL A 1545 -37.29 14.40 16.34
C VAL A 1545 -38.25 15.36 17.05
N SER A 1546 -38.33 16.60 16.57
CA SER A 1546 -39.16 17.61 17.22
C SER A 1546 -40.05 18.34 16.23
N LYS A 1547 -40.95 19.18 16.75
CA LYS A 1547 -41.88 19.95 15.92
C LYS A 1547 -41.16 20.87 14.96
N ASN A 1548 -40.05 21.44 15.41
CA ASN A 1548 -39.30 22.39 14.60
C ASN A 1548 -38.02 21.81 14.00
N GLN A 1549 -37.18 21.21 14.85
CA GLN A 1549 -35.89 20.72 14.40
C GLN A 1549 -35.99 19.36 13.69
N VAL A 1550 -35.20 19.21 12.65
CA VAL A 1550 -35.18 17.98 11.86
C VAL A 1550 -33.74 17.49 11.68
N LYS A 1551 -33.49 16.23 12.05
CA LYS A 1551 -32.12 15.71 12.01
C LYS A 1551 -31.72 15.21 10.62
N VAL A 1552 -30.50 15.54 10.22
CA VAL A 1552 -29.96 15.08 8.94
C VAL A 1552 -28.92 13.99 9.17
N ASN A 1553 -29.17 12.82 8.59
CA ASN A 1553 -28.26 11.68 8.76
C ASN A 1553 -27.16 11.68 7.72
N GLY A 1554 -27.51 11.98 6.46
CA GLY A 1554 -26.54 11.99 5.38
C GLY A 1554 -27.14 12.49 4.08
N LEU A 1555 -26.29 12.98 3.19
CA LEU A 1555 -26.74 13.51 1.91
C LEU A 1555 -25.92 12.97 0.75
N TYR A 1556 -26.57 12.80 -0.40
CA TYR A 1556 -25.88 12.43 -1.63
C TYR A 1556 -26.11 13.51 -2.68
N LEU A 1557 -25.03 13.94 -3.33
CA LEU A 1557 -25.11 15.01 -4.32
C LEU A 1557 -24.56 14.56 -5.67
N ASN A 1558 -25.34 14.76 -6.73
CA ASN A 1558 -24.88 14.39 -8.07
C ASN A 1558 -23.89 15.41 -8.60
N GLU A 1559 -23.51 15.25 -9.87
CA GLU A 1559 -22.46 16.07 -10.48
C GLU A 1559 -22.74 17.56 -10.40
N SER A 1560 -24.00 17.93 -10.61
CA SER A 1560 -24.38 19.34 -10.63
C SER A 1560 -24.38 19.95 -9.24
N VAL A 1561 -24.98 19.23 -8.28
CA VAL A 1561 -25.09 19.74 -6.91
C VAL A 1561 -23.75 19.69 -6.19
N TYR A 1562 -22.96 18.63 -6.44
CA TYR A 1562 -21.65 18.52 -5.81
C TYR A 1562 -20.72 19.61 -6.32
N SER A 1563 -20.93 20.05 -7.55
CA SER A 1563 -20.19 21.17 -8.09
C SER A 1563 -20.60 22.46 -7.39
N SER A 1564 -21.87 22.53 -7.01
CA SER A 1564 -22.38 23.67 -6.24
C SER A 1564 -21.78 23.64 -4.84
N TYR A 1565 -21.58 22.43 -4.32
CA TYR A 1565 -20.99 22.25 -3.00
C TYR A 1565 -19.52 22.66 -3.01
N LEU A 1566 -18.77 22.15 -3.99
CA LEU A 1566 -17.35 22.47 -4.12
C LEU A 1566 -17.13 23.97 -4.29
N ASP A 1567 -17.97 24.61 -5.08
CA ASP A 1567 -17.92 26.05 -5.25
C ASP A 1567 -18.28 26.75 -3.95
N PHE A 1568 -19.22 26.16 -3.22
CA PHE A 1568 -19.61 26.69 -1.92
C PHE A 1568 -18.46 26.53 -0.93
N VAL A 1569 -17.79 25.39 -0.98
CA VAL A 1569 -16.66 25.12 -0.09
C VAL A 1569 -15.47 26.01 -0.43
N LYS A 1570 -15.31 26.31 -1.72
CA LYS A 1570 -14.22 27.16 -2.18
C LYS A 1570 -14.29 28.55 -1.54
N ASN A 1571 -15.50 29.06 -1.40
CA ASN A 1571 -15.71 30.36 -0.76
C ASN A 1571 -16.28 30.22 0.65
N SER A 1572 -16.25 29.00 1.17
CA SER A 1572 -16.84 28.71 2.48
C SER A 1572 -16.07 29.34 3.63
N ASP A 1573 -14.74 29.32 3.54
CA ASP A 1573 -13.87 29.81 4.60
C ASP A 1573 -14.21 31.24 4.97
N GLY A 1574 -14.70 31.40 6.20
CA GLY A 1574 -15.16 32.69 6.67
C GLY A 1574 -14.28 33.69 7.44
N HIS A 1575 -13.02 33.42 7.79
CA HIS A 1575 -12.25 32.21 7.48
C HIS A 1575 -12.65 31.01 8.32
N HIS A 1576 -13.19 31.26 9.51
CA HIS A 1576 -13.56 30.18 10.42
C HIS A 1576 -14.81 30.46 11.23
N ASN A 1577 -15.95 29.99 10.74
CA ASN A 1577 -17.18 30.01 11.50
C ASN A 1577 -17.75 28.60 11.58
N THR A 1578 -17.58 28.01 12.76
CA THR A 1578 -17.89 26.61 12.99
C THR A 1578 -18.75 26.56 14.25
N SER A 1579 -19.73 25.66 14.34
CA SER A 1579 -19.94 24.57 13.39
C SER A 1579 -21.13 24.78 12.45
N ASN A 1580 -21.48 26.03 12.16
CA ASN A 1580 -22.64 26.31 11.33
C ASN A 1580 -22.31 26.23 9.84
N PHE A 1581 -21.36 25.36 9.48
CA PHE A 1581 -20.96 25.22 8.09
C PHE A 1581 -21.97 24.42 7.26
N MET A 1582 -22.15 23.16 7.63
CA MET A 1582 -23.04 22.28 6.89
C MET A 1582 -24.48 22.78 6.99
N ASN A 1583 -24.80 23.43 8.10
CA ASN A 1583 -26.10 24.04 8.28
C ASN A 1583 -26.29 25.22 7.33
N LEU A 1584 -25.19 25.82 6.92
CA LEU A 1584 -25.23 26.96 6.01
C LEU A 1584 -25.37 26.52 4.56
N PHE A 1585 -24.85 25.33 4.24
CA PHE A 1585 -24.99 24.79 2.90
C PHE A 1585 -26.46 24.51 2.61
N LEU A 1586 -27.16 23.98 3.60
CA LEU A 1586 -28.59 23.73 3.48
C LEU A 1586 -29.37 25.03 3.33
N ASP A 1587 -28.81 26.12 3.84
CA ASP A 1587 -29.41 27.44 3.67
C ASP A 1587 -29.24 27.90 2.23
N ASN A 1588 -28.09 27.57 1.64
CA ASN A 1588 -27.81 27.92 0.25
C ASN A 1588 -28.68 27.10 -0.70
N ILE A 1589 -28.86 25.83 -0.36
CA ILE A 1589 -29.66 24.92 -1.16
C ILE A 1589 -31.14 25.18 -0.90
N SER A 1590 -31.42 25.92 0.18
CA SER A 1590 -32.77 26.16 0.67
C SER A 1590 -33.46 24.82 0.91
N PHE A 1591 -32.81 23.99 1.71
CA PHE A 1591 -33.23 22.62 1.97
C PHE A 1591 -34.58 22.57 2.69
N TRP A 1592 -34.95 23.69 3.29
CA TRP A 1592 -36.23 23.80 4.01
C TRP A 1592 -37.42 23.82 3.05
N LYS A 1593 -37.16 24.14 1.79
CA LYS A 1593 -38.24 24.37 0.84
C LYS A 1593 -38.97 23.09 0.43
N LEU A 1594 -38.39 21.93 0.73
CA LEU A 1594 -39.08 20.66 0.49
C LEU A 1594 -40.11 20.43 1.59
N PHE A 1595 -39.78 20.86 2.80
CA PHE A 1595 -40.76 20.90 3.88
C PHE A 1595 -41.74 22.05 3.64
N GLY A 1596 -42.83 22.06 4.40
CA GLY A 1596 -43.85 23.07 4.24
C GLY A 1596 -43.45 24.44 4.74
N PHE A 1597 -43.10 24.52 6.02
CA PHE A 1597 -42.83 25.80 6.66
C PHE A 1597 -41.37 26.23 6.54
N GLU A 1598 -41.13 27.51 6.80
CA GLU A 1598 -39.83 28.13 6.57
C GLU A 1598 -38.91 28.06 7.80
N ASN A 1599 -39.50 28.32 8.96
CA ASN A 1599 -38.74 28.31 10.22
C ASN A 1599 -38.33 26.90 10.64
N ILE A 1600 -37.17 26.47 10.19
CA ILE A 1600 -36.63 25.16 10.54
C ILE A 1600 -35.14 25.25 10.87
N ASN A 1601 -34.68 24.43 11.81
CA ASN A 1601 -33.25 24.30 12.09
C ASN A 1601 -32.82 22.85 12.08
N PHE A 1602 -31.95 22.49 11.14
CA PHE A 1602 -31.47 21.12 11.03
C PHE A 1602 -30.29 20.89 11.98
N VAL A 1603 -30.09 19.64 12.38
CA VAL A 1603 -28.94 19.29 13.21
C VAL A 1603 -28.06 18.27 12.51
N ILE A 1604 -26.76 18.53 12.50
CA ILE A 1604 -25.80 17.66 11.82
C ILE A 1604 -25.17 16.68 12.81
N ASP A 1605 -25.49 15.41 12.65
CA ASP A 1605 -25.02 14.36 13.55
C ASP A 1605 -23.51 14.21 13.52
N LYS A 1606 -22.95 13.58 14.55
CA LYS A 1606 -21.52 13.29 14.59
C LYS A 1606 -21.14 12.31 13.50
N TYR A 1607 -22.02 11.34 13.24
CA TYR A 1607 -21.79 10.34 12.22
C TYR A 1607 -22.41 10.73 10.88
N PHE A 1608 -22.63 12.03 10.69
CA PHE A 1608 -23.17 12.54 9.43
C PHE A 1608 -22.24 12.24 8.27
N THR A 1609 -22.80 11.71 7.18
CA THR A 1609 -22.01 11.29 6.04
C THR A 1609 -22.48 11.92 4.73
N LEU A 1610 -21.60 12.69 4.08
CA LEU A 1610 -21.92 13.31 2.80
C LEU A 1610 -21.11 12.67 1.67
N VAL A 1611 -21.68 12.63 0.47
CA VAL A 1611 -21.01 12.08 -0.69
C VAL A 1611 -21.42 12.80 -1.97
N GLY A 1612 -20.42 13.20 -2.75
CA GLY A 1612 -20.67 13.86 -4.02
C GLY A 1612 -20.12 13.04 -5.17
N LYS A 1613 -20.58 13.34 -6.39
CA LYS A 1613 -20.13 12.62 -7.56
C LYS A 1613 -19.45 13.53 -8.58
N THR A 1614 -18.15 13.41 -8.70
CA THR A 1614 -17.42 14.07 -9.78
C THR A 1614 -17.52 13.18 -11.01
N ASN A 1615 -17.12 13.70 -12.16
CA ASN A 1615 -17.22 12.94 -13.41
C ASN A 1615 -16.18 11.84 -13.52
N LEU A 1616 -15.37 11.68 -12.49
CA LEU A 1616 -14.32 10.68 -12.49
C LEU A 1616 -14.52 9.64 -11.37
N GLY A 1617 -15.31 10.02 -10.36
CA GLY A 1617 -15.58 9.13 -9.24
C GLY A 1617 -16.43 9.76 -8.15
N TYR A 1618 -16.14 9.41 -6.90
CA TYR A 1618 -16.90 9.92 -5.75
C TYR A 1618 -15.98 10.31 -4.61
N VAL A 1619 -16.46 11.20 -3.74
CA VAL A 1619 -15.75 11.56 -2.52
C VAL A 1619 -16.72 11.57 -1.34
N GLU A 1620 -16.39 10.79 -0.31
CA GLU A 1620 -17.27 10.67 0.86
C GLU A 1620 -16.70 11.41 2.06
N PHE A 1621 -17.35 12.50 2.45
CA PHE A 1621 -16.92 13.28 3.61
C PHE A 1621 -17.53 12.71 4.88
N ILE A 1622 -16.83 12.89 6.00
CA ILE A 1622 -17.34 12.48 7.30
C ILE A 1622 -17.13 13.60 8.31
N CYS A 1623 -18.05 13.73 9.27
CA CYS A 1623 -17.88 14.69 10.35
C CYS A 1623 -17.04 14.04 11.44
N ASP A 1624 -16.00 14.75 11.90
CA ASP A 1624 -15.04 14.17 12.82
C ASP A 1624 -15.60 14.00 14.23
N ASN A 1625 -14.72 13.74 15.19
CA ASN A 1625 -15.11 13.62 16.60
C ASN A 1625 -15.86 14.86 17.06
N ASN A 1626 -15.20 16.01 17.02
CA ASN A 1626 -15.88 17.29 17.12
C ASN A 1626 -16.49 17.60 15.76
N LYS A 1627 -17.44 18.52 15.70
CA LYS A 1627 -18.12 18.80 14.45
C LYS A 1627 -17.17 19.47 13.46
N ASN A 1628 -16.38 18.65 12.77
CA ASN A 1628 -15.45 19.10 11.76
C ASN A 1628 -15.50 18.20 10.53
N ILE A 1629 -15.72 18.81 9.37
CA ILE A 1629 -15.86 18.06 8.13
C ILE A 1629 -14.50 17.77 7.51
N ASP A 1630 -14.29 16.50 7.15
CA ASP A 1630 -13.05 16.09 6.51
C ASP A 1630 -13.31 14.91 5.58
N ILE A 1631 -12.41 14.68 4.63
CA ILE A 1631 -12.54 13.56 3.69
C ILE A 1631 -12.36 12.23 4.40
N TYR A 1632 -13.35 11.34 4.25
CA TYR A 1632 -13.25 9.99 4.80
C TYR A 1632 -12.65 9.04 3.78
N PHE A 1633 -13.32 8.93 2.64
CA PHE A 1633 -12.86 8.07 1.55
C PHE A 1633 -13.27 8.64 0.19
N GLY A 1634 -12.29 8.76 -0.70
CA GLY A 1634 -12.55 9.23 -2.04
C GLY A 1634 -11.88 8.33 -3.05
N GLU A 1635 -12.49 8.18 -4.22
CA GLU A 1635 -11.94 7.34 -5.28
C GLU A 1635 -12.46 7.74 -6.65
N TRP A 1636 -11.57 8.24 -7.50
CA TRP A 1636 -11.90 8.57 -8.88
C TRP A 1636 -10.91 7.93 -9.84
N LYS A 1637 -11.41 7.46 -10.98
CA LYS A 1637 -10.57 6.82 -11.98
C LYS A 1637 -10.57 7.61 -13.28
N THR A 1638 -9.40 7.73 -13.91
CA THR A 1638 -9.34 8.28 -15.26
C THR A 1638 -9.25 7.12 -16.25
N SER A 1639 -8.92 7.43 -17.50
CA SER A 1639 -8.85 6.42 -18.54
C SER A 1639 -7.77 5.38 -18.25
N SER A 1640 -6.68 5.81 -17.64
CA SER A 1640 -5.52 4.96 -17.44
C SER A 1640 -5.33 4.53 -15.98
N SER A 1641 -5.62 5.43 -15.05
CA SER A 1641 -5.31 5.19 -13.64
C SER A 1641 -6.44 5.59 -12.70
N LYS A 1642 -6.31 5.18 -11.43
CA LYS A 1642 -7.25 5.58 -10.40
C LYS A 1642 -6.53 6.25 -9.23
N SER A 1643 -7.20 7.22 -8.62
CA SER A 1643 -6.67 7.90 -7.44
C SER A 1643 -7.50 7.53 -6.22
N THR A 1644 -6.84 7.30 -5.09
CA THR A 1644 -7.55 6.93 -3.88
C THR A 1644 -7.07 7.74 -2.67
N ILE A 1645 -8.02 8.33 -1.97
CA ILE A 1645 -7.73 8.99 -0.70
C ILE A 1645 -8.62 8.40 0.38
N PHE A 1646 -8.00 8.01 1.49
CA PHE A 1646 -8.72 7.31 2.55
C PHE A 1646 -8.30 7.78 3.94
N SER A 1647 -9.25 7.82 4.86
CA SER A 1647 -9.00 8.31 6.22
C SER A 1647 -8.00 7.40 6.95
N GLY A 1648 -6.91 8.00 7.44
CA GLY A 1648 -5.91 7.26 8.18
C GLY A 1648 -4.48 7.52 7.76
N ASN A 1649 -4.21 7.35 6.46
CA ASN A 1649 -2.85 7.51 5.93
C ASN A 1649 -2.38 8.94 5.90
N GLY A 1650 -3.12 9.82 6.56
CA GLY A 1650 -2.93 11.25 6.42
C GLY A 1650 -3.93 11.74 5.39
N ARG A 1651 -3.64 12.89 4.78
CA ARG A 1651 -4.53 13.44 3.77
C ARG A 1651 -3.92 13.31 2.38
N ASN A 1652 -3.48 12.10 2.06
CA ASN A 1652 -2.75 11.87 0.82
C ASN A 1652 -3.59 11.18 -0.25
N VAL A 1653 -3.20 11.41 -1.51
CA VAL A 1653 -3.86 10.77 -2.64
C VAL A 1653 -2.91 9.78 -3.30
N VAL A 1654 -3.35 8.52 -3.42
CA VAL A 1654 -2.53 7.47 -4.01
C VAL A 1654 -2.93 7.19 -5.46
N VAL A 1655 -2.03 7.52 -6.39
CA VAL A 1655 -2.28 7.31 -7.80
C VAL A 1655 -1.72 5.97 -8.25
N GLU A 1656 -2.61 5.05 -8.60
CA GLU A 1656 -2.22 3.71 -9.04
C GLU A 1656 -2.75 3.41 -10.44
N PRO A 1657 -1.99 2.63 -11.22
CA PRO A 1657 -2.47 2.18 -12.53
C PRO A 1657 -3.60 1.18 -12.40
N ILE A 1658 -4.68 1.40 -13.15
CA ILE A 1658 -5.86 0.53 -13.09
C ILE A 1658 -5.50 -0.90 -13.47
N TYR A 1659 -5.81 -1.82 -12.56
CA TYR A 1659 -5.54 -3.24 -12.78
C TYR A 1659 -6.76 -3.94 -13.41
N ASN A 1660 -6.59 -4.41 -14.63
CA ASN A 1660 -7.64 -5.17 -15.31
C ASN A 1660 -7.56 -6.65 -14.95
N PRO A 1661 -8.69 -7.23 -14.50
CA PRO A 1661 -8.77 -8.61 -14.05
C PRO A 1661 -8.32 -9.61 -15.12
N ASP A 1662 -8.88 -9.49 -16.32
CA ASP A 1662 -8.49 -10.35 -17.44
C ASP A 1662 -7.04 -10.09 -17.82
N THR A 1663 -6.14 -10.94 -17.32
CA THR A 1663 -4.70 -10.76 -17.49
C THR A 1663 -4.24 -10.85 -18.95
N GLY A 1664 -4.82 -11.79 -19.68
CA GLY A 1664 -4.44 -12.05 -21.06
C GLY A 1664 -4.46 -10.83 -21.97
N GLU A 1665 -5.48 -9.99 -21.81
CA GLU A 1665 -5.58 -8.77 -22.57
C GLU A 1665 -4.43 -7.81 -22.25
N ASP A 1666 -4.11 -6.95 -23.21
CA ASP A 1666 -2.95 -6.05 -23.08
C ASP A 1666 -3.14 -5.06 -21.93
N ILE A 1667 -2.03 -4.73 -21.27
CA ILE A 1667 -2.04 -3.87 -20.09
C ILE A 1667 -1.66 -2.42 -20.46
N SER A 1668 -2.20 -1.46 -19.72
CA SER A 1668 -1.89 -0.04 -19.96
C SER A 1668 -0.48 0.30 -19.47
N THR A 1669 0.20 1.20 -20.19
CA THR A 1669 1.57 1.57 -19.86
C THR A 1669 1.71 3.06 -19.54
N SER A 1670 0.63 3.66 -19.03
CA SER A 1670 0.64 5.09 -18.75
C SER A 1670 -0.03 5.43 -17.43
N LEU A 1671 0.41 6.52 -16.82
CA LEU A 1671 -0.24 7.05 -15.63
C LEU A 1671 -0.65 8.49 -15.90
N ASP A 1672 -1.81 8.89 -15.38
CA ASP A 1672 -2.31 10.24 -15.59
C ASP A 1672 -2.61 10.97 -14.30
N PHE A 1673 -2.07 12.17 -14.16
CA PHE A 1673 -2.40 13.04 -13.04
C PHE A 1673 -2.58 14.48 -13.47
N SER A 1674 -3.58 15.14 -12.88
CA SER A 1674 -3.78 16.57 -13.03
C SER A 1674 -4.34 17.13 -11.73
N TYR A 1675 -4.27 18.45 -11.56
CA TYR A 1675 -4.76 19.07 -10.34
C TYR A 1675 -6.26 19.31 -10.40
N GLU A 1676 -6.85 19.07 -11.57
CA GLU A 1676 -8.27 19.34 -11.80
C GLU A 1676 -9.22 18.52 -10.92
N PRO A 1677 -8.93 17.21 -10.71
CA PRO A 1677 -9.83 16.50 -9.80
C PRO A 1677 -9.72 16.97 -8.35
N LEU A 1678 -8.72 17.79 -8.06
CA LEU A 1678 -8.48 18.25 -6.70
C LEU A 1678 -9.17 19.59 -6.42
N TYR A 1679 -10.03 20.01 -7.34
CA TYR A 1679 -10.76 21.27 -7.18
C TYR A 1679 -11.68 21.24 -5.97
N GLY A 1680 -11.73 22.35 -5.25
CA GLY A 1680 -12.58 22.47 -4.08
C GLY A 1680 -12.05 21.76 -2.86
N ILE A 1681 -11.62 20.51 -3.04
CA ILE A 1681 -11.11 19.71 -1.93
C ILE A 1681 -9.59 19.76 -1.85
N ASP A 1682 -8.99 20.77 -2.47
CA ASP A 1682 -7.54 20.94 -2.45
C ASP A 1682 -7.05 21.30 -1.05
N ARG A 1683 -7.96 21.75 -0.20
CA ARG A 1683 -7.63 22.11 1.17
C ARG A 1683 -7.52 20.87 2.05
N TYR A 1684 -8.17 19.79 1.63
CA TYR A 1684 -8.21 18.57 2.42
C TYR A 1684 -7.07 17.61 2.08
N ILE A 1685 -6.17 18.03 1.19
CA ILE A 1685 -5.15 17.11 0.69
C ILE A 1685 -3.72 17.56 1.01
N ASN A 1686 -2.95 16.68 1.62
CA ASN A 1686 -1.55 16.93 1.92
C ASN A 1686 -0.68 16.82 0.67
N LYS A 1687 -0.35 15.59 0.30
CA LYS A 1687 0.51 15.36 -0.86
C LYS A 1687 -0.07 14.27 -1.78
N VAL A 1688 0.50 14.16 -2.98
CA VAL A 1688 0.08 13.16 -3.93
C VAL A 1688 1.18 12.14 -4.20
N LEU A 1689 0.86 10.87 -4.00
CA LEU A 1689 1.83 9.80 -4.23
C LEU A 1689 1.48 9.00 -5.47
N ILE A 1690 2.25 9.21 -6.54
CA ILE A 1690 2.09 8.45 -7.77
C ILE A 1690 2.95 7.20 -7.72
N ALA A 1691 2.31 6.04 -7.74
CA ALA A 1691 3.01 4.77 -7.62
C ALA A 1691 2.80 3.90 -8.85
N PRO A 1692 3.81 3.87 -9.74
CA PRO A 1692 3.76 3.05 -10.96
C PRO A 1692 4.27 1.63 -10.73
N ASP A 1693 4.03 0.73 -11.69
CA ASP A 1693 4.50 -0.64 -11.58
C ASP A 1693 5.46 -1.01 -12.70
N LEU A 1694 5.57 -2.31 -12.95
CA LEU A 1694 6.44 -2.82 -14.00
C LEU A 1694 6.00 -2.33 -15.39
N TYR A 1695 4.70 -2.33 -15.61
CA TYR A 1695 4.12 -1.97 -16.90
C TYR A 1695 3.86 -0.48 -17.03
N THR A 1696 4.81 0.34 -16.60
CA THR A 1696 4.67 1.79 -16.67
C THR A 1696 5.94 2.46 -17.18
N SER A 1697 5.80 3.20 -18.27
CA SER A 1697 6.94 3.88 -18.87
C SER A 1697 6.61 5.35 -19.16
N LEU A 1698 5.35 5.71 -19.02
CA LEU A 1698 4.90 7.07 -19.29
C LEU A 1698 4.06 7.63 -18.13
N ILE A 1699 4.43 8.81 -17.65
CA ILE A 1699 3.70 9.47 -16.58
C ILE A 1699 3.25 10.86 -17.03
N ASN A 1700 2.02 10.97 -17.51
CA ASN A 1700 1.49 12.24 -17.97
C ASN A 1700 0.99 13.11 -16.82
N ILE A 1701 1.68 14.22 -16.58
CA ILE A 1701 1.29 15.14 -15.51
C ILE A 1701 0.85 16.48 -16.09
N ASN A 1702 -0.45 16.75 -16.05
CA ASN A 1702 -0.99 18.01 -16.52
C ASN A 1702 -0.96 19.06 -15.42
N THR A 1703 -0.13 20.09 -15.62
CA THR A 1703 0.17 21.05 -14.58
C THR A 1703 -0.37 22.45 -14.85
N ASN A 1704 -1.31 22.58 -15.78
CA ASN A 1704 -1.80 23.90 -16.15
C ASN A 1704 -3.22 24.19 -15.68
N TYR A 1705 -3.63 23.56 -14.58
CA TYR A 1705 -4.92 23.84 -13.97
C TYR A 1705 -4.74 24.86 -12.85
N TYR A 1706 -5.05 26.11 -13.15
CA TYR A 1706 -4.75 27.21 -12.25
C TYR A 1706 -5.96 27.66 -11.42
N SER A 1707 -6.82 26.72 -11.06
CA SER A 1707 -8.04 27.07 -10.32
C SER A 1707 -7.99 26.65 -8.85
N ASN A 1708 -6.82 26.23 -8.39
CA ASN A 1708 -6.65 25.88 -6.99
C ASN A 1708 -5.64 26.76 -6.29
N GLU A 1709 -5.86 27.00 -5.00
CA GLU A 1709 -4.97 27.84 -4.21
C GLU A 1709 -3.76 27.04 -3.74
N TYR A 1710 -3.98 25.77 -3.43
CA TYR A 1710 -2.90 24.91 -2.94
C TYR A 1710 -2.64 23.75 -3.88
N TYR A 1711 -1.36 23.50 -4.14
CA TYR A 1711 -0.94 22.39 -4.99
C TYR A 1711 -0.06 21.41 -4.24
N PRO A 1712 -0.54 20.16 -4.10
CA PRO A 1712 0.17 19.13 -3.34
C PRO A 1712 1.49 18.74 -3.98
N GLU A 1713 2.46 18.36 -3.15
CA GLU A 1713 3.73 17.86 -3.65
C GLU A 1713 3.50 16.52 -4.33
N ILE A 1714 3.96 16.40 -5.57
CA ILE A 1714 3.81 15.15 -6.30
C ILE A 1714 5.04 14.26 -6.11
N ILE A 1715 4.84 13.13 -5.44
CA ILE A 1715 5.94 12.20 -5.19
C ILE A 1715 5.82 10.97 -6.09
N VAL A 1716 6.81 10.81 -6.98
CA VAL A 1716 6.84 9.67 -7.87
C VAL A 1716 7.81 8.61 -7.36
N LEU A 1717 7.27 7.43 -7.03
CA LEU A 1717 8.09 6.32 -6.54
C LEU A 1717 8.94 5.75 -7.68
N ASN A 1718 10.04 5.08 -7.32
CA ASN A 1718 10.92 4.47 -8.30
C ASN A 1718 10.96 2.96 -8.16
N PRO A 1719 9.97 2.28 -8.73
CA PRO A 1719 9.92 0.81 -8.67
C PRO A 1719 10.82 0.18 -9.72
N ASN A 1720 10.92 -1.14 -9.70
CA ASN A 1720 11.66 -1.86 -10.74
C ASN A 1720 10.78 -2.10 -11.96
N THR A 1721 11.38 -2.00 -13.14
CA THR A 1721 10.64 -2.20 -14.37
C THR A 1721 11.52 -2.88 -15.42
N PHE A 1722 10.88 -3.60 -16.34
CA PHE A 1722 11.60 -4.26 -17.42
C PHE A 1722 11.84 -3.28 -18.57
N HIS A 1723 11.16 -2.14 -18.51
CA HIS A 1723 11.32 -1.10 -19.52
C HIS A 1723 12.75 -0.55 -19.51
N LYS A 1724 13.21 -0.12 -20.68
CA LYS A 1724 14.54 0.48 -20.79
C LYS A 1724 14.52 1.92 -20.31
N LYS A 1725 13.44 2.63 -20.64
CA LYS A 1725 13.28 4.03 -20.26
C LYS A 1725 11.87 4.30 -19.73
N VAL A 1726 11.78 5.19 -18.74
CA VAL A 1726 10.48 5.64 -18.24
C VAL A 1726 10.44 7.17 -18.30
N ASN A 1727 9.30 7.71 -18.73
CA ASN A 1727 9.21 9.14 -19.01
C ASN A 1727 8.11 9.86 -18.23
N ILE A 1728 8.40 11.08 -17.80
CA ILE A 1728 7.40 11.96 -17.19
C ILE A 1728 7.11 13.12 -18.12
N ASN A 1729 5.92 13.12 -18.71
CA ASN A 1729 5.56 14.14 -19.68
C ASN A 1729 4.83 15.33 -19.03
N LEU A 1730 5.53 16.46 -18.96
CA LEU A 1730 4.97 17.67 -18.37
C LEU A 1730 4.44 18.62 -19.43
N ASP A 1731 3.20 19.08 -19.26
CA ASP A 1731 2.56 19.97 -20.22
C ASP A 1731 2.92 21.43 -19.96
N SER A 1732 4.10 21.66 -19.40
CA SER A 1732 4.59 23.00 -19.16
C SER A 1732 5.99 23.17 -19.77
N SER A 1733 6.45 24.42 -19.85
CA SER A 1733 7.73 24.73 -20.50
C SER A 1733 8.93 24.26 -19.68
N SER A 1734 10.09 24.17 -20.32
CA SER A 1734 11.31 23.75 -19.65
C SER A 1734 11.72 24.78 -18.61
N PHE A 1735 11.63 26.05 -18.96
CA PHE A 1735 11.84 27.11 -17.99
C PHE A 1735 10.66 27.10 -17.01
N GLU A 1736 10.69 28.00 -16.03
CA GLU A 1736 9.80 27.97 -14.86
C GLU A 1736 10.16 26.81 -13.93
N TYR A 1737 11.18 26.04 -14.29
CA TYR A 1737 11.61 24.89 -13.50
C TYR A 1737 13.00 25.05 -12.92
N LYS A 1738 13.15 24.68 -11.65
CA LYS A 1738 14.47 24.59 -11.02
C LYS A 1738 14.59 23.21 -10.37
N TRP A 1739 15.83 22.75 -10.16
CA TRP A 1739 16.03 21.41 -9.62
C TRP A 1739 16.81 21.42 -8.32
N SER A 1740 16.69 20.34 -7.56
CA SER A 1740 17.40 20.22 -6.28
C SER A 1740 17.63 18.77 -5.92
N THR A 1741 18.35 18.56 -4.81
CA THR A 1741 18.63 17.21 -4.34
C THR A 1741 18.50 17.12 -2.82
N GLU A 1742 17.60 16.27 -2.36
CA GLU A 1742 17.49 15.94 -0.95
C GLU A 1742 17.72 14.46 -0.76
N GLY A 1743 18.96 14.08 -0.44
CA GLY A 1743 19.30 12.69 -0.27
C GLY A 1743 19.24 11.92 -1.58
N SER A 1744 18.59 10.76 -1.54
CA SER A 1744 18.55 9.88 -2.71
C SER A 1744 17.66 10.39 -3.83
N ASP A 1745 16.62 11.13 -3.49
CA ASP A 1745 15.63 11.53 -4.48
C ASP A 1745 15.92 12.86 -5.18
N PHE A 1746 15.39 12.98 -6.39
CA PHE A 1746 15.58 14.16 -7.23
C PHE A 1746 14.35 15.06 -7.17
N ILE A 1747 14.55 16.37 -7.23
CA ILE A 1747 13.45 17.32 -7.09
C ILE A 1747 13.36 18.32 -8.23
N LEU A 1748 12.18 18.45 -8.80
CA LEU A 1748 11.88 19.51 -9.77
C LEU A 1748 10.78 20.40 -9.25
N VAL A 1749 11.01 21.70 -9.24
CA VAL A 1749 10.02 22.64 -8.72
C VAL A 1749 9.68 23.70 -9.75
N ARG A 1750 8.37 23.86 -9.99
CA ARG A 1750 7.88 24.83 -10.98
C ARG A 1750 7.27 26.04 -10.30
N TYR A 1751 7.85 27.21 -10.57
CA TYR A 1751 7.28 28.46 -10.08
C TYR A 1751 6.68 29.24 -11.22
N LEU A 1752 5.44 29.70 -11.03
CA LEU A 1752 4.73 30.45 -12.06
C LEU A 1752 3.85 31.53 -11.45
N GLU A 1753 3.84 32.70 -12.08
CA GLU A 1753 3.00 33.80 -11.62
C GLU A 1753 1.91 34.12 -12.64
N GLU A 1754 0.68 33.72 -12.32
CA GLU A 1754 -0.47 34.06 -13.16
C GLU A 1754 -1.68 34.45 -12.31
N SER A 1755 -2.46 35.39 -12.83
CA SER A 1755 -3.63 35.93 -12.13
C SER A 1755 -3.26 36.47 -10.75
N ASN A 1756 -2.13 37.16 -10.67
CA ASN A 1756 -1.64 37.76 -9.43
C ASN A 1756 -1.44 36.72 -8.32
N LYS A 1757 -1.31 35.46 -8.72
CA LYS A 1757 -1.23 34.34 -7.77
C LYS A 1757 0.09 33.59 -7.89
N LYS A 1758 0.74 33.35 -6.76
CA LYS A 1758 1.96 32.57 -6.73
C LYS A 1758 1.67 31.08 -6.82
N ILE A 1759 2.35 30.41 -7.75
CA ILE A 1759 2.13 28.98 -7.95
C ILE A 1759 3.44 28.20 -7.81
N LEU A 1760 3.45 27.24 -6.90
CA LEU A 1760 4.63 26.41 -6.68
C LEU A 1760 4.28 24.93 -6.78
N GLN A 1761 4.75 24.29 -7.84
CA GLN A 1761 4.45 22.88 -8.08
C GLN A 1761 5.70 22.02 -7.91
N LYS A 1762 5.76 21.28 -6.80
CA LYS A 1762 6.92 20.46 -6.49
C LYS A 1762 6.71 19.02 -6.93
N ILE A 1763 7.74 18.44 -7.55
CA ILE A 1763 7.70 17.04 -7.96
C ILE A 1763 8.95 16.31 -7.49
N ARG A 1764 8.76 15.26 -6.69
CA ARG A 1764 9.87 14.53 -6.09
C ARG A 1764 9.92 13.08 -6.57
N ILE A 1765 10.95 12.73 -7.34
CA ILE A 1765 11.11 11.35 -7.80
C ILE A 1765 12.03 10.59 -6.86
N LYS A 1766 11.48 9.63 -6.12
CA LYS A 1766 12.17 8.98 -5.02
C LYS A 1766 13.38 8.13 -5.43
N GLY A 1767 14.47 8.30 -4.70
CA GLY A 1767 15.64 7.44 -4.78
C GLY A 1767 16.23 7.22 -6.16
N ILE A 1768 16.12 8.23 -7.02
CA ILE A 1768 16.66 8.12 -8.37
C ILE A 1768 18.18 8.10 -8.34
N LEU A 1769 18.76 8.91 -7.46
CA LEU A 1769 20.20 9.06 -7.36
C LEU A 1769 20.84 7.92 -6.57
N SER A 1770 20.07 6.90 -6.25
CA SER A 1770 20.57 5.74 -5.52
C SER A 1770 21.65 5.02 -6.30
N ASN A 1771 21.39 4.76 -7.58
CA ASN A 1771 22.36 4.12 -8.46
C ASN A 1771 22.19 4.53 -9.92
N THR A 1772 23.15 4.15 -10.76
CA THR A 1772 23.12 4.54 -12.17
C THR A 1772 21.94 3.93 -12.91
N GLN A 1773 21.57 2.72 -12.50
CA GLN A 1773 20.46 2.01 -13.12
C GLN A 1773 19.16 2.80 -13.01
N SER A 1774 18.85 3.26 -11.81
CA SER A 1774 17.62 4.00 -11.57
C SER A 1774 17.71 5.42 -12.11
N PHE A 1775 18.93 5.96 -12.17
CA PHE A 1775 19.14 7.33 -12.61
C PHE A 1775 18.93 7.48 -14.12
N ASN A 1776 19.12 6.40 -14.86
CA ASN A 1776 19.04 6.45 -16.31
C ASN A 1776 17.73 5.90 -16.87
N LYS A 1777 16.87 5.38 -15.98
CA LYS A 1777 15.53 4.99 -16.38
C LYS A 1777 14.76 6.23 -16.82
N MET A 1778 15.06 7.34 -16.17
CA MET A 1778 14.24 8.55 -16.27
C MET A 1778 14.58 9.45 -17.45
N SER A 1779 13.53 9.98 -18.05
CA SER A 1779 13.63 11.06 -19.02
C SER A 1779 12.45 11.99 -18.75
N ILE A 1780 12.59 13.27 -19.07
CA ILE A 1780 11.54 14.22 -18.77
C ILE A 1780 11.16 15.07 -19.97
N ASP A 1781 9.86 15.12 -20.27
CA ASP A 1781 9.34 15.88 -21.39
C ASP A 1781 8.72 17.19 -20.94
N PHE A 1782 9.07 18.26 -21.65
CA PHE A 1782 8.45 19.57 -21.44
C PHE A 1782 7.73 19.98 -22.73
N LYS A 1783 6.96 21.06 -22.66
CA LYS A 1783 6.18 21.51 -23.81
C LYS A 1783 7.08 22.04 -24.92
N ASP A 1784 8.29 22.45 -24.56
CA ASP A 1784 9.24 23.00 -25.53
C ASP A 1784 10.36 22.02 -25.89
N ILE A 1785 10.90 21.34 -24.89
CA ILE A 1785 11.99 20.38 -25.12
C ILE A 1785 11.60 19.00 -24.61
N LYS A 1786 11.84 17.98 -25.45
CA LYS A 1786 11.43 16.61 -25.12
C LYS A 1786 12.62 15.71 -24.82
N LYS A 1787 12.36 14.64 -24.06
CA LYS A 1787 13.34 13.60 -23.75
C LYS A 1787 14.66 14.15 -23.21
N LEU A 1788 14.68 14.45 -21.92
CA LEU A 1788 15.86 14.98 -21.27
C LEU A 1788 16.33 14.10 -20.13
N SER A 1789 17.61 13.73 -20.15
CA SER A 1789 18.19 12.97 -19.06
C SER A 1789 18.30 13.86 -17.83
N LEU A 1790 18.34 13.24 -16.65
CA LEU A 1790 18.43 14.00 -15.41
C LEU A 1790 19.79 14.65 -15.26
N GLY A 1791 20.81 14.03 -15.86
CA GLY A 1791 22.14 14.60 -15.86
C GLY A 1791 22.18 15.88 -16.66
N TYR A 1792 21.47 15.88 -17.78
CA TYR A 1792 21.35 17.07 -18.61
C TYR A 1792 20.60 18.18 -17.89
N ILE A 1793 19.57 17.78 -17.15
CA ILE A 1793 18.76 18.74 -16.40
C ILE A 1793 19.59 19.40 -15.30
N MET A 1794 20.41 18.61 -14.62
CA MET A 1794 21.31 19.16 -13.61
C MET A 1794 22.34 20.11 -14.21
N SER A 1795 22.55 20.01 -15.51
CA SER A 1795 23.58 20.79 -16.19
C SER A 1795 23.04 22.09 -16.79
N ASN A 1796 21.78 22.08 -17.23
CA ASN A 1796 21.23 23.22 -17.96
C ASN A 1796 20.08 23.94 -17.25
N PHE A 1797 19.81 23.56 -16.00
CA PHE A 1797 18.79 24.23 -15.21
C PHE A 1797 19.38 24.80 -13.93
N LYS A 1798 18.77 25.86 -13.41
CA LYS A 1798 19.23 26.46 -12.16
C LYS A 1798 18.88 25.56 -10.98
N SER A 1799 19.83 25.44 -10.04
CA SER A 1799 19.63 24.64 -8.85
C SER A 1799 19.21 25.50 -7.68
N PHE A 1800 18.76 24.86 -6.59
CA PHE A 1800 18.39 25.57 -5.38
C PHE A 1800 18.54 24.67 -4.16
N ASN A 1801 18.95 25.24 -3.04
CA ASN A 1801 19.08 24.49 -1.80
C ASN A 1801 17.71 24.26 -1.18
N SER A 1802 17.68 23.50 -0.08
CA SER A 1802 16.42 23.20 0.61
C SER A 1802 16.64 23.05 2.11
#